data_1DCU
#
_entry.id   1DCU
#
_cell.length_a   71.604
_cell.length_b   126.316
_cell.length_c   78.023
_cell.angle_alpha   90.00
_cell.angle_beta   97.73
_cell.angle_gamma   90.00
#
_symmetry.space_group_name_H-M   'P 1 21 1'
#
loop_
_entity.id
_entity.type
_entity.pdbx_description
1 polymer FRUCTOSE-1,6-BISPHOSPHATASE
2 water water
#
_entity_poly.entity_id   1
_entity_poly.type   'polypeptide(L)'
_entity_poly.pdbx_seq_one_letter_code
;MAVKEATSETKKRSGYEIITLTSWLLQQEQKGIIDAELTIVLSSISMACKQIASLVQRANISNLTGTQGAVNIQGEDQKK
LDVISNEVFSNCLRSSGRTGIIASEEEDVPVAVEESYSGNYIVVFDPLDGSSNLDAAVSTGSIFGIYSPNDECLPDFGDD
SDDNTLGTEEQRCIVNVCQPGSNLLAAGYCMYSSSVIFVLTIGKGVFVFTLDPLYGEFVLTQENLQIPKSGKIYSFNEGN
YKLWDENLKKYIDDLKEPGPSGKPYSARYIGSLVGDFHRTLLYGGIYGYPRDKKSKNGKLRLLYECAPMSFIVEQAGGKG
SDGHQRVLDIQPTEIHQRVPLYIGSTEEVEKVEKYLA
;
_entity_poly.pdbx_strand_id   A,B,C,D
#
# COMPACT_ATOMS: atom_id res chain seq x y z
N LYS A 12 -18.26 8.03 1.41
CA LYS A 12 -17.74 9.19 0.65
C LYS A 12 -18.54 10.41 1.12
N ARG A 13 -18.19 11.59 0.64
CA ARG A 13 -18.86 12.79 1.09
C ARG A 13 -19.17 13.60 -0.15
N SER A 14 -19.61 14.82 0.15
CA SER A 14 -19.91 15.82 -0.87
C SER A 14 -19.27 15.61 -2.22
N GLY A 15 -17.93 15.62 -2.31
CA GLY A 15 -17.22 15.41 -3.57
C GLY A 15 -15.97 16.29 -3.60
N TYR A 16 -15.02 16.04 -4.49
CA TYR A 16 -13.79 16.82 -4.64
C TYR A 16 -13.06 16.41 -5.92
N GLU A 17 -12.15 17.19 -6.44
CA GLU A 17 -11.41 16.83 -7.65
C GLU A 17 -9.94 16.43 -7.40
N ILE A 18 -9.54 15.24 -7.83
CA ILE A 18 -8.25 14.64 -7.72
C ILE A 18 -7.66 14.68 -9.15
N ILE A 19 -6.65 15.50 -9.31
CA ILE A 19 -5.98 15.64 -10.60
C ILE A 19 -4.65 14.87 -10.51
N THR A 20 -4.48 13.78 -11.26
CA THR A 20 -3.18 13.17 -11.22
C THR A 20 -2.20 13.97 -12.13
N LEU A 21 -0.90 13.72 -11.93
CA LEU A 21 0.17 14.42 -12.62
C LEU A 21 0.01 14.16 -14.12
N THR A 22 -0.35 12.92 -14.46
CA THR A 22 -0.55 12.59 -15.85
C THR A 22 -1.64 13.45 -16.45
N SER A 23 -2.79 13.45 -15.82
CA SER A 23 -3.85 14.30 -16.35
C SER A 23 -3.34 15.72 -16.37
N TRP A 24 -2.67 16.17 -15.31
CA TRP A 24 -2.27 17.56 -15.29
C TRP A 24 -1.32 17.92 -16.47
N LEU A 25 -0.46 17.00 -16.91
CA LEU A 25 0.49 17.23 -17.96
C LEU A 25 -0.22 17.23 -19.35
N LEU A 26 -1.20 16.34 -19.43
CA LEU A 26 -2.07 16.26 -20.60
C LEU A 26 -2.93 17.50 -20.72
N GLN A 27 -3.38 18.15 -19.65
CA GLN A 27 -4.02 19.45 -19.73
C GLN A 27 -3.06 20.54 -20.30
N GLN A 28 -1.80 20.52 -19.84
CA GLN A 28 -0.85 21.52 -20.18
C GLN A 28 -0.48 21.39 -21.69
N GLU A 29 -0.38 20.15 -22.14
CA GLU A 29 -0.17 19.89 -23.55
C GLU A 29 -1.34 20.38 -24.41
N GLN A 30 -2.58 20.13 -23.99
CA GLN A 30 -3.81 20.52 -24.62
C GLN A 30 -4.00 22.02 -24.77
N LYS A 31 -3.30 22.81 -23.96
CA LYS A 31 -3.36 24.25 -23.90
C LYS A 31 -2.18 24.77 -24.76
N GLY A 32 -1.35 23.84 -25.18
CA GLY A 32 -0.16 23.99 -25.93
C GLY A 32 0.98 24.72 -25.24
N ILE A 33 1.01 24.64 -23.92
CA ILE A 33 2.09 25.23 -23.14
C ILE A 33 3.33 24.38 -23.34
N ILE A 34 3.17 23.08 -23.50
CA ILE A 34 4.21 22.09 -23.63
C ILE A 34 3.75 21.08 -24.70
N ASP A 35 4.71 20.37 -25.19
CA ASP A 35 4.73 19.41 -26.24
C ASP A 35 4.38 18.03 -25.71
N ALA A 36 4.06 17.11 -26.63
CA ALA A 36 3.78 15.75 -26.19
C ALA A 36 5.08 15.07 -25.79
N GLU A 37 6.13 15.57 -26.39
CA GLU A 37 7.46 15.02 -26.15
C GLU A 37 7.83 15.36 -24.70
N LEU A 38 7.64 16.59 -24.31
CA LEU A 38 8.00 17.12 -23.01
C LEU A 38 7.14 16.41 -21.95
N THR A 39 5.86 16.22 -22.29
CA THR A 39 4.86 15.52 -21.54
C THR A 39 5.41 14.17 -21.10
N ILE A 40 5.88 13.37 -22.01
CA ILE A 40 6.54 12.08 -21.76
C ILE A 40 7.82 12.18 -20.95
N VAL A 41 8.62 13.22 -21.21
CA VAL A 41 9.82 13.43 -20.37
C VAL A 41 9.38 13.72 -18.93
N LEU A 42 8.43 14.60 -18.72
CA LEU A 42 8.14 14.99 -17.32
C LEU A 42 7.51 13.83 -16.59
N SER A 43 6.66 13.09 -17.29
CA SER A 43 6.07 11.86 -16.79
C SER A 43 7.09 10.77 -16.51
N SER A 44 8.06 10.46 -17.35
CA SER A 44 9.12 9.53 -17.03
C SER A 44 10.00 10.02 -15.87
N ILE A 45 10.25 11.29 -15.76
CA ILE A 45 11.01 11.82 -14.62
C ILE A 45 10.27 11.44 -13.32
N SER A 46 8.96 11.70 -13.27
CA SER A 46 8.14 11.41 -12.08
C SER A 46 8.07 9.93 -11.84
N MET A 47 8.09 9.05 -12.86
CA MET A 47 8.15 7.63 -12.51
C MET A 47 9.50 7.29 -11.85
N ALA A 48 10.60 7.89 -12.31
CA ALA A 48 11.95 7.65 -11.76
C ALA A 48 11.97 8.11 -10.31
N CYS A 49 11.35 9.24 -9.99
CA CYS A 49 11.25 9.67 -8.61
C CYS A 49 10.44 8.76 -7.71
N LYS A 50 9.39 8.12 -8.17
CA LYS A 50 8.54 7.21 -7.50
C LYS A 50 9.37 5.98 -7.15
N GLN A 51 10.24 5.58 -8.06
CA GLN A 51 11.08 4.44 -7.76
C GLN A 51 12.26 4.81 -6.85
N ILE A 52 12.75 6.01 -6.95
CA ILE A 52 13.83 6.48 -6.10
C ILE A 52 13.25 6.56 -4.70
N ALA A 53 12.01 7.09 -4.57
CA ALA A 53 11.31 7.18 -3.29
C ALA A 53 11.24 5.81 -2.59
N SER A 54 10.86 4.76 -3.25
CA SER A 54 10.86 3.41 -2.73
C SER A 54 12.24 2.91 -2.33
N LEU A 55 13.29 3.25 -3.07
CA LEU A 55 14.65 2.86 -2.72
C LEU A 55 15.10 3.59 -1.47
N VAL A 56 14.74 4.90 -1.31
CA VAL A 56 15.10 5.63 -0.11
C VAL A 56 14.44 5.06 1.11
N GLN A 57 13.15 4.75 1.05
CA GLN A 57 12.36 4.24 2.06
C GLN A 57 12.81 2.87 2.57
N ARG A 58 13.33 2.06 1.68
CA ARG A 58 13.71 0.72 2.12
C ARG A 58 15.20 0.55 2.33
N ALA A 59 15.97 1.59 2.13
CA ALA A 59 17.46 1.41 2.24
C ALA A 59 17.89 0.64 3.48
N ASN A 60 17.49 0.88 4.73
CA ASN A 60 17.96 -0.03 5.80
C ASN A 60 17.62 -1.50 5.55
N ILE A 61 16.55 -1.86 4.82
CA ILE A 61 16.22 -3.26 4.66
C ILE A 61 17.05 -3.87 3.54
N SER A 62 17.16 -3.11 2.45
CA SER A 62 17.87 -3.61 1.29
C SER A 62 19.37 -3.62 1.60
N ASN A 63 19.86 -2.89 2.60
CA ASN A 63 21.25 -3.00 3.01
C ASN A 63 21.49 -4.24 3.90
N LEU A 64 20.44 -4.98 4.24
CA LEU A 64 20.48 -6.26 4.90
C LEU A 64 20.59 -7.34 3.81
N THR A 65 21.12 -7.04 2.63
CA THR A 65 21.31 -7.88 1.48
C THR A 65 21.78 -6.97 0.33
N GLY A 66 20.96 -6.90 -0.70
CA GLY A 66 21.25 -6.01 -1.84
C GLY A 66 20.01 -6.03 -2.74
N THR A 67 19.27 -7.13 -2.64
CA THR A 67 18.07 -7.38 -3.41
C THR A 67 17.26 -8.56 -2.85
N GLU A 76 29.29 5.45 3.51
CA GLU A 76 28.26 6.17 2.80
C GLU A 76 27.41 5.22 1.96
N ASP A 77 26.24 4.89 2.47
CA ASP A 77 25.19 4.13 1.83
C ASP A 77 24.41 5.09 0.92
N GLN A 78 24.45 6.37 1.31
CA GLN A 78 23.86 7.46 0.51
C GLN A 78 24.64 7.58 -0.80
N LYS A 79 25.97 7.35 -0.83
CA LYS A 79 26.69 7.27 -2.10
C LYS A 79 26.17 6.15 -3.02
N LYS A 80 25.98 4.91 -2.60
CA LYS A 80 25.55 3.79 -3.44
C LYS A 80 24.12 3.92 -3.98
N LEU A 81 23.33 4.66 -3.23
CA LEU A 81 21.96 5.02 -3.52
C LEU A 81 21.95 6.02 -4.69
N ASP A 82 22.87 6.95 -4.68
CA ASP A 82 23.13 7.97 -5.69
C ASP A 82 23.27 7.27 -7.03
N VAL A 83 24.10 6.22 -7.09
CA VAL A 83 24.40 5.43 -8.26
C VAL A 83 23.26 4.59 -8.74
N ILE A 84 22.52 3.91 -7.86
CA ILE A 84 21.37 3.14 -8.37
C ILE A 84 20.26 4.06 -8.84
N SER A 85 20.17 5.24 -8.12
CA SER A 85 19.12 6.20 -8.61
C SER A 85 19.33 6.61 -10.04
N ASN A 86 20.57 6.89 -10.36
CA ASN A 86 20.97 7.29 -11.71
C ASN A 86 20.71 6.15 -12.70
N GLU A 87 20.84 4.91 -12.30
CA GLU A 87 20.42 3.86 -13.24
C GLU A 87 18.90 3.84 -13.47
N VAL A 88 18.18 4.08 -12.36
CA VAL A 88 16.70 4.11 -12.40
C VAL A 88 16.28 5.20 -13.36
N PHE A 89 16.82 6.37 -13.22
CA PHE A 89 16.60 7.52 -14.11
C PHE A 89 16.99 7.13 -15.51
N SER A 90 18.14 6.50 -15.80
CA SER A 90 18.41 6.14 -17.22
C SER A 90 17.37 5.21 -17.78
N ASN A 91 17.09 4.09 -17.05
CA ASN A 91 16.06 3.16 -17.46
C ASN A 91 14.72 3.84 -17.67
N CYS A 92 14.26 4.75 -16.78
CA CYS A 92 12.95 5.35 -17.01
C CYS A 92 12.97 6.35 -18.16
N LEU A 93 14.10 6.92 -18.61
CA LEU A 93 13.95 7.86 -19.73
C LEU A 93 14.39 7.27 -21.05
N ARG A 94 14.66 6.00 -21.09
CA ARG A 94 15.19 5.25 -22.21
C ARG A 94 14.34 5.42 -23.47
N SER A 95 13.02 5.59 -23.36
CA SER A 95 12.24 5.82 -24.55
C SER A 95 12.45 7.23 -25.04
N SER A 96 13.01 8.12 -24.27
CA SER A 96 13.20 9.50 -24.66
C SER A 96 14.61 9.87 -25.15
N GLY A 97 15.63 9.17 -24.66
CA GLY A 97 16.96 9.67 -25.00
C GLY A 97 17.98 8.75 -24.37
N ARG A 98 19.24 9.17 -24.40
CA ARG A 98 20.32 8.36 -23.87
C ARG A 98 20.89 9.10 -22.68
N THR A 99 21.33 8.31 -21.70
CA THR A 99 21.74 9.06 -20.50
C THR A 99 23.21 8.85 -20.23
N GLY A 100 23.91 9.93 -19.95
CA GLY A 100 25.30 9.69 -19.55
C GLY A 100 25.43 10.15 -18.09
N ILE A 101 26.54 9.84 -17.46
CA ILE A 101 26.84 10.31 -16.12
C ILE A 101 28.07 11.19 -16.04
N ILE A 102 27.97 12.32 -15.37
CA ILE A 102 29.06 13.20 -14.94
C ILE A 102 29.50 12.74 -13.56
N ALA A 103 30.63 12.02 -13.51
CA ALA A 103 31.28 11.48 -12.35
C ALA A 103 31.51 12.54 -11.28
N SER A 104 31.20 12.06 -10.07
CA SER A 104 31.28 12.94 -8.91
C SER A 104 32.73 13.38 -8.74
N GLU A 105 32.83 14.68 -8.46
CA GLU A 105 34.20 15.14 -8.21
C GLU A 105 34.66 14.61 -6.86
N GLU A 106 34.55 15.43 -5.82
CA GLU A 106 34.98 15.09 -4.48
C GLU A 106 33.86 14.31 -3.82
N GLU A 107 33.20 14.76 -2.76
CA GLU A 107 32.08 14.01 -2.18
C GLU A 107 30.76 14.44 -2.80
N ASP A 108 30.79 14.90 -4.07
CA ASP A 108 29.61 15.34 -4.77
C ASP A 108 28.83 14.10 -5.27
N VAL A 109 27.62 14.36 -5.66
CA VAL A 109 26.72 13.33 -6.17
C VAL A 109 26.96 13.25 -7.67
N PRO A 110 27.03 12.10 -8.24
CA PRO A 110 27.17 11.97 -9.69
C PRO A 110 25.85 12.42 -10.32
N VAL A 111 25.94 13.07 -11.47
CA VAL A 111 24.84 13.76 -12.07
C VAL A 111 24.50 13.01 -13.32
N ALA A 112 23.22 12.76 -13.58
CA ALA A 112 22.86 12.10 -14.82
C ALA A 112 22.42 13.16 -15.82
N VAL A 113 22.83 12.96 -17.07
CA VAL A 113 22.48 13.88 -18.15
C VAL A 113 21.83 13.08 -19.22
N GLU A 114 20.60 13.42 -19.53
CA GLU A 114 19.90 12.68 -20.58
C GLU A 114 19.72 13.65 -21.72
N GLU A 115 19.86 13.11 -22.92
CA GLU A 115 19.62 13.97 -24.10
C GLU A 115 18.55 13.34 -24.97
N SER A 116 17.52 14.06 -25.39
CA SER A 116 16.50 13.42 -26.25
C SER A 116 17.04 12.91 -27.57
N TYR A 117 16.62 11.75 -28.05
CA TYR A 117 16.99 11.25 -29.37
C TYR A 117 16.67 12.32 -30.44
N SER A 118 15.59 13.06 -30.27
CA SER A 118 15.22 14.13 -31.16
C SER A 118 16.19 15.30 -31.05
N GLY A 119 16.96 15.41 -29.96
CA GLY A 119 17.78 16.61 -29.81
C GLY A 119 16.92 17.79 -29.37
N ASN A 120 15.63 17.64 -29.03
CA ASN A 120 14.93 18.85 -28.59
C ASN A 120 15.18 19.17 -27.12
N TYR A 121 15.56 18.18 -26.33
CA TYR A 121 15.70 18.47 -24.89
C TYR A 121 16.86 17.76 -24.24
N ILE A 122 17.38 18.38 -23.21
CA ILE A 122 18.38 17.81 -22.34
C ILE A 122 17.83 17.94 -20.89
N VAL A 123 17.89 16.90 -20.12
CA VAL A 123 17.56 16.92 -18.67
C VAL A 123 18.81 16.74 -17.82
N VAL A 124 19.03 17.57 -16.81
CA VAL A 124 20.21 17.46 -15.95
C VAL A 124 19.66 16.96 -14.63
N PHE A 125 20.02 15.75 -14.26
CA PHE A 125 19.31 15.17 -13.09
C PHE A 125 20.28 14.85 -11.97
N ASP A 126 20.07 15.47 -10.85
CA ASP A 126 20.79 15.21 -9.59
C ASP A 126 19.91 14.22 -8.81
N PRO A 127 20.32 12.96 -8.72
CA PRO A 127 19.56 11.89 -8.19
C PRO A 127 19.19 12.13 -6.74
N LEU A 128 20.25 12.55 -5.99
CA LEU A 128 20.01 12.77 -4.57
C LEU A 128 20.73 14.08 -4.22
N ASP A 129 20.21 14.74 -3.18
CA ASP A 129 20.74 16.03 -2.80
C ASP A 129 22.02 15.98 -1.95
N GLY A 130 22.60 14.83 -1.61
CA GLY A 130 23.91 14.82 -0.95
C GLY A 130 24.43 13.39 -0.93
N SER A 131 25.62 13.12 -0.45
CA SER A 131 26.12 11.72 -0.44
C SER A 131 26.42 11.39 1.02
N SER A 132 26.01 12.36 1.83
CA SER A 132 26.19 12.24 3.24
C SER A 132 24.99 11.58 3.94
N ASN A 133 25.24 10.65 4.86
CA ASN A 133 24.21 9.95 5.59
C ASN A 133 23.58 10.82 6.68
N LEU A 134 24.46 11.64 7.26
CA LEU A 134 24.02 12.53 8.33
C LEU A 134 22.95 13.43 7.74
N ASP A 135 23.22 14.00 6.56
CA ASP A 135 22.36 14.98 5.99
C ASP A 135 21.09 14.41 5.31
N ALA A 136 21.05 13.10 5.19
CA ALA A 136 19.90 12.46 4.58
C ALA A 136 19.14 11.62 5.60
N ALA A 137 19.44 11.90 6.84
CA ALA A 137 18.82 11.19 7.95
C ALA A 137 17.32 11.27 7.87
N VAL A 138 16.77 12.49 7.59
CA VAL A 138 15.33 12.54 7.57
C VAL A 138 14.74 12.90 6.21
N SER A 139 15.49 13.51 5.32
CA SER A 139 14.99 13.88 4.03
C SER A 139 16.07 14.03 3.00
N THR A 140 15.66 13.79 1.76
CA THR A 140 16.63 13.95 0.67
C THR A 140 15.74 14.21 -0.55
N GLY A 141 16.27 14.28 -1.75
CA GLY A 141 15.43 14.59 -2.91
C GLY A 141 16.21 14.71 -4.22
N SER A 142 15.50 14.60 -5.32
CA SER A 142 16.05 14.63 -6.67
C SER A 142 15.81 16.03 -7.24
N ILE A 143 16.78 16.57 -7.93
CA ILE A 143 16.70 17.86 -8.62
C ILE A 143 16.94 17.75 -10.12
N PHE A 144 16.12 18.47 -10.90
CA PHE A 144 16.24 18.33 -12.30
C PHE A 144 15.94 19.66 -12.98
N GLY A 145 16.54 19.76 -14.14
CA GLY A 145 16.50 20.90 -15.08
C GLY A 145 16.31 20.37 -16.49
N ILE A 146 15.37 20.94 -17.24
CA ILE A 146 15.18 20.56 -18.66
C ILE A 146 15.56 21.75 -19.54
N TYR A 147 16.48 21.53 -20.45
CA TYR A 147 17.03 22.56 -21.36
C TYR A 147 16.72 22.21 -22.81
N SER A 148 16.54 23.23 -23.58
CA SER A 148 16.40 23.30 -25.04
C SER A 148 17.74 23.77 -25.68
N PRO A 149 18.58 22.77 -25.97
CA PRO A 149 19.95 22.95 -26.39
C PRO A 149 20.06 23.45 -27.82
N ASN A 150 21.23 24.01 -28.10
CA ASN A 150 21.53 24.45 -29.47
C ASN A 150 22.38 23.44 -30.22
N ASP A 151 22.97 22.44 -29.54
CA ASP A 151 23.79 21.44 -30.22
C ASP A 151 23.56 20.05 -29.62
N GLU A 152 24.41 19.12 -29.98
CA GLU A 152 24.25 17.75 -29.41
C GLU A 152 25.48 17.51 -28.57
N CYS A 153 25.52 16.66 -27.56
CA CYS A 153 26.75 16.44 -26.81
C CYS A 153 26.95 14.95 -26.57
N LEU A 154 26.36 14.14 -27.41
CA LEU A 154 26.46 12.69 -27.40
C LEU A 154 25.76 12.04 -28.57
N PRO A 155 24.89 12.75 -29.26
CA PRO A 155 24.12 12.23 -30.40
C PRO A 155 24.84 12.30 -31.74
N ASN A 164 29.05 4.59 -18.71
CA ASN A 164 28.50 5.68 -19.53
C ASN A 164 28.99 7.03 -19.02
N THR A 165 30.24 7.04 -18.57
CA THR A 165 30.78 8.29 -18.02
C THR A 165 30.93 9.30 -19.12
N LEU A 166 30.52 10.53 -18.88
CA LEU A 166 30.68 11.59 -19.86
C LEU A 166 32.16 12.02 -19.68
N GLY A 167 32.90 12.17 -20.76
CA GLY A 167 34.29 12.62 -20.62
C GLY A 167 34.31 14.15 -20.72
N THR A 168 35.56 14.65 -20.67
CA THR A 168 35.83 16.09 -20.67
C THR A 168 35.17 16.83 -21.80
N GLU A 169 35.13 16.29 -23.01
CA GLU A 169 34.57 16.91 -24.16
C GLU A 169 33.03 17.05 -24.01
N GLU A 170 32.41 15.92 -23.62
CA GLU A 170 30.98 15.94 -23.40
C GLU A 170 30.62 16.89 -22.23
N GLN A 171 31.54 16.96 -21.25
CA GLN A 171 31.24 17.84 -20.13
C GLN A 171 31.36 19.29 -20.49
N ARG A 172 32.24 19.58 -21.45
CA ARG A 172 32.42 20.94 -21.91
C ARG A 172 31.29 21.27 -22.87
N CYS A 173 30.82 20.23 -23.57
CA CYS A 173 29.68 20.58 -24.48
C CYS A 173 28.45 20.95 -23.60
N ILE A 174 28.06 20.04 -22.67
CA ILE A 174 26.89 20.26 -21.82
C ILE A 174 26.87 21.67 -21.25
N VAL A 175 27.98 22.23 -20.77
CA VAL A 175 28.09 23.56 -20.23
C VAL A 175 27.86 24.71 -21.22
N ASN A 176 28.10 24.50 -22.50
CA ASN A 176 27.87 25.62 -23.41
C ASN A 176 26.43 25.58 -23.89
N VAL A 177 25.90 24.35 -23.88
CA VAL A 177 24.53 24.20 -24.41
C VAL A 177 23.49 24.50 -23.34
N CYS A 178 23.72 24.12 -22.07
CA CYS A 178 22.72 24.36 -21.02
C CYS A 178 22.92 25.72 -20.39
N GLN A 179 22.09 26.68 -20.75
CA GLN A 179 22.24 28.06 -20.23
C GLN A 179 21.06 28.48 -19.36
N PRO A 180 21.20 28.45 -18.04
CA PRO A 180 20.11 28.68 -17.09
C PRO A 180 19.32 29.94 -17.31
N GLY A 181 20.03 31.02 -17.64
CA GLY A 181 19.46 32.28 -18.03
C GLY A 181 18.72 32.19 -19.36
N SER A 182 18.87 31.25 -20.26
CA SER A 182 18.13 31.36 -21.51
C SER A 182 17.37 30.17 -22.06
N ASN A 183 17.92 28.94 -21.88
CA ASN A 183 17.11 27.86 -22.50
C ASN A 183 16.60 26.83 -21.51
N LEU A 184 16.55 27.15 -20.25
CA LEU A 184 15.96 26.38 -19.15
C LEU A 184 14.44 26.42 -19.26
N LEU A 185 13.76 25.41 -19.78
CA LEU A 185 12.33 25.45 -19.99
C LEU A 185 11.58 24.97 -18.73
N ALA A 186 12.12 24.06 -17.94
CA ALA A 186 11.41 23.47 -16.82
C ALA A 186 12.38 22.99 -15.75
N ALA A 187 11.90 23.06 -14.49
CA ALA A 187 12.76 22.75 -13.37
C ALA A 187 11.85 22.17 -12.28
N GLY A 188 12.37 21.24 -11.51
CA GLY A 188 11.62 20.65 -10.46
C GLY A 188 12.48 19.97 -9.42
N TYR A 189 11.82 19.33 -8.47
CA TYR A 189 12.52 18.53 -7.47
C TYR A 189 11.49 17.56 -6.93
N CYS A 190 11.99 16.48 -6.37
CA CYS A 190 11.03 15.55 -5.74
C CYS A 190 11.68 15.39 -4.38
N MET A 191 10.92 15.71 -3.33
CA MET A 191 11.47 15.50 -1.99
C MET A 191 11.01 14.22 -1.34
N TYR A 192 11.92 13.48 -0.78
CA TYR A 192 11.59 12.21 -0.14
C TYR A 192 11.72 12.44 1.35
N SER A 193 10.61 12.65 2.04
CA SER A 193 10.58 12.95 3.47
C SER A 193 9.31 12.34 4.06
N SER A 194 8.69 12.88 5.10
CA SER A 194 7.47 12.22 5.63
C SER A 194 6.37 12.12 4.59
N SER A 195 6.37 12.95 3.55
CA SER A 195 5.68 12.75 2.37
C SER A 195 6.64 12.88 1.18
N VAL A 196 6.19 12.32 0.08
CA VAL A 196 6.91 12.36 -1.19
C VAL A 196 6.21 13.45 -2.01
N ILE A 197 6.89 14.55 -2.29
CA ILE A 197 6.39 15.76 -2.95
C ILE A 197 7.24 16.07 -4.21
N PHE A 198 6.51 16.20 -5.29
CA PHE A 198 7.05 16.54 -6.61
C PHE A 198 6.69 17.98 -6.96
N VAL A 199 7.64 18.87 -7.03
CA VAL A 199 7.48 20.29 -7.21
C VAL A 199 7.98 20.63 -8.61
N LEU A 200 7.05 21.17 -9.42
CA LEU A 200 7.34 21.38 -10.83
C LEU A 200 6.93 22.78 -11.28
N THR A 201 7.83 23.33 -12.12
CA THR A 201 7.51 24.57 -12.84
C THR A 201 7.84 24.36 -14.31
N ILE A 202 6.95 24.64 -15.23
CA ILE A 202 7.18 24.64 -16.66
C ILE A 202 7.13 26.06 -17.21
N GLY A 203 7.56 27.05 -16.43
CA GLY A 203 7.57 28.42 -16.88
C GLY A 203 6.39 29.30 -16.55
N LYS A 204 5.41 28.85 -15.80
CA LYS A 204 4.17 29.58 -15.56
C LYS A 204 3.66 29.31 -14.15
N GLY A 205 4.44 29.50 -13.10
CA GLY A 205 3.92 29.17 -11.79
C GLY A 205 4.47 27.82 -11.29
N VAL A 206 4.56 27.62 -10.00
CA VAL A 206 5.02 26.42 -9.34
C VAL A 206 3.82 25.58 -8.91
N PHE A 207 3.80 24.31 -9.22
CA PHE A 207 2.80 23.33 -8.90
C PHE A 207 3.34 22.19 -8.04
N VAL A 208 2.58 21.75 -7.06
CA VAL A 208 2.89 20.80 -6.02
C VAL A 208 1.98 19.58 -6.04
N PHE A 209 2.64 18.46 -6.32
CA PHE A 209 2.01 17.14 -6.40
C PHE A 209 2.48 16.26 -5.23
N THR A 210 1.57 15.54 -4.60
CA THR A 210 1.82 14.67 -3.48
C THR A 210 1.61 13.26 -3.98
N LEU A 211 2.61 12.45 -3.64
CA LEU A 211 2.56 11.07 -4.05
C LEU A 211 1.48 10.42 -3.11
N ASP A 212 0.54 9.67 -3.71
CA ASP A 212 -0.49 8.98 -2.93
C ASP A 212 0.06 7.59 -2.77
N PRO A 213 0.59 7.23 -1.60
CA PRO A 213 1.15 5.89 -1.43
C PRO A 213 0.13 4.77 -1.62
N LEU A 214 -1.19 5.08 -1.42
CA LEU A 214 -2.15 3.99 -1.72
C LEU A 214 -2.24 3.61 -3.14
N TYR A 215 -2.25 4.64 -4.00
CA TYR A 215 -2.53 4.49 -5.41
C TYR A 215 -1.35 4.70 -6.31
N GLY A 216 -0.18 5.10 -5.80
CA GLY A 216 0.98 5.05 -6.70
C GLY A 216 0.99 6.19 -7.71
N GLU A 217 0.32 7.28 -7.48
CA GLU A 217 0.31 8.41 -8.34
C GLU A 217 0.58 9.70 -7.58
N PHE A 218 1.09 10.71 -8.25
CA PHE A 218 1.21 12.02 -7.67
C PHE A 218 -0.10 12.71 -7.86
N VAL A 219 -0.58 13.44 -6.91
CA VAL A 219 -1.86 14.14 -7.01
C VAL A 219 -1.64 15.61 -6.78
N LEU A 220 -2.21 16.43 -7.62
CA LEU A 220 -2.00 17.89 -7.51
C LEU A 220 -2.59 18.31 -6.19
N THR A 221 -1.87 19.04 -5.34
CA THR A 221 -2.40 19.35 -4.04
C THR A 221 -2.13 20.83 -3.85
N GLN A 222 -1.34 21.41 -4.78
CA GLN A 222 -1.23 22.90 -4.63
C GLN A 222 -0.90 23.53 -5.99
N GLU A 223 -1.55 24.66 -6.34
CA GLU A 223 -1.37 25.29 -7.63
C GLU A 223 -0.83 26.69 -7.48
N ASN A 224 0.04 27.09 -8.45
CA ASN A 224 0.46 28.47 -8.30
C ASN A 224 0.94 28.76 -6.89
N LEU A 225 1.85 27.93 -6.34
CA LEU A 225 2.46 28.30 -5.05
C LEU A 225 3.20 29.60 -5.09
N GLN A 226 3.15 30.41 -4.07
CA GLN A 226 3.78 31.68 -3.86
C GLN A 226 4.53 31.65 -2.52
N ILE A 227 5.81 32.04 -2.55
CA ILE A 227 6.58 32.03 -1.34
C ILE A 227 6.33 33.39 -0.72
N PRO A 228 6.09 33.44 0.57
CA PRO A 228 5.96 34.70 1.31
C PRO A 228 7.08 35.64 0.95
N LYS A 229 6.76 36.93 0.92
CA LYS A 229 7.69 38.01 0.61
C LYS A 229 8.70 38.22 1.71
N SER A 230 8.42 37.79 2.92
CA SER A 230 9.28 37.85 4.08
C SER A 230 9.07 36.58 4.91
N GLY A 231 9.90 36.38 5.89
CA GLY A 231 9.71 35.20 6.75
C GLY A 231 10.89 35.21 7.67
N LYS A 232 10.59 35.07 8.92
CA LYS A 232 11.53 35.11 10.03
C LYS A 232 12.09 33.76 10.35
N ILE A 233 12.70 33.11 9.36
CA ILE A 233 13.34 31.83 9.39
C ILE A 233 14.61 31.83 8.55
N TYR A 234 15.72 31.54 9.19
CA TYR A 234 16.95 31.48 8.42
C TYR A 234 17.46 30.03 8.54
N SER A 235 18.19 29.60 7.55
CA SER A 235 18.68 28.25 7.42
C SER A 235 20.09 28.33 6.87
N PHE A 236 21.09 28.13 7.74
CA PHE A 236 22.48 28.15 7.40
C PHE A 236 23.09 27.18 8.41
N ASN A 237 24.26 26.67 8.12
CA ASN A 237 25.05 25.85 9.01
C ASN A 237 25.92 26.84 9.81
N GLU A 238 25.50 27.25 10.97
CA GLU A 238 26.15 28.23 11.84
C GLU A 238 27.41 27.63 12.45
N GLY A 239 27.59 26.30 12.29
CA GLY A 239 28.84 25.72 12.79
C GLY A 239 30.08 26.34 12.09
N ASN A 240 30.00 26.88 10.90
CA ASN A 240 30.93 27.51 10.07
C ASN A 240 30.97 29.04 10.33
N TYR A 241 30.31 29.58 11.36
CA TYR A 241 30.28 31.02 11.55
C TYR A 241 31.67 31.67 11.62
N LYS A 242 32.66 31.04 12.21
CA LYS A 242 34.00 31.56 12.32
C LYS A 242 34.78 31.36 11.05
N LEU A 243 34.18 30.81 10.00
CA LEU A 243 34.87 30.64 8.74
C LEU A 243 34.24 31.60 7.75
N TRP A 244 33.32 32.44 8.25
CA TRP A 244 32.63 33.33 7.29
C TRP A 244 33.30 34.74 7.28
N ASP A 245 32.90 35.55 6.30
CA ASP A 245 33.39 36.92 6.26
C ASP A 245 32.69 37.73 7.32
N GLU A 246 33.30 38.84 7.78
CA GLU A 246 32.65 39.68 8.77
C GLU A 246 31.34 40.25 8.31
N ASN A 247 31.14 40.57 7.02
CA ASN A 247 29.82 41.13 6.65
C ASN A 247 28.70 40.07 6.85
N LEU A 248 29.03 38.79 6.63
CA LEU A 248 28.05 37.72 6.76
C LEU A 248 27.76 37.53 8.24
N LYS A 249 28.82 37.48 9.03
CA LYS A 249 28.66 37.36 10.47
C LYS A 249 27.78 38.45 11.09
N LYS A 250 27.89 39.68 10.57
CA LYS A 250 27.05 40.74 11.14
C LYS A 250 25.60 40.45 10.84
N TYR A 251 25.29 40.02 9.63
CA TYR A 251 23.92 39.70 9.22
C TYR A 251 23.37 38.57 10.10
N ILE A 252 24.15 37.52 10.32
CA ILE A 252 23.61 36.42 11.18
C ILE A 252 23.34 36.95 12.58
N ASP A 253 24.30 37.68 13.14
CA ASP A 253 24.16 38.29 14.48
C ASP A 253 22.91 39.15 14.62
N ASP A 254 22.57 39.96 13.59
CA ASP A 254 21.37 40.79 13.74
C ASP A 254 20.09 40.03 13.72
N LEU A 255 20.06 38.89 13.00
CA LEU A 255 18.84 38.09 12.92
C LEU A 255 18.31 37.61 14.29
N LYS A 256 19.24 37.41 15.18
CA LYS A 256 19.10 36.99 16.54
C LYS A 256 18.57 38.11 17.43
N GLU A 257 18.69 39.40 17.07
CA GLU A 257 18.16 40.44 17.91
C GLU A 257 16.64 40.34 17.98
N PRO A 258 16.02 40.26 19.14
CA PRO A 258 14.58 40.21 19.29
C PRO A 258 14.02 41.54 18.84
N GLY A 259 13.00 41.57 18.00
CA GLY A 259 12.62 42.96 17.55
C GLY A 259 11.94 43.58 18.76
N PRO A 260 11.15 44.62 18.48
CA PRO A 260 10.25 45.17 19.49
C PRO A 260 9.23 44.13 19.92
N SER A 261 8.78 43.20 19.06
CA SER A 261 7.81 42.23 19.63
C SER A 261 8.48 41.22 20.56
N GLY A 262 9.80 41.14 20.47
CA GLY A 262 10.64 40.32 21.31
C GLY A 262 11.00 38.98 20.68
N LYS A 263 10.55 38.79 19.44
CA LYS A 263 10.83 37.57 18.74
C LYS A 263 11.94 37.69 17.71
N PRO A 264 13.04 36.97 17.93
CA PRO A 264 14.15 36.87 16.99
C PRO A 264 13.78 35.97 15.81
N TYR A 265 14.67 35.82 14.85
CA TYR A 265 14.27 34.83 13.79
C TYR A 265 14.45 33.42 14.43
N SER A 266 13.74 32.48 13.86
CA SER A 266 13.91 31.09 14.24
C SER A 266 14.95 30.45 13.35
N ALA A 267 15.78 29.56 13.81
CA ALA A 267 16.72 28.85 12.98
C ALA A 267 16.29 27.42 12.62
N ARG A 268 16.35 27.10 11.31
CA ARG A 268 16.02 25.69 11.00
C ARG A 268 17.01 25.29 9.91
N TYR A 269 17.73 24.19 10.05
CA TYR A 269 18.70 23.74 9.07
C TYR A 269 18.68 22.22 9.04
N ILE A 270 18.03 21.61 8.05
CA ILE A 270 18.00 20.13 8.01
C ILE A 270 19.36 19.64 7.58
N GLY A 271 19.93 20.35 6.58
CA GLY A 271 21.20 19.92 6.03
C GLY A 271 20.95 19.17 4.73
N SER A 272 19.68 19.15 4.30
CA SER A 272 19.26 18.50 3.07
C SER A 272 18.84 19.74 2.29
N LEU A 273 19.45 20.05 1.18
CA LEU A 273 19.15 21.17 0.32
C LEU A 273 17.67 21.12 -0.12
N VAL A 274 17.20 19.98 -0.64
CA VAL A 274 15.78 19.92 -0.99
C VAL A 274 14.83 20.13 0.17
N GLY A 275 15.09 19.48 1.30
CA GLY A 275 14.29 19.63 2.50
C GLY A 275 14.27 21.08 2.96
N ASP A 276 15.46 21.65 3.13
CA ASP A 276 15.58 23.06 3.54
C ASP A 276 14.96 24.06 2.55
N PHE A 277 15.07 23.75 1.25
CA PHE A 277 14.46 24.61 0.26
C PHE A 277 12.95 24.54 0.29
N HIS A 278 12.40 23.35 0.18
CA HIS A 278 10.97 23.11 0.31
C HIS A 278 10.34 23.81 1.49
N ARG A 279 10.94 23.80 2.67
CA ARG A 279 10.39 24.40 3.87
C ARG A 279 10.35 25.93 3.59
N THR A 280 11.45 26.49 3.06
CA THR A 280 11.58 27.87 2.76
C THR A 280 10.50 28.34 1.77
N LEU A 281 10.28 27.52 0.75
CA LEU A 281 9.32 27.82 -0.34
C LEU A 281 7.92 27.89 0.19
N LEU A 282 7.58 27.04 1.20
CA LEU A 282 6.31 26.97 1.83
C LEU A 282 6.20 28.00 2.92
N TYR A 283 7.17 28.20 3.78
CA TYR A 283 6.80 29.07 4.91
C TYR A 283 7.53 30.36 4.79
N GLY A 284 8.45 30.49 3.81
CA GLY A 284 9.23 31.73 3.68
C GLY A 284 10.52 31.67 4.44
N GLY A 285 11.30 32.73 4.34
CA GLY A 285 12.57 32.84 5.08
C GLY A 285 13.75 32.86 4.08
N ILE A 286 14.91 32.47 4.52
CA ILE A 286 16.09 32.45 3.71
C ILE A 286 16.95 31.20 4.04
N TYR A 287 17.47 30.64 2.96
CA TYR A 287 18.38 29.52 3.02
C TYR A 287 19.72 30.07 2.48
N GLY A 288 20.82 29.72 3.09
CA GLY A 288 22.10 30.16 2.65
C GLY A 288 23.12 29.01 2.71
N TYR A 289 23.95 28.98 1.70
CA TYR A 289 25.14 28.18 1.67
C TYR A 289 26.29 29.11 1.18
N PRO A 290 26.85 29.88 2.05
CA PRO A 290 27.90 30.82 1.68
C PRO A 290 29.24 30.23 1.34
N ARG A 291 30.13 31.06 0.74
CA ARG A 291 31.53 30.58 0.67
C ARG A 291 32.10 30.79 2.06
N ASP A 292 33.16 30.09 2.37
CA ASP A 292 33.83 30.25 3.68
C ASP A 292 35.31 30.02 3.45
N LYS A 293 36.15 30.11 4.47
CA LYS A 293 37.59 29.95 4.34
C LYS A 293 38.00 28.60 3.77
N LYS A 294 37.22 27.56 3.89
CA LYS A 294 37.44 26.25 3.31
C LYS A 294 36.79 26.05 1.94
N SER A 295 35.54 26.52 1.74
CA SER A 295 34.88 26.38 0.44
C SER A 295 34.80 27.81 -0.10
N LYS A 296 35.88 28.16 -0.82
CA LYS A 296 36.09 29.56 -1.22
C LYS A 296 35.07 30.05 -2.19
N ASN A 297 34.39 29.09 -2.83
CA ASN A 297 33.35 29.42 -3.81
C ASN A 297 32.00 28.82 -3.48
N GLY A 298 31.79 28.49 -2.21
CA GLY A 298 30.58 27.86 -1.79
C GLY A 298 30.72 26.35 -2.08
N LYS A 299 29.62 25.65 -1.76
CA LYS A 299 29.61 24.19 -1.92
C LYS A 299 28.68 23.79 -3.06
N LEU A 300 27.50 24.44 -3.11
CA LEU A 300 26.51 24.03 -4.08
C LEU A 300 27.01 24.22 -5.49
N ARG A 301 26.67 23.36 -6.43
CA ARG A 301 27.06 23.60 -7.82
C ARG A 301 26.02 24.46 -8.55
N LEU A 302 26.50 25.40 -9.35
CA LEU A 302 25.64 26.26 -10.10
C LEU A 302 24.65 25.59 -11.02
N LEU A 303 25.15 24.82 -11.97
CA LEU A 303 24.29 24.22 -12.99
C LEU A 303 23.37 23.13 -12.42
N TYR A 304 23.93 22.26 -11.60
CA TYR A 304 23.16 21.10 -11.15
C TYR A 304 22.19 21.42 -10.03
N GLU A 305 22.51 22.20 -9.04
CA GLU A 305 21.72 22.55 -7.88
C GLU A 305 21.12 23.93 -7.81
N CYS A 306 21.95 24.96 -7.95
CA CYS A 306 21.45 26.35 -7.79
C CYS A 306 20.58 26.89 -8.85
N ALA A 307 20.83 26.52 -10.09
CA ALA A 307 20.10 27.08 -11.21
C ALA A 307 18.67 26.57 -11.23
N PRO A 308 18.33 25.31 -11.30
CA PRO A 308 16.97 24.81 -11.16
C PRO A 308 16.23 25.32 -9.93
N MET A 309 16.94 25.43 -8.80
CA MET A 309 16.29 25.92 -7.57
C MET A 309 15.98 27.41 -7.73
N SER A 310 16.91 28.20 -8.33
CA SER A 310 16.62 29.62 -8.51
C SER A 310 15.45 29.84 -9.48
N PHE A 311 15.36 29.03 -10.52
CA PHE A 311 14.25 29.12 -11.45
C PHE A 311 12.94 28.82 -10.73
N ILE A 312 12.94 27.79 -9.82
CA ILE A 312 11.68 27.48 -9.10
C ILE A 312 11.30 28.65 -8.20
N VAL A 313 12.26 29.17 -7.48
CA VAL A 313 11.99 30.27 -6.51
C VAL A 313 11.46 31.53 -7.20
N GLU A 314 12.02 31.90 -8.36
CA GLU A 314 11.52 33.09 -9.10
C GLU A 314 10.15 32.82 -9.63
N GLN A 315 9.81 31.61 -10.16
CA GLN A 315 8.42 31.36 -10.49
C GLN A 315 7.50 31.37 -9.25
N ALA A 316 8.00 31.32 -8.02
CA ALA A 316 7.07 31.28 -6.87
C ALA A 316 7.01 32.67 -6.28
N GLY A 317 7.85 33.55 -6.86
CA GLY A 317 7.86 34.94 -6.44
C GLY A 317 9.01 35.21 -5.53
N GLY A 318 10.08 34.41 -5.47
CA GLY A 318 11.12 34.85 -4.48
C GLY A 318 12.40 35.19 -5.28
N LYS A 319 13.54 35.12 -4.63
CA LYS A 319 14.82 35.46 -5.20
C LYS A 319 15.87 34.38 -4.92
N GLY A 320 16.80 34.17 -5.82
CA GLY A 320 17.93 33.26 -5.85
C GLY A 320 19.19 34.12 -6.14
N SER A 321 20.04 34.33 -5.17
CA SER A 321 21.20 35.20 -5.43
C SER A 321 22.50 34.57 -5.04
N ASP A 322 23.65 35.05 -5.55
CA ASP A 322 24.90 34.55 -4.98
C ASP A 322 25.39 35.50 -3.88
N GLY A 323 24.55 36.41 -3.42
CA GLY A 323 25.04 37.33 -2.38
C GLY A 323 25.30 38.69 -3.08
N HIS A 324 25.32 38.74 -4.42
CA HIS A 324 25.59 40.01 -5.09
C HIS A 324 24.70 40.12 -6.32
N GLN A 325 24.70 38.99 -7.03
CA GLN A 325 24.02 38.85 -8.27
C GLN A 325 23.00 37.74 -8.38
N ARG A 326 22.08 37.93 -9.33
CA ARG A 326 21.10 36.95 -9.67
C ARG A 326 21.76 35.68 -10.19
N VAL A 327 21.56 34.57 -9.46
CA VAL A 327 22.21 33.30 -9.82
C VAL A 327 21.94 33.03 -11.29
N LEU A 328 20.70 33.19 -11.75
CA LEU A 328 20.35 32.87 -13.12
C LEU A 328 21.02 33.81 -14.15
N ASP A 329 21.83 34.79 -13.78
CA ASP A 329 22.49 35.71 -14.68
C ASP A 329 23.97 35.30 -14.77
N ILE A 330 24.34 34.25 -14.02
CA ILE A 330 25.71 33.80 -14.02
C ILE A 330 25.85 32.77 -15.11
N GLN A 331 26.75 32.91 -16.07
CA GLN A 331 26.85 31.88 -17.11
C GLN A 331 27.82 30.80 -16.62
N PRO A 332 27.34 29.58 -16.63
CA PRO A 332 28.15 28.45 -16.25
C PRO A 332 29.28 28.45 -17.30
N THR A 333 30.50 28.34 -16.84
CA THR A 333 31.61 28.24 -17.79
C THR A 333 32.51 27.08 -17.39
N GLU A 334 32.32 26.46 -16.24
CA GLU A 334 33.10 25.30 -15.83
C GLU A 334 32.42 24.16 -15.11
N ILE A 335 31.80 23.18 -15.70
CA ILE A 335 31.18 21.95 -15.24
C ILE A 335 30.65 21.83 -13.81
N HIS A 336 31.66 21.68 -12.94
CA HIS A 336 31.43 21.61 -11.53
C HIS A 336 31.64 22.96 -10.88
N GLN A 337 31.49 24.06 -11.56
CA GLN A 337 31.58 25.41 -10.94
C GLN A 337 30.63 25.52 -9.75
N ARG A 338 31.01 26.15 -8.68
CA ARG A 338 30.22 26.32 -7.48
C ARG A 338 30.00 27.80 -7.28
N VAL A 339 28.99 28.12 -6.48
CA VAL A 339 28.67 29.48 -6.16
C VAL A 339 27.97 29.49 -4.80
N PRO A 340 28.15 30.55 -4.05
CA PRO A 340 27.44 30.75 -2.79
C PRO A 340 25.96 30.85 -3.18
N LEU A 341 25.06 30.53 -2.27
CA LEU A 341 23.64 30.66 -2.64
C LEU A 341 22.87 31.21 -1.46
N TYR A 342 22.00 32.17 -1.75
CA TYR A 342 21.11 32.84 -0.81
C TYR A 342 19.78 32.78 -1.55
N ILE A 343 18.86 31.99 -1.01
CA ILE A 343 17.62 31.77 -1.77
C ILE A 343 16.43 31.87 -0.83
N GLY A 344 15.25 32.26 -1.36
CA GLY A 344 14.14 32.35 -0.41
C GLY A 344 13.34 33.63 -0.71
N SER A 345 12.84 34.14 0.40
CA SER A 345 11.92 35.25 0.38
C SER A 345 12.55 36.51 -0.18
N THR A 346 11.93 37.13 -1.17
CA THR A 346 12.49 38.36 -1.73
C THR A 346 13.11 39.36 -0.79
N GLU A 347 12.42 39.77 0.27
CA GLU A 347 13.05 40.74 1.18
C GLU A 347 14.17 40.15 2.02
N GLU A 348 14.07 38.82 2.34
CA GLU A 348 15.17 38.32 3.18
C GLU A 348 16.40 38.35 2.33
N VAL A 349 16.19 37.93 1.03
CA VAL A 349 17.42 37.87 0.19
C VAL A 349 18.04 39.26 0.01
N GLU A 350 17.18 40.24 -0.22
CA GLU A 350 17.60 41.66 -0.43
C GLU A 350 18.33 42.18 0.80
N LYS A 351 17.71 41.83 1.94
CA LYS A 351 18.39 42.21 3.18
C LYS A 351 19.76 41.58 3.16
N VAL A 352 19.95 40.28 2.83
CA VAL A 352 21.34 39.75 2.91
C VAL A 352 22.34 40.43 1.98
N GLU A 353 21.85 40.75 0.81
CA GLU A 353 22.75 41.34 -0.21
C GLU A 353 23.11 42.80 0.18
N LYS A 354 22.34 43.43 1.04
CA LYS A 354 22.59 44.73 1.58
C LYS A 354 23.73 44.64 2.57
N TYR A 355 23.81 43.55 3.33
CA TYR A 355 24.91 43.41 4.28
C TYR A 355 26.15 42.98 3.54
N LEU A 356 26.08 42.46 2.30
CA LEU A 356 27.35 41.91 1.78
C LEU A 356 27.95 42.88 0.76
N ALA A 357 27.09 43.86 0.41
CA ALA A 357 27.61 44.82 -0.60
C ALA A 357 28.81 45.55 0.01
N GLU B 17 18.32 -13.48 6.84
CA GLU B 17 16.98 -13.81 7.37
C GLU B 17 16.33 -12.55 7.97
N ILE B 18 15.13 -12.26 7.50
CA ILE B 18 14.42 -11.06 7.87
C ILE B 18 13.50 -11.38 9.02
N ILE B 19 13.69 -10.71 10.15
CA ILE B 19 12.83 -10.89 11.31
C ILE B 19 11.90 -9.67 11.35
N THR B 20 10.63 -9.94 11.41
CA THR B 20 9.66 -8.86 11.55
C THR B 20 9.50 -8.44 13.02
N LEU B 21 8.85 -7.27 13.26
CA LEU B 21 8.68 -6.81 14.63
C LEU B 21 7.81 -7.80 15.39
N THR B 22 6.76 -8.34 14.78
CA THR B 22 5.87 -9.29 15.37
C THR B 22 6.63 -10.60 15.77
N SER B 23 7.49 -11.08 14.85
CA SER B 23 8.19 -12.31 15.23
C SER B 23 9.06 -12.03 16.48
N TRP B 24 9.82 -10.94 16.41
CA TRP B 24 10.76 -10.53 17.44
C TRP B 24 10.03 -10.42 18.75
N LEU B 25 8.83 -9.87 18.71
CA LEU B 25 8.04 -9.65 19.90
C LEU B 25 7.55 -11.02 20.43
N LEU B 26 7.25 -11.96 19.57
CA LEU B 26 6.74 -13.27 20.02
C LEU B 26 7.89 -14.07 20.63
N GLN B 27 9.11 -13.91 20.16
CA GLN B 27 10.31 -14.46 20.70
C GLN B 27 10.62 -13.86 22.09
N GLN B 28 10.45 -12.56 22.29
CA GLN B 28 10.65 -11.96 23.59
C GLN B 28 9.56 -12.46 24.53
N GLU B 29 8.35 -12.68 24.01
CA GLU B 29 7.27 -13.14 24.87
C GLU B 29 7.48 -14.64 25.18
N GLN B 30 8.20 -15.29 24.24
CA GLN B 30 8.43 -16.72 24.43
C GLN B 30 9.58 -16.90 25.43
N LYS B 31 10.65 -16.12 25.45
CA LYS B 31 11.69 -16.15 26.45
C LYS B 31 11.25 -15.49 27.77
N GLY B 32 9.99 -15.20 28.02
CA GLY B 32 9.47 -14.56 29.18
C GLY B 32 10.01 -13.19 29.53
N ILE B 33 10.74 -12.49 28.69
CA ILE B 33 11.16 -11.14 29.06
C ILE B 33 9.96 -10.21 29.10
N ILE B 34 8.88 -10.58 28.34
CA ILE B 34 7.71 -9.74 28.37
C ILE B 34 6.57 -10.70 28.35
N ASP B 35 5.51 -10.31 28.95
CA ASP B 35 4.26 -10.99 29.21
C ASP B 35 3.41 -10.99 27.97
N ALA B 36 2.31 -11.72 27.92
CA ALA B 36 1.46 -11.76 26.74
C ALA B 36 0.73 -10.43 26.59
N GLU B 37 0.26 -9.91 27.69
CA GLU B 37 -0.41 -8.64 27.81
C GLU B 37 0.44 -7.51 27.23
N LEU B 38 1.68 -7.38 27.61
CA LEU B 38 2.60 -6.35 27.22
C LEU B 38 2.86 -6.56 25.73
N THR B 39 2.95 -7.83 25.31
CA THR B 39 3.14 -8.16 23.89
C THR B 39 2.03 -7.58 23.02
N ILE B 40 0.80 -7.70 23.44
CA ILE B 40 -0.35 -7.18 22.81
C ILE B 40 -0.22 -5.65 22.71
N VAL B 41 0.10 -5.00 23.80
CA VAL B 41 0.25 -3.55 23.86
C VAL B 41 1.26 -3.02 22.80
N LEU B 42 2.45 -3.54 22.82
CA LEU B 42 3.44 -3.22 21.84
C LEU B 42 3.02 -3.49 20.39
N SER B 43 2.35 -4.60 20.18
CA SER B 43 1.93 -4.95 18.82
C SER B 43 0.84 -3.98 18.38
N SER B 44 -0.10 -3.63 19.26
CA SER B 44 -1.11 -2.61 18.93
C SER B 44 -0.50 -1.23 18.68
N ILE B 45 0.59 -0.88 19.37
CA ILE B 45 1.22 0.44 19.32
C ILE B 45 1.83 0.57 17.91
N SER B 46 2.46 -0.52 17.48
CA SER B 46 3.05 -0.57 16.20
C SER B 46 1.95 -0.59 15.08
N MET B 47 0.82 -1.22 15.28
CA MET B 47 -0.27 -1.09 14.31
C MET B 47 -0.74 0.36 14.40
N ALA B 48 -0.87 1.07 15.50
CA ALA B 48 -1.27 2.49 15.38
C ALA B 48 -0.26 3.38 14.60
N CYS B 49 1.01 3.09 14.75
CA CYS B 49 2.07 3.82 14.15
C CYS B 49 2.08 3.62 12.60
N LYS B 50 1.62 2.43 12.18
CA LYS B 50 1.52 2.27 10.71
C LYS B 50 0.36 3.08 10.17
N GLN B 51 -0.72 3.15 11.01
CA GLN B 51 -1.84 3.94 10.48
C GLN B 51 -1.52 5.44 10.50
N ILE B 52 -0.84 5.90 11.55
CA ILE B 52 -0.47 7.29 11.63
C ILE B 52 0.53 7.61 10.51
N ALA B 53 1.51 6.71 10.26
CA ALA B 53 2.42 7.02 9.14
C ALA B 53 1.72 7.40 7.85
N SER B 54 0.77 6.63 7.38
CA SER B 54 -0.11 6.77 6.26
C SER B 54 -0.91 8.07 6.39
N LEU B 55 -1.38 8.46 7.56
CA LEU B 55 -2.06 9.74 7.65
C LEU B 55 -1.10 10.88 7.33
N VAL B 56 0.11 10.89 7.92
CA VAL B 56 1.15 11.85 7.79
C VAL B 56 1.54 11.88 6.31
N GLN B 57 1.64 10.77 5.62
CA GLN B 57 2.10 10.77 4.25
C GLN B 57 1.08 11.37 3.28
N ARG B 58 -0.20 11.19 3.59
CA ARG B 58 -1.28 11.55 2.66
C ARG B 58 -1.93 12.84 3.12
N ALA B 59 -1.44 13.39 4.20
CA ALA B 59 -2.05 14.62 4.68
C ALA B 59 -2.33 15.64 3.59
N ASN B 60 -1.53 15.91 2.60
CA ASN B 60 -1.88 17.00 1.64
C ASN B 60 -3.11 16.63 0.85
N ILE B 61 -3.23 15.34 0.52
CA ILE B 61 -4.29 14.75 -0.24
C ILE B 61 -5.59 14.74 0.55
N SER B 62 -5.54 14.32 1.82
CA SER B 62 -6.60 14.23 2.80
C SER B 62 -7.20 15.62 3.07
N ASN B 63 -6.42 16.68 3.19
CA ASN B 63 -6.91 18.04 3.35
C ASN B 63 -7.56 18.71 2.14
N LEU B 64 -7.54 18.13 0.93
CA LEU B 64 -8.21 18.72 -0.23
C LEU B 64 -9.75 18.65 -0.08
N GLU B 76 -4.94 21.72 6.55
CA GLU B 76 -3.54 21.37 6.69
C GLU B 76 -2.94 22.05 7.93
N ASP B 77 -3.18 21.30 9.02
CA ASP B 77 -2.76 21.63 10.33
C ASP B 77 -2.19 20.30 10.87
N GLN B 78 -1.03 20.49 11.45
CA GLN B 78 -0.35 19.50 12.26
C GLN B 78 -1.19 19.30 13.54
N LYS B 79 -1.88 20.31 14.06
CA LYS B 79 -2.71 20.20 15.24
C LYS B 79 -3.88 19.26 14.98
N LYS B 80 -4.49 19.38 13.81
CA LYS B 80 -5.64 18.53 13.52
C LYS B 80 -5.22 17.07 13.36
N LEU B 81 -4.03 16.86 12.77
CA LEU B 81 -3.46 15.53 12.63
C LEU B 81 -3.24 14.89 14.02
N ASP B 82 -2.86 15.70 14.96
CA ASP B 82 -2.56 15.33 16.36
C ASP B 82 -3.75 14.60 16.93
N VAL B 83 -4.92 15.18 16.63
CA VAL B 83 -6.17 14.67 17.13
C VAL B 83 -6.54 13.38 16.47
N ILE B 84 -6.47 13.34 15.13
CA ILE B 84 -6.91 12.10 14.46
C ILE B 84 -6.04 10.94 14.94
N SER B 85 -4.74 11.20 15.09
CA SER B 85 -3.76 10.21 15.49
C SER B 85 -4.08 9.67 16.89
N ASN B 86 -4.53 10.51 17.77
CA ASN B 86 -4.99 10.05 19.09
C ASN B 86 -6.16 9.09 18.98
N GLU B 87 -7.07 9.28 18.07
CA GLU B 87 -8.21 8.41 17.82
C GLU B 87 -7.82 7.10 17.25
N VAL B 88 -6.81 7.08 16.32
CA VAL B 88 -6.38 5.77 15.78
C VAL B 88 -5.70 5.02 16.92
N PHE B 89 -4.92 5.71 17.77
CA PHE B 89 -4.27 5.08 18.92
C PHE B 89 -5.35 4.38 19.77
N SER B 90 -6.39 5.12 20.15
CA SER B 90 -7.47 4.68 20.98
C SER B 90 -8.11 3.42 20.44
N ASN B 91 -8.44 3.47 19.18
CA ASN B 91 -9.03 2.30 18.52
C ASN B 91 -8.13 1.09 18.58
N CYS B 92 -6.84 1.43 18.21
CA CYS B 92 -5.95 0.25 18.26
C CYS B 92 -5.65 -0.15 19.68
N LEU B 93 -5.83 0.66 20.74
CA LEU B 93 -5.50 -0.03 21.97
C LEU B 93 -6.74 -0.42 22.79
N ARG B 94 -7.92 -0.26 22.24
CA ARG B 94 -9.19 -0.49 22.90
C ARG B 94 -9.35 -1.86 23.55
N SER B 95 -8.83 -2.90 22.94
CA SER B 95 -8.80 -4.27 23.41
C SER B 95 -7.82 -4.37 24.57
N SER B 96 -6.96 -3.40 24.88
CA SER B 96 -6.10 -3.51 26.05
C SER B 96 -6.56 -2.74 27.28
N GLY B 97 -7.24 -1.63 26.94
CA GLY B 97 -7.66 -0.68 27.97
C GLY B 97 -8.32 0.56 27.48
N ARG B 98 -8.61 1.47 28.39
CA ARG B 98 -9.31 2.71 28.03
C ARG B 98 -8.27 3.78 27.80
N THR B 99 -8.57 4.73 26.96
CA THR B 99 -7.61 5.76 26.64
C THR B 99 -8.25 7.08 27.00
N GLY B 100 -7.49 7.89 27.70
CA GLY B 100 -8.03 9.24 28.01
C GLY B 100 -7.11 10.26 27.31
N ILE B 101 -7.50 11.51 27.14
CA ILE B 101 -6.72 12.54 26.50
C ILE B 101 -6.28 13.69 27.37
N ILE B 102 -4.96 13.94 27.47
CA ILE B 102 -4.52 15.08 28.31
C ILE B 102 -4.45 16.24 27.32
N ALA B 103 -5.45 17.08 27.28
CA ALA B 103 -5.57 18.21 26.39
C ALA B 103 -4.57 19.30 26.77
N SER B 104 -4.20 19.99 25.70
CA SER B 104 -3.21 21.04 25.68
C SER B 104 -3.85 22.42 25.64
N GLU B 105 -3.71 23.22 26.69
CA GLU B 105 -4.21 24.60 26.55
C GLU B 105 -3.08 25.48 26.03
N GLU B 106 -1.86 24.95 25.92
CA GLU B 106 -0.73 25.71 25.41
C GLU B 106 -0.45 25.28 23.97
N GLU B 107 0.79 25.30 23.49
CA GLU B 107 0.97 24.86 22.08
C GLU B 107 1.36 23.38 22.06
N ASP B 108 1.19 22.67 23.18
CA ASP B 108 1.61 21.32 23.34
C ASP B 108 0.80 20.27 22.56
N VAL B 109 1.40 19.16 22.19
CA VAL B 109 0.52 18.11 21.61
C VAL B 109 -0.37 17.52 22.71
N PRO B 110 -1.59 17.17 22.40
CA PRO B 110 -2.50 16.47 23.30
C PRO B 110 -1.94 15.07 23.48
N VAL B 111 -1.92 14.56 24.69
CA VAL B 111 -1.24 13.34 25.08
C VAL B 111 -2.27 12.23 25.27
N ALA B 112 -2.02 11.02 24.70
CA ALA B 112 -3.02 9.97 24.89
C ALA B 112 -2.49 9.06 25.99
N VAL B 113 -3.35 8.80 26.96
CA VAL B 113 -2.98 7.97 28.11
C VAL B 113 -3.87 6.74 28.11
N GLU B 114 -3.24 5.56 27.95
CA GLU B 114 -4.00 4.32 27.88
C GLU B 114 -3.79 3.56 29.19
N GLU B 115 -4.92 3.08 29.68
CA GLU B 115 -4.78 2.34 30.97
C GLU B 115 -5.32 0.93 30.84
N SER B 116 -4.46 -0.05 31.00
CA SER B 116 -4.91 -1.44 30.79
C SER B 116 -6.13 -1.82 31.59
N TYR B 117 -7.09 -2.62 31.07
CA TYR B 117 -8.24 -3.00 31.89
C TYR B 117 -7.80 -3.72 33.15
N SER B 118 -6.77 -4.48 33.16
CA SER B 118 -6.07 -5.27 34.09
C SER B 118 -5.37 -4.45 35.16
N GLY B 119 -4.93 -3.20 34.89
CA GLY B 119 -4.19 -2.49 35.92
C GLY B 119 -2.70 -2.69 35.77
N ASN B 120 -2.21 -3.54 34.88
CA ASN B 120 -0.77 -3.74 34.92
C ASN B 120 0.06 -2.72 34.19
N TYR B 121 -0.57 -2.03 33.27
CA TYR B 121 0.19 -1.13 32.38
C TYR B 121 -0.61 0.15 32.07
N ILE B 122 0.23 1.22 31.95
CA ILE B 122 -0.35 2.46 31.51
C ILE B 122 0.56 2.85 30.38
N VAL B 123 -0.01 3.26 29.27
CA VAL B 123 0.82 3.69 28.13
C VAL B 123 0.57 5.21 27.98
N VAL B 124 1.67 5.93 27.83
CA VAL B 124 1.62 7.38 27.68
C VAL B 124 2.16 7.65 26.25
N PHE B 125 1.30 8.12 25.39
CA PHE B 125 1.54 8.29 23.99
C PHE B 125 1.42 9.68 23.43
N ASP B 126 2.51 10.28 22.99
CA ASP B 126 2.46 11.51 22.19
C ASP B 126 2.23 11.09 20.74
N PRO B 127 1.14 11.47 20.13
CA PRO B 127 0.80 11.04 18.76
C PRO B 127 1.78 11.52 17.73
N LEU B 128 2.16 12.78 17.86
CA LEU B 128 3.07 13.50 16.95
C LEU B 128 3.95 14.44 17.79
N ASP B 129 5.05 14.91 17.21
CA ASP B 129 6.04 15.45 18.15
C ASP B 129 5.99 16.97 18.19
N GLY B 130 4.93 17.55 17.65
CA GLY B 130 4.78 19.01 17.75
C GLY B 130 3.41 19.31 17.10
N SER B 131 3.05 20.55 17.22
CA SER B 131 1.83 21.07 16.71
C SER B 131 2.09 22.13 15.64
N SER B 132 3.34 22.37 15.29
CA SER B 132 3.78 23.33 14.30
C SER B 132 3.88 22.69 12.92
N ASN B 133 3.33 23.33 11.89
CA ASN B 133 3.43 22.90 10.52
C ASN B 133 4.89 22.99 10.05
N LEU B 134 5.56 24.04 10.52
CA LEU B 134 6.87 24.43 10.19
C LEU B 134 7.81 23.31 10.64
N ASP B 135 7.72 22.90 11.86
CA ASP B 135 8.50 21.84 12.44
C ASP B 135 8.21 20.42 11.96
N ALA B 136 7.12 20.14 11.32
CA ALA B 136 6.69 18.92 10.72
C ALA B 136 6.85 18.94 9.19
N ALA B 137 7.63 19.86 8.67
CA ALA B 137 7.73 19.93 7.21
C ALA B 137 8.29 18.67 6.58
N VAL B 138 9.32 18.09 7.23
CA VAL B 138 9.96 16.96 6.63
C VAL B 138 9.88 15.73 7.57
N SER B 139 9.63 15.93 8.87
CA SER B 139 9.55 14.80 9.73
C SER B 139 8.78 15.06 10.95
N THR B 140 8.34 13.91 11.51
CA THR B 140 7.53 14.03 12.76
C THR B 140 7.62 12.63 13.35
N GLY B 141 6.91 12.40 14.43
CA GLY B 141 7.07 11.07 15.04
C GLY B 141 6.22 11.05 16.31
N SER B 142 5.87 9.83 16.71
CA SER B 142 5.11 9.53 17.89
C SER B 142 6.14 9.13 18.99
N ILE B 143 5.79 9.37 20.24
CA ILE B 143 6.69 8.98 21.35
C ILE B 143 5.88 8.25 22.38
N PHE B 144 6.41 7.13 22.96
CA PHE B 144 5.54 6.44 23.93
C PHE B 144 6.42 5.85 25.05
N GLY B 145 5.75 5.78 26.20
CA GLY B 145 6.44 5.25 27.42
C GLY B 145 5.48 4.29 28.09
N ILE B 146 5.88 3.11 28.56
CA ILE B 146 4.90 2.18 29.22
C ILE B 146 5.41 1.99 30.67
N TYR B 147 4.51 2.16 31.61
CA TYR B 147 4.70 2.14 33.01
C TYR B 147 3.91 0.99 33.65
N SER B 148 4.41 0.56 34.81
CA SER B 148 3.70 -0.46 35.62
C SER B 148 3.14 0.24 36.85
N PRO B 149 1.90 0.64 36.86
CA PRO B 149 1.29 1.49 37.86
C PRO B 149 0.97 0.80 39.16
N ASN B 150 0.77 1.59 40.19
CA ASN B 150 0.41 1.07 41.50
C ASN B 150 -0.89 1.70 41.93
N ASP B 151 -1.66 2.18 40.97
CA ASP B 151 -2.97 2.75 41.28
C ASP B 151 -3.69 2.92 39.94
N GLU B 152 -4.99 3.08 39.96
CA GLU B 152 -5.77 3.24 38.74
C GLU B 152 -6.23 4.70 38.66
N CYS B 153 -6.13 5.23 37.46
CA CYS B 153 -6.45 6.64 37.29
C CYS B 153 -7.58 6.91 36.33
N LEU B 154 -7.85 6.00 35.40
CA LEU B 154 -8.90 6.37 34.44
C LEU B 154 -10.30 5.95 34.87
N PRO B 155 -11.23 6.90 34.75
CA PRO B 155 -12.62 6.67 35.08
C PRO B 155 -13.40 6.20 33.85
N ASP B 163 -16.46 14.95 26.70
CA ASP B 163 -15.04 14.90 26.38
C ASP B 163 -14.42 13.54 26.67
N ASN B 164 -13.35 13.22 25.96
CA ASN B 164 -12.51 12.07 26.25
C ASN B 164 -11.36 12.58 27.13
N THR B 165 -11.39 13.87 27.38
CA THR B 165 -10.42 14.63 28.11
C THR B 165 -10.31 14.22 29.56
N LEU B 166 -9.07 14.19 30.05
CA LEU B 166 -8.86 13.94 31.46
C LEU B 166 -8.89 15.25 32.25
N GLY B 167 -9.57 15.27 33.39
CA GLY B 167 -9.54 16.46 34.23
C GLY B 167 -8.22 16.58 34.99
N THR B 168 -8.12 17.62 35.83
CA THR B 168 -6.92 17.90 36.61
C THR B 168 -6.62 16.77 37.60
N GLU B 169 -7.68 16.23 38.17
CA GLU B 169 -7.56 15.12 39.09
C GLU B 169 -6.99 13.87 38.44
N GLU B 170 -7.54 13.45 37.27
CA GLU B 170 -6.97 12.29 36.59
C GLU B 170 -5.52 12.62 36.22
N GLN B 171 -5.26 13.88 35.83
CA GLN B 171 -3.85 14.16 35.50
C GLN B 171 -2.87 14.02 36.62
N ARG B 172 -3.35 14.37 37.83
CA ARG B 172 -2.52 14.37 39.02
C ARG B 172 -2.15 12.90 39.28
N CYS B 173 -3.13 12.03 39.26
CA CYS B 173 -3.02 10.56 39.42
C CYS B 173 -1.96 9.99 38.47
N ILE B 174 -2.05 10.29 37.19
CA ILE B 174 -1.07 9.89 36.17
C ILE B 174 0.30 10.29 36.53
N VAL B 175 0.43 11.59 36.89
CA VAL B 175 1.75 12.09 37.28
C VAL B 175 2.29 11.40 38.53
N ASN B 176 1.44 11.01 39.43
CA ASN B 176 2.02 10.38 40.64
C ASN B 176 2.31 8.93 40.32
N VAL B 177 1.45 8.32 39.50
CA VAL B 177 1.79 6.85 39.31
C VAL B 177 2.86 6.63 38.28
N CYS B 178 3.15 7.46 37.27
CA CYS B 178 4.12 7.24 36.27
C CYS B 178 5.44 7.88 36.68
N GLN B 179 6.37 7.00 37.05
CA GLN B 179 7.63 7.46 37.63
C GLN B 179 8.78 6.81 36.88
N PRO B 180 9.33 7.60 35.96
CA PRO B 180 10.33 7.16 35.02
C PRO B 180 11.51 6.55 35.68
N GLY B 181 11.91 7.00 36.88
CA GLY B 181 13.13 6.45 37.47
C GLY B 181 12.77 5.21 38.29
N SER B 182 11.53 4.73 38.28
CA SER B 182 11.25 3.52 39.04
C SER B 182 10.23 2.61 38.39
N ASN B 183 9.33 2.94 37.41
CA ASN B 183 8.42 1.94 36.90
C ASN B 183 8.16 2.07 35.39
N LEU B 184 9.18 2.64 34.72
CA LEU B 184 9.07 2.82 33.27
C LEU B 184 9.65 1.48 32.72
N LEU B 185 8.85 0.70 32.05
CA LEU B 185 9.37 -0.58 31.57
C LEU B 185 9.87 -0.56 30.14
N ALA B 186 9.23 0.26 29.29
CA ALA B 186 9.51 0.22 27.86
C ALA B 186 9.30 1.62 27.31
N ALA B 187 10.15 1.98 26.36
CA ALA B 187 9.94 3.27 25.72
C ALA B 187 10.33 3.13 24.27
N GLY B 188 9.70 4.01 23.49
CA GLY B 188 9.99 3.96 22.05
C GLY B 188 9.46 5.23 21.35
N TYR B 189 9.83 5.29 20.07
CA TYR B 189 9.28 6.27 19.18
C TYR B 189 9.13 5.58 17.85
N CYS B 190 8.30 6.21 17.03
CA CYS B 190 8.23 5.93 15.60
C CYS B 190 8.48 7.27 14.88
N MET B 191 9.46 7.30 14.00
CA MET B 191 9.72 8.54 13.26
C MET B 191 9.01 8.39 11.87
N TYR B 192 8.32 9.42 11.45
CA TYR B 192 7.72 9.41 10.10
C TYR B 192 8.55 10.42 9.27
N SER B 193 9.37 9.89 8.35
CA SER B 193 10.18 10.80 7.55
C SER B 193 10.50 10.07 6.31
N SER B 194 11.64 10.29 5.61
CA SER B 194 11.85 9.55 4.36
C SER B 194 11.76 8.05 4.41
N SER B 195 11.84 7.52 5.65
CA SER B 195 11.65 6.12 5.99
C SER B 195 10.84 6.15 7.25
N VAL B 196 10.17 5.07 7.68
CA VAL B 196 9.35 5.02 8.83
C VAL B 196 10.11 4.07 9.77
N ILE B 197 10.46 4.51 10.98
CA ILE B 197 11.45 3.80 11.76
C ILE B 197 10.89 3.67 13.17
N PHE B 198 10.74 2.47 13.63
CA PHE B 198 10.20 2.19 14.93
C PHE B 198 11.37 1.83 15.87
N VAL B 199 11.52 2.59 16.95
CA VAL B 199 12.69 2.44 17.81
C VAL B 199 12.21 2.05 19.16
N LEU B 200 12.58 0.83 19.59
CA LEU B 200 12.13 0.35 20.88
C LEU B 200 13.21 -0.10 21.84
N THR B 201 12.86 -0.04 23.14
CA THR B 201 13.69 -0.50 24.24
C THR B 201 12.75 -1.10 25.31
N ILE B 202 12.82 -2.37 25.60
CA ILE B 202 11.89 -2.87 26.66
C ILE B 202 13.01 -2.71 27.50
N GLY B 203 14.06 -2.15 28.03
CA GLY B 203 15.05 -2.22 29.04
C GLY B 203 16.31 -3.09 29.01
N LYS B 204 16.52 -3.64 27.79
CA LYS B 204 17.64 -4.44 27.38
C LYS B 204 18.30 -4.00 26.10
N GLY B 205 18.55 -2.73 25.86
CA GLY B 205 19.20 -2.38 24.60
C GLY B 205 18.13 -1.79 23.68
N VAL B 206 18.62 -1.08 22.68
CA VAL B 206 17.69 -0.45 21.74
C VAL B 206 17.64 -1.18 20.39
N PHE B 207 16.46 -1.41 19.86
CA PHE B 207 16.19 -2.10 18.59
C PHE B 207 15.41 -1.26 17.61
N VAL B 208 15.94 -1.16 16.42
CA VAL B 208 15.49 -0.42 15.34
C VAL B 208 14.80 -1.32 14.32
N PHE B 209 13.59 -1.01 13.95
CA PHE B 209 12.71 -1.69 13.00
C PHE B 209 12.29 -0.74 11.92
N THR B 210 12.49 -1.09 10.65
CA THR B 210 12.20 -0.21 9.53
C THR B 210 10.95 -0.74 8.82
N LEU B 211 9.98 0.16 8.60
CA LEU B 211 8.73 -0.26 7.91
C LEU B 211 9.02 -0.49 6.41
N ASP B 212 8.76 -1.71 5.97
CA ASP B 212 8.99 -2.05 4.58
C ASP B 212 7.72 -1.67 3.79
N PRO B 213 7.84 -0.66 2.96
CA PRO B 213 6.71 -0.16 2.18
C PRO B 213 6.15 -1.14 1.18
N LEU B 214 6.94 -2.10 0.69
CA LEU B 214 6.39 -3.10 -0.18
C LEU B 214 5.45 -4.03 0.57
N TYR B 215 5.75 -4.44 1.79
CA TYR B 215 4.92 -5.42 2.52
C TYR B 215 4.13 -4.95 3.69
N GLY B 216 4.40 -3.68 4.06
CA GLY B 216 3.67 -3.12 5.19
C GLY B 216 4.05 -3.79 6.52
N GLU B 217 5.27 -4.27 6.70
CA GLU B 217 5.67 -4.82 8.00
C GLU B 217 6.96 -4.12 8.44
N PHE B 218 7.20 -3.94 9.71
CA PHE B 218 8.31 -3.44 10.41
C PHE B 218 9.32 -4.61 10.46
N VAL B 219 10.52 -4.38 9.90
CA VAL B 219 11.54 -5.29 9.80
C VAL B 219 12.73 -4.91 10.67
N LEU B 220 13.27 -5.85 11.44
CA LEU B 220 14.36 -5.54 12.34
C LEU B 220 15.57 -5.12 11.56
N THR B 221 16.06 -3.87 11.62
CA THR B 221 17.23 -3.58 10.84
C THR B 221 18.45 -3.28 11.70
N GLN B 222 18.26 -3.14 13.01
CA GLN B 222 19.45 -2.91 13.83
C GLN B 222 19.23 -3.41 15.21
N GLU B 223 20.16 -4.18 15.75
CA GLU B 223 20.06 -4.66 17.10
C GLU B 223 20.98 -3.92 18.02
N ASN B 224 20.64 -3.80 19.31
CA ASN B 224 21.57 -3.10 20.22
C ASN B 224 22.26 -1.87 19.64
N LEU B 225 21.41 -0.93 19.22
CA LEU B 225 21.94 0.33 18.68
C LEU B 225 22.71 0.99 19.81
N GLN B 226 23.84 1.54 19.43
CA GLN B 226 24.77 2.27 20.30
C GLN B 226 25.06 3.65 19.81
N ILE B 227 24.78 4.71 20.54
CA ILE B 227 25.06 6.07 20.03
C ILE B 227 26.57 6.27 20.28
N PRO B 228 27.33 6.86 19.41
CA PRO B 228 28.73 7.20 19.61
C PRO B 228 28.92 8.03 20.86
N LYS B 229 30.11 7.87 21.45
CA LYS B 229 30.51 8.50 22.69
C LYS B 229 30.72 9.98 22.55
N SER B 230 31.09 10.37 21.38
CA SER B 230 31.47 11.68 20.97
C SER B 230 30.82 11.95 19.60
N GLY B 231 30.60 13.23 19.26
CA GLY B 231 30.05 13.60 17.99
C GLY B 231 30.17 15.09 17.82
N LYS B 232 30.67 15.55 16.70
CA LYS B 232 30.84 16.99 16.42
C LYS B 232 29.70 17.66 15.70
N ILE B 233 28.50 17.34 16.22
CA ILE B 233 27.26 17.84 15.69
C ILE B 233 26.42 18.39 16.83
N TYR B 234 25.91 19.61 16.67
CA TYR B 234 25.09 20.15 17.74
C TYR B 234 23.77 20.59 17.14
N SER B 235 22.75 20.43 17.96
CA SER B 235 21.41 20.67 17.44
C SER B 235 20.57 21.45 18.45
N PHE B 236 20.57 22.75 18.18
CA PHE B 236 19.88 23.74 19.05
C PHE B 236 19.27 24.79 18.09
N ASN B 237 18.25 25.52 18.48
CA ASN B 237 17.69 26.61 17.69
C ASN B 237 18.46 27.89 18.02
N GLU B 238 19.59 28.14 17.40
CA GLU B 238 20.49 29.21 17.59
C GLU B 238 19.83 30.59 17.37
N GLY B 239 18.63 30.63 16.84
CA GLY B 239 17.84 31.81 16.76
C GLY B 239 17.48 32.34 18.15
N ASN B 240 17.65 31.59 19.23
CA ASN B 240 17.28 32.04 20.56
C ASN B 240 18.53 32.40 21.35
N TYR B 241 19.68 32.48 20.70
CA TYR B 241 20.91 32.71 21.43
C TYR B 241 20.89 33.89 22.40
N LYS B 242 20.25 34.99 22.05
CA LYS B 242 20.19 36.21 22.82
C LYS B 242 19.19 36.01 23.92
N LEU B 243 18.49 34.86 23.95
CA LEU B 243 17.61 34.56 25.05
C LEU B 243 18.21 33.58 26.01
N TRP B 244 19.48 33.23 25.77
CA TRP B 244 20.06 32.24 26.65
C TRP B 244 21.02 32.82 27.69
N ASP B 245 21.16 32.11 28.80
CA ASP B 245 22.11 32.49 29.84
C ASP B 245 23.50 32.60 29.21
N GLU B 246 24.38 33.33 29.86
CA GLU B 246 25.74 33.58 29.47
C GLU B 246 26.49 32.27 29.45
N ASN B 247 26.21 31.40 30.39
CA ASN B 247 26.87 30.09 30.42
C ASN B 247 26.68 29.34 29.09
N LEU B 248 25.47 29.31 28.61
CA LEU B 248 25.20 28.54 27.38
C LEU B 248 25.81 29.18 26.15
N LYS B 249 25.71 30.52 26.08
CA LYS B 249 26.29 31.28 24.97
C LYS B 249 27.75 30.96 24.73
N LYS B 250 28.49 30.87 25.84
CA LYS B 250 29.94 30.60 25.73
C LYS B 250 30.13 29.22 25.17
N TYR B 251 29.32 28.29 25.74
CA TYR B 251 29.30 26.91 25.23
C TYR B 251 29.15 26.90 23.71
N ILE B 252 28.10 27.54 23.20
CA ILE B 252 27.79 27.59 21.77
C ILE B 252 28.91 28.25 20.97
N ASP B 253 29.44 29.35 21.56
CA ASP B 253 30.51 30.08 20.89
C ASP B 253 31.74 29.25 20.69
N ASP B 254 32.09 28.44 21.72
CA ASP B 254 33.19 27.54 21.55
C ASP B 254 32.98 26.36 20.63
N LEU B 255 31.73 26.01 20.25
CA LEU B 255 31.57 24.84 19.36
C LEU B 255 32.03 25.17 17.93
N LYS B 256 31.97 26.47 17.70
CA LYS B 256 32.40 27.03 16.41
C LYS B 256 33.88 27.27 16.18
N GLU B 257 34.70 27.01 17.18
CA GLU B 257 36.14 27.06 17.10
C GLU B 257 36.68 25.79 16.44
N PRO B 258 37.36 25.95 15.33
CA PRO B 258 37.97 24.84 14.64
C PRO B 258 38.94 24.05 15.49
N GLY B 259 38.88 22.72 15.40
CA GLY B 259 39.83 21.86 16.10
C GLY B 259 41.24 22.18 15.59
N PRO B 260 42.24 21.39 16.03
CA PRO B 260 43.62 21.59 15.52
C PRO B 260 43.62 21.08 14.08
N SER B 261 42.64 20.22 13.82
CA SER B 261 42.18 19.61 12.60
C SER B 261 41.54 20.65 11.69
N GLY B 262 41.07 21.74 12.29
CA GLY B 262 40.53 22.87 11.57
C GLY B 262 39.04 22.75 11.29
N LYS B 263 38.41 21.72 11.86
CA LYS B 263 36.95 21.67 11.63
C LYS B 263 36.20 21.99 12.90
N PRO B 264 35.37 23.01 12.87
CA PRO B 264 34.40 23.31 13.92
C PRO B 264 33.22 22.30 13.98
N TYR B 265 32.33 22.38 14.95
CA TYR B 265 31.15 21.51 14.95
C TYR B 265 30.27 21.82 13.73
N SER B 266 29.43 20.88 13.32
CA SER B 266 28.40 21.05 12.32
C SER B 266 27.07 21.31 13.10
N ALA B 267 26.30 22.18 12.52
CA ALA B 267 25.02 22.50 13.13
C ALA B 267 23.92 21.87 12.25
N ARG B 268 23.00 21.15 12.85
CA ARG B 268 21.85 20.53 12.25
C ARG B 268 20.69 20.73 13.20
N TYR B 269 19.56 21.23 12.74
CA TYR B 269 18.43 21.42 13.65
C TYR B 269 17.17 21.37 12.78
N ILE B 270 16.43 20.30 12.88
CA ILE B 270 15.28 20.13 11.99
C ILE B 270 14.09 20.91 12.55
N GLY B 271 14.02 20.96 13.85
CA GLY B 271 12.78 21.51 14.48
C GLY B 271 11.87 20.40 14.96
N SER B 272 12.11 19.18 14.49
CA SER B 272 11.31 18.02 14.86
C SER B 272 12.04 17.29 15.98
N LEU B 273 11.47 17.16 17.13
CA LEU B 273 12.07 16.47 18.28
C LEU B 273 12.48 15.03 17.92
N VAL B 274 11.62 14.26 17.24
CA VAL B 274 11.99 12.85 16.95
C VAL B 274 13.09 12.80 15.94
N GLY B 275 12.92 13.56 14.82
CA GLY B 275 13.90 13.61 13.76
C GLY B 275 15.31 13.95 14.28
N ASP B 276 15.43 15.04 15.05
CA ASP B 276 16.67 15.52 15.61
C ASP B 276 17.19 14.49 16.68
N PHE B 277 16.28 13.92 17.43
CA PHE B 277 16.75 12.91 18.37
C PHE B 277 17.31 11.73 17.57
N HIS B 278 16.51 11.28 16.64
CA HIS B 278 16.93 10.13 15.85
C HIS B 278 18.30 10.35 15.24
N ARG B 279 18.57 11.43 14.56
CA ARG B 279 19.84 11.73 13.92
C ARG B 279 20.99 11.68 14.98
N THR B 280 20.73 12.16 16.17
CA THR B 280 21.71 12.20 17.25
C THR B 280 22.07 10.80 17.72
N LEU B 281 21.05 9.98 17.89
CA LEU B 281 21.13 8.61 18.35
C LEU B 281 21.99 7.88 17.36
N LEU B 282 21.76 8.08 16.07
CA LEU B 282 22.62 7.39 15.11
C LEU B 282 24.00 7.99 14.94
N TYR B 283 24.12 9.30 14.65
CA TYR B 283 25.43 9.79 14.27
C TYR B 283 26.15 10.42 15.46
N GLY B 284 25.54 10.55 16.63
CA GLY B 284 26.06 11.20 17.78
C GLY B 284 25.93 12.72 17.71
N GLY B 285 26.39 13.37 18.78
CA GLY B 285 26.36 14.82 18.93
C GLY B 285 25.51 15.11 20.13
N ILE B 286 24.95 16.32 20.06
CA ILE B 286 24.18 16.78 21.22
C ILE B 286 22.94 17.54 20.72
N TYR B 287 21.82 17.35 21.39
CA TYR B 287 20.62 18.01 20.95
C TYR B 287 20.19 18.72 22.23
N GLY B 288 19.73 19.96 22.02
CA GLY B 288 19.38 20.69 23.25
C GLY B 288 18.17 21.59 23.07
N TYR B 289 17.35 21.66 24.09
CA TYR B 289 16.26 22.54 24.26
C TYR B 289 16.40 23.22 25.65
N PRO B 290 17.22 24.26 25.64
CA PRO B 290 17.52 24.96 26.88
C PRO B 290 16.38 25.80 27.38
N ARG B 291 16.52 26.18 28.66
CA ARG B 291 15.58 27.22 29.13
C ARG B 291 16.06 28.55 28.47
N ASP B 292 15.21 29.52 28.36
CA ASP B 292 15.54 30.81 27.80
C ASP B 292 14.73 31.85 28.58
N LYS B 293 14.87 33.10 28.12
CA LYS B 293 14.21 34.20 28.85
C LYS B 293 12.72 34.10 28.67
N LYS B 294 12.24 33.56 27.58
CA LYS B 294 10.79 33.42 27.42
C LYS B 294 10.23 32.13 28.05
N SER B 295 10.89 30.99 27.89
CA SER B 295 10.53 29.70 28.46
C SER B 295 11.41 29.33 29.66
N LYS B 296 11.17 29.93 30.80
CA LYS B 296 12.00 29.93 32.00
C LYS B 296 12.42 28.59 32.53
N ASN B 297 11.61 27.54 32.30
CA ASN B 297 12.04 26.17 32.62
C ASN B 297 12.11 25.30 31.38
N GLY B 298 12.30 25.82 30.18
CA GLY B 298 12.34 25.05 28.95
C GLY B 298 10.95 24.82 28.41
N LYS B 299 10.85 24.19 27.26
CA LYS B 299 9.62 23.87 26.63
C LYS B 299 9.29 22.39 26.76
N LEU B 300 10.26 21.45 26.69
CA LEU B 300 9.84 20.03 26.63
C LEU B 300 9.25 19.59 27.95
N ARG B 301 8.18 18.77 27.93
CA ARG B 301 7.67 18.25 29.18
C ARG B 301 8.41 17.03 29.71
N LEU B 302 8.70 17.03 31.01
CA LEU B 302 9.46 16.04 31.67
C LEU B 302 8.86 14.65 31.37
N LEU B 303 7.65 14.41 31.75
CA LEU B 303 7.08 13.13 31.60
C LEU B 303 6.79 12.68 30.17
N TYR B 304 6.16 13.52 29.37
CA TYR B 304 5.69 13.15 28.03
C TYR B 304 6.75 13.08 26.99
N GLU B 305 7.74 13.97 27.03
CA GLU B 305 8.81 13.93 26.06
C GLU B 305 10.20 13.55 26.56
N CYS B 306 10.71 14.12 27.63
CA CYS B 306 12.09 14.00 28.01
C CYS B 306 12.42 12.61 28.56
N ALA B 307 11.48 12.05 29.32
CA ALA B 307 11.74 10.76 30.00
C ALA B 307 11.88 9.52 29.10
N PRO B 308 10.95 9.32 28.20
CA PRO B 308 11.05 8.18 27.25
C PRO B 308 12.27 8.39 26.41
N MET B 309 12.60 9.61 25.98
CA MET B 309 13.80 9.76 25.15
C MET B 309 15.07 9.55 26.00
N SER B 310 15.07 9.98 27.26
CA SER B 310 16.30 9.84 28.07
C SER B 310 16.49 8.33 28.36
N PHE B 311 15.44 7.56 28.69
CA PHE B 311 15.50 6.15 28.82
C PHE B 311 16.06 5.45 27.56
N ILE B 312 15.63 5.88 26.36
CA ILE B 312 16.21 5.31 25.16
C ILE B 312 17.66 5.66 25.08
N VAL B 313 18.04 6.98 25.32
CA VAL B 313 19.42 7.27 24.92
C VAL B 313 20.39 6.55 25.87
N GLU B 314 20.00 6.30 27.15
CA GLU B 314 20.76 5.58 28.13
C GLU B 314 20.93 4.10 27.77
N GLN B 315 19.97 3.47 27.09
CA GLN B 315 20.00 2.07 26.69
C GLN B 315 20.96 1.91 25.51
N ALA B 316 21.05 3.06 24.81
CA ALA B 316 21.95 3.10 23.63
C ALA B 316 23.40 3.47 24.02
N GLY B 317 23.59 3.90 25.26
CA GLY B 317 24.92 4.34 25.72
C GLY B 317 25.12 5.83 25.83
N GLY B 318 24.07 6.69 25.88
CA GLY B 318 24.38 8.14 25.80
C GLY B 318 23.91 8.71 27.09
N LYS B 319 23.54 9.99 27.08
CA LYS B 319 23.12 10.57 28.34
C LYS B 319 22.02 11.57 28.09
N GLY B 320 21.05 11.68 28.95
CA GLY B 320 20.03 12.67 28.97
C GLY B 320 20.07 13.44 30.29
N SER B 321 20.30 14.75 30.13
CA SER B 321 20.40 15.61 31.33
C SER B 321 19.65 16.91 31.18
N ASP B 322 19.42 17.61 32.29
CA ASP B 322 18.79 18.91 32.24
C ASP B 322 19.84 20.02 32.34
N GLY B 323 21.11 19.75 32.21
CA GLY B 323 22.11 20.79 32.40
C GLY B 323 22.95 20.48 33.67
N HIS B 324 22.35 19.97 34.72
CA HIS B 324 22.96 19.65 35.99
C HIS B 324 22.70 18.24 36.52
N GLN B 325 21.55 17.67 36.20
CA GLN B 325 21.11 16.38 36.70
C GLN B 325 20.61 15.43 35.60
N ARG B 326 20.64 14.16 35.90
CA ARG B 326 20.18 13.12 34.98
C ARG B 326 18.68 13.26 34.88
N VAL B 327 18.14 13.29 33.64
CA VAL B 327 16.65 13.48 33.59
C VAL B 327 15.89 12.43 34.36
N LEU B 328 16.38 11.17 34.31
CA LEU B 328 15.46 10.14 34.93
C LEU B 328 15.51 10.12 36.45
N ASP B 329 16.34 10.97 37.12
CA ASP B 329 16.44 11.12 38.52
C ASP B 329 15.47 12.21 38.95
N ILE B 330 14.91 12.99 38.03
CA ILE B 330 13.88 13.96 38.41
C ILE B 330 12.52 13.29 38.49
N GLN B 331 11.86 13.11 39.61
CA GLN B 331 10.57 12.60 39.68
C GLN B 331 9.61 13.75 39.24
N PRO B 332 8.66 13.36 38.41
CA PRO B 332 7.56 14.21 38.01
C PRO B 332 6.72 14.52 39.26
N THR B 333 6.52 15.81 39.52
CA THR B 333 5.75 16.23 40.70
C THR B 333 4.55 17.11 40.33
N GLU B 334 4.57 17.74 39.17
CA GLU B 334 3.48 18.72 38.88
C GLU B 334 2.82 18.44 37.54
N ILE B 335 1.58 18.85 37.30
CA ILE B 335 0.84 18.55 36.11
C ILE B 335 1.51 19.03 34.82
N HIS B 336 2.08 20.22 34.72
CA HIS B 336 2.65 20.46 33.37
C HIS B 336 4.14 20.79 33.51
N GLN B 337 4.87 19.83 34.07
CA GLN B 337 6.25 20.10 34.41
C GLN B 337 7.12 20.00 33.18
N ARG B 338 7.87 21.10 32.99
CA ARG B 338 8.81 21.22 31.88
C ARG B 338 10.24 21.21 32.36
N VAL B 339 11.20 20.78 31.55
CA VAL B 339 12.56 20.87 32.01
C VAL B 339 13.37 21.16 30.73
N PRO B 340 14.56 21.73 30.87
CA PRO B 340 15.49 21.87 29.81
C PRO B 340 16.08 20.47 29.48
N LEU B 341 16.56 20.25 28.27
CA LEU B 341 17.01 18.88 27.95
C LEU B 341 18.29 19.01 27.14
N TYR B 342 19.33 18.30 27.53
CA TYR B 342 20.56 18.17 26.82
C TYR B 342 20.69 16.63 26.67
N ILE B 343 20.81 16.19 25.40
CA ILE B 343 20.78 14.78 25.17
C ILE B 343 21.64 14.41 24.00
N GLY B 344 22.20 13.19 24.11
CA GLY B 344 23.09 12.70 23.09
C GLY B 344 24.36 12.00 23.53
N SER B 345 25.43 12.07 22.73
CA SER B 345 26.67 11.36 23.14
C SER B 345 27.16 11.84 24.49
N THR B 346 27.48 10.89 25.34
CA THR B 346 27.92 11.11 26.71
C THR B 346 28.95 12.23 26.85
N GLU B 347 29.91 12.20 25.95
CA GLU B 347 31.00 13.20 26.04
C GLU B 347 30.48 14.55 25.60
N GLU B 348 29.50 14.56 24.67
CA GLU B 348 28.96 15.92 24.35
C GLU B 348 28.12 16.46 25.49
N VAL B 349 27.34 15.63 26.20
CA VAL B 349 26.49 16.12 27.26
C VAL B 349 27.28 16.55 28.51
N GLU B 350 28.29 15.77 28.84
CA GLU B 350 29.21 16.12 29.97
C GLU B 350 29.86 17.46 29.68
N LYS B 351 30.29 17.70 28.45
CA LYS B 351 30.86 18.98 28.09
C LYS B 351 29.85 20.10 28.36
N VAL B 352 28.56 19.93 27.96
CA VAL B 352 27.71 21.08 28.21
C VAL B 352 27.57 21.34 29.71
N GLU B 353 27.46 20.31 30.53
CA GLU B 353 27.29 20.41 31.95
C GLU B 353 28.51 21.11 32.58
N LYS B 354 29.71 20.90 32.09
CA LYS B 354 30.82 21.68 32.70
C LYS B 354 30.55 23.18 32.50
N TYR B 355 29.99 23.62 31.36
CA TYR B 355 29.80 25.05 31.11
C TYR B 355 28.71 25.61 31.99
N LEU B 356 27.74 24.80 32.36
CA LEU B 356 26.55 25.25 33.03
C LEU B 356 26.70 25.15 34.54
N ALA B 357 27.76 24.49 34.94
CA ALA B 357 28.01 24.17 36.32
C ALA B 357 28.32 25.54 37.00
N TYR C 16 -12.66 -3.38 22.44
CA TYR C 16 -11.82 -4.00 21.40
C TYR C 16 -12.41 -3.66 20.04
N GLU C 17 -11.78 -2.74 19.33
CA GLU C 17 -12.21 -2.25 18.02
C GLU C 17 -11.38 -2.96 16.96
N ILE C 18 -10.05 -2.72 16.90
CA ILE C 18 -9.30 -3.41 15.87
C ILE C 18 -8.35 -4.42 16.48
N ILE C 19 -8.65 -5.68 16.32
CA ILE C 19 -7.94 -6.80 16.88
C ILE C 19 -7.18 -7.47 15.75
N THR C 20 -5.87 -7.51 15.80
CA THR C 20 -5.16 -8.15 14.73
C THR C 20 -5.05 -9.63 15.08
N LEU C 21 -4.42 -10.35 14.12
CA LEU C 21 -4.34 -11.82 14.37
C LEU C 21 -3.30 -12.03 15.45
N THR C 22 -2.19 -11.23 15.46
CA THR C 22 -1.25 -11.43 16.57
C THR C 22 -1.82 -11.27 17.98
N SER C 23 -2.71 -10.29 18.15
CA SER C 23 -3.32 -9.95 19.42
C SER C 23 -4.32 -11.00 19.78
N TRP C 24 -5.15 -11.45 18.82
CA TRP C 24 -6.15 -12.46 19.08
C TRP C 24 -5.44 -13.77 19.49
N LEU C 25 -4.29 -14.08 18.84
CA LEU C 25 -3.63 -15.33 19.20
C LEU C 25 -3.12 -15.27 20.64
N LEU C 26 -2.50 -14.14 20.98
CA LEU C 26 -1.91 -13.92 22.31
C LEU C 26 -3.02 -13.91 23.34
N GLN C 27 -4.22 -13.45 22.97
CA GLN C 27 -5.30 -13.62 23.96
C GLN C 27 -5.69 -15.08 24.03
N GLN C 28 -5.55 -15.90 22.95
CA GLN C 28 -6.00 -17.33 23.17
C GLN C 28 -5.01 -18.00 24.13
N GLU C 29 -3.71 -17.64 23.92
CA GLU C 29 -2.64 -18.19 24.76
C GLU C 29 -2.89 -17.77 26.22
N GLN C 30 -3.23 -16.50 26.49
CA GLN C 30 -3.46 -16.01 27.85
C GLN C 30 -4.61 -16.77 28.54
N LYS C 31 -5.64 -17.15 27.77
CA LYS C 31 -6.75 -17.90 28.32
C LYS C 31 -6.37 -19.37 28.36
N GLY C 32 -5.18 -19.76 27.96
CA GLY C 32 -4.63 -21.08 27.97
C GLY C 32 -5.24 -22.00 26.92
N ILE C 33 -6.00 -21.45 25.95
CA ILE C 33 -6.54 -22.31 24.92
C ILE C 33 -5.40 -22.79 24.06
N ILE C 34 -4.33 -21.99 23.88
CA ILE C 34 -3.21 -22.45 23.10
C ILE C 34 -1.98 -22.07 23.87
N ASP C 35 -0.92 -22.68 23.46
CA ASP C 35 0.46 -22.72 23.84
C ASP C 35 1.16 -21.56 23.15
N ALA C 36 2.31 -21.14 23.66
CA ALA C 36 3.08 -20.07 23.05
C ALA C 36 3.73 -20.64 21.76
N GLU C 37 4.01 -21.95 21.83
CA GLU C 37 4.62 -22.61 20.69
C GLU C 37 3.66 -22.56 19.48
N LEU C 38 2.41 -22.88 19.72
CA LEU C 38 1.43 -22.87 18.69
C LEU C 38 1.12 -21.48 18.17
N THR C 39 1.17 -20.50 19.13
CA THR C 39 0.95 -19.10 18.83
C THR C 39 1.90 -18.72 17.72
N ILE C 40 3.18 -19.07 17.91
CA ILE C 40 4.19 -18.76 16.91
C ILE C 40 3.98 -19.55 15.62
N VAL C 41 3.53 -20.82 15.67
CA VAL C 41 3.33 -21.67 14.48
C VAL C 41 2.24 -20.97 13.66
N LEU C 42 1.17 -20.54 14.33
CA LEU C 42 0.06 -19.88 13.71
C LEU C 42 0.42 -18.56 13.06
N SER C 43 1.19 -17.75 13.77
CA SER C 43 1.60 -16.42 13.33
C SER C 43 2.59 -16.61 12.20
N SER C 44 3.41 -17.67 12.25
CA SER C 44 4.27 -17.93 11.09
C SER C 44 3.46 -18.44 9.88
N ILE C 45 2.46 -19.26 10.03
CA ILE C 45 1.62 -19.68 8.92
C ILE C 45 1.02 -18.45 8.25
N SER C 46 0.46 -17.55 9.11
CA SER C 46 -0.15 -16.36 8.51
C SER C 46 0.85 -15.48 7.79
N MET C 47 2.11 -15.46 8.21
CA MET C 47 3.05 -14.64 7.42
C MET C 47 3.33 -15.34 6.14
N ALA C 48 3.42 -16.75 6.15
CA ALA C 48 3.66 -17.30 4.82
C ALA C 48 2.48 -16.92 3.89
N CYS C 49 1.22 -17.02 4.36
CA CYS C 49 0.04 -16.71 3.58
C CYS C 49 0.08 -15.26 3.08
N LYS C 50 0.57 -14.27 3.84
CA LYS C 50 0.67 -12.95 3.41
C LYS C 50 1.58 -12.93 2.17
N GLN C 51 2.73 -13.64 2.25
CA GLN C 51 3.68 -13.52 1.13
C GLN C 51 3.16 -14.30 -0.06
N ILE C 52 2.40 -15.38 0.17
CA ILE C 52 1.85 -16.14 -0.98
C ILE C 52 0.80 -15.30 -1.67
N ALA C 53 0.12 -14.46 -0.87
CA ALA C 53 -0.94 -13.63 -1.45
C ALA C 53 -0.32 -12.74 -2.53
N SER C 54 0.69 -12.01 -2.16
CA SER C 54 1.48 -11.07 -2.96
C SER C 54 2.08 -11.78 -4.16
N LEU C 55 2.55 -13.05 -4.01
CA LEU C 55 2.97 -13.79 -5.23
C LEU C 55 1.80 -14.04 -6.21
N VAL C 56 0.62 -14.41 -5.70
CA VAL C 56 -0.52 -14.73 -6.51
C VAL C 56 -0.96 -13.42 -7.20
N GLN C 57 -0.85 -12.29 -6.45
CA GLN C 57 -1.30 -11.06 -7.01
C GLN C 57 -0.42 -10.57 -8.16
N ARG C 58 0.85 -10.83 -8.10
CA ARG C 58 1.83 -10.20 -8.97
C ARG C 58 2.18 -11.27 -10.00
N ALA C 59 1.65 -12.49 -9.97
CA ALA C 59 2.05 -13.60 -10.83
C ALA C 59 2.12 -13.20 -12.31
N ASN C 60 1.17 -12.45 -12.88
CA ASN C 60 1.32 -12.07 -14.28
C ASN C 60 2.57 -11.19 -14.44
N ILE C 61 2.92 -10.36 -13.45
CA ILE C 61 4.02 -9.45 -13.63
C ILE C 61 5.34 -10.22 -13.56
N SER C 62 5.55 -10.98 -12.53
CA SER C 62 6.75 -11.77 -12.30
C SER C 62 7.02 -12.69 -13.49
N ASN C 63 6.07 -13.06 -14.36
CA ASN C 63 6.48 -13.76 -15.58
C ASN C 63 6.90 -12.79 -16.68
N LEU C 64 6.06 -11.86 -17.09
CA LEU C 64 6.41 -10.95 -18.20
C LEU C 64 5.73 -9.62 -18.00
N THR C 65 6.08 -9.06 -16.86
CA THR C 65 5.42 -7.84 -16.42
C THR C 65 4.99 -7.11 -17.67
N GLU C 76 3.38 -18.21 -16.84
CA GLU C 76 2.37 -18.25 -15.77
C GLU C 76 1.74 -19.63 -15.65
N ASP C 77 2.17 -20.32 -14.61
CA ASP C 77 1.76 -21.67 -14.29
C ASP C 77 1.51 -21.65 -12.76
N GLN C 78 0.39 -22.27 -12.45
CA GLN C 78 -0.16 -22.47 -11.14
C GLN C 78 0.68 -23.54 -10.44
N LYS C 79 1.29 -24.42 -11.23
CA LYS C 79 2.24 -25.43 -10.85
C LYS C 79 3.50 -24.84 -10.24
N LYS C 80 4.19 -23.94 -10.89
CA LYS C 80 5.35 -23.22 -10.43
C LYS C 80 5.07 -22.41 -9.16
N LEU C 81 3.90 -21.77 -9.04
CA LEU C 81 3.51 -21.04 -7.84
C LEU C 81 3.40 -22.00 -6.65
N ASP C 82 2.94 -23.21 -6.84
CA ASP C 82 2.84 -24.23 -5.82
C ASP C 82 4.23 -24.43 -5.21
N VAL C 83 5.30 -24.40 -6.02
CA VAL C 83 6.64 -24.67 -5.53
C VAL C 83 7.30 -23.59 -4.73
N ILE C 84 7.14 -22.36 -5.20
CA ILE C 84 7.70 -21.20 -4.50
C ILE C 84 6.93 -20.96 -3.19
N SER C 85 5.63 -21.30 -3.25
CA SER C 85 4.77 -21.13 -2.09
C SER C 85 5.20 -22.07 -0.94
N ASN C 86 5.60 -23.26 -1.28
CA ASN C 86 6.13 -24.27 -0.35
C ASN C 86 7.47 -23.84 0.21
N GLU C 87 8.33 -23.21 -0.59
CA GLU C 87 9.57 -22.67 -0.09
C GLU C 87 9.31 -21.42 0.77
N VAL C 88 8.22 -20.68 0.44
CA VAL C 88 8.05 -19.49 1.38
C VAL C 88 7.58 -20.08 2.69
N PHE C 89 6.71 -21.11 2.64
CA PHE C 89 6.21 -21.69 3.87
C PHE C 89 7.38 -22.26 4.68
N SER C 90 8.33 -22.94 3.99
CA SER C 90 9.44 -23.54 4.74
C SER C 90 10.25 -22.43 5.40
N ASN C 91 10.60 -21.36 4.61
CA ASN C 91 11.33 -20.29 5.23
C ASN C 91 10.59 -19.66 6.40
N CYS C 92 9.28 -19.41 6.29
CA CYS C 92 8.52 -18.81 7.40
C CYS C 92 8.45 -19.64 8.65
N LEU C 93 8.57 -20.96 8.53
CA LEU C 93 8.46 -21.86 9.66
C LEU C 93 9.78 -22.43 10.16
N ARG C 94 10.88 -21.81 9.78
CA ARG C 94 12.22 -22.27 10.07
C ARG C 94 12.52 -22.28 11.57
N SER C 95 12.09 -21.29 12.31
CA SER C 95 12.28 -21.20 13.74
C SER C 95 11.40 -22.19 14.50
N SER C 96 10.34 -22.74 13.92
CA SER C 96 9.56 -23.70 14.63
C SER C 96 9.92 -25.16 14.31
N GLY C 97 10.47 -25.44 13.10
CA GLY C 97 10.68 -26.85 12.81
C GLY C 97 11.28 -26.92 11.39
N ARG C 98 11.45 -28.16 10.94
CA ARG C 98 11.98 -28.52 9.64
C ARG C 98 10.77 -28.96 8.77
N THR C 99 10.86 -28.68 7.51
CA THR C 99 9.86 -28.85 6.50
C THR C 99 10.29 -29.74 5.36
N GLY C 100 9.41 -30.69 5.05
CA GLY C 100 9.78 -31.50 3.88
C GLY C 100 8.52 -31.52 2.99
N ILE C 101 8.67 -32.11 1.81
CA ILE C 101 7.61 -32.16 0.82
C ILE C 101 7.19 -33.53 0.38
N ILE C 102 5.90 -33.76 0.33
CA ILE C 102 5.28 -34.97 -0.20
C ILE C 102 5.05 -34.72 -1.69
N ALA C 103 5.86 -35.34 -2.54
CA ALA C 103 5.77 -35.11 -3.98
C ALA C 103 4.38 -35.53 -4.46
N SER C 104 3.73 -34.67 -5.23
CA SER C 104 2.43 -34.78 -5.84
C SER C 104 2.32 -35.99 -6.77
N GLU C 105 1.29 -36.81 -6.60
CA GLU C 105 1.23 -37.96 -7.51
C GLU C 105 0.97 -37.47 -8.94
N GLU C 106 -0.26 -36.99 -9.18
CA GLU C 106 -0.68 -36.66 -10.54
C GLU C 106 -0.66 -35.21 -10.97
N GLU C 107 -1.84 -34.59 -10.93
CA GLU C 107 -2.03 -33.17 -11.16
C GLU C 107 -2.33 -32.56 -9.78
N ASP C 108 -1.97 -33.26 -8.72
CA ASP C 108 -2.19 -32.89 -7.32
C ASP C 108 -1.13 -31.87 -6.93
N VAL C 109 -1.32 -30.99 -6.00
CA VAL C 109 -0.38 -30.01 -5.51
C VAL C 109 0.58 -30.72 -4.55
N PRO C 110 1.81 -30.40 -4.68
CA PRO C 110 2.79 -30.94 -3.66
C PRO C 110 2.49 -30.35 -2.28
N VAL C 111 2.46 -31.12 -1.23
CA VAL C 111 2.13 -30.79 0.13
C VAL C 111 3.33 -30.54 0.99
N ALA C 112 3.51 -29.37 1.67
CA ALA C 112 4.63 -29.22 2.57
C ALA C 112 4.24 -29.74 3.95
N VAL C 113 5.21 -30.36 4.64
CA VAL C 113 4.89 -30.92 5.94
C VAL C 113 5.97 -30.39 6.89
N GLU C 114 5.55 -29.71 7.98
CA GLU C 114 6.55 -29.15 8.90
C GLU C 114 6.53 -29.92 10.20
N GLU C 115 7.71 -30.25 10.72
CA GLU C 115 7.69 -31.02 11.99
C GLU C 115 8.40 -30.19 13.04
N SER C 116 7.64 -29.75 14.03
CA SER C 116 8.30 -28.78 14.98
C SER C 116 9.48 -29.48 15.63
N TYR C 117 10.53 -28.75 15.87
CA TYR C 117 11.75 -29.22 16.48
C TYR C 117 11.47 -29.84 17.84
N SER C 118 10.48 -29.36 18.58
CA SER C 118 10.12 -29.94 19.84
C SER C 118 9.35 -31.26 19.70
N GLY C 119 8.99 -31.72 18.52
CA GLY C 119 8.08 -32.88 18.47
C GLY C 119 6.64 -32.60 18.91
N ASN C 120 6.17 -31.38 19.25
CA ASN C 120 4.76 -31.30 19.69
C ASN C 120 3.76 -31.16 18.55
N TYR C 121 4.17 -30.57 17.40
CA TYR C 121 3.18 -30.27 16.38
C TYR C 121 3.71 -30.69 15.02
N ILE C 122 2.79 -31.06 14.16
CA ILE C 122 3.10 -31.29 12.76
C ILE C 122 2.12 -30.40 11.97
N VAL C 123 2.63 -29.60 11.03
CA VAL C 123 1.74 -28.80 10.20
C VAL C 123 1.65 -29.39 8.80
N VAL C 124 0.47 -29.68 8.26
CA VAL C 124 0.37 -30.23 6.89
C VAL C 124 -0.19 -29.10 6.02
N PHE C 125 0.61 -28.58 5.11
CA PHE C 125 0.25 -27.37 4.42
C PHE C 125 0.05 -27.64 2.93
N ASP C 126 -1.16 -27.32 2.46
CA ASP C 126 -1.41 -27.34 0.99
C ASP C 126 -1.12 -25.94 0.48
N PRO C 127 -0.08 -25.66 -0.28
CA PRO C 127 0.25 -24.27 -0.62
C PRO C 127 -0.87 -23.54 -1.35
N LEU C 128 -1.44 -24.21 -2.36
CA LEU C 128 -2.52 -23.57 -3.19
C LEU C 128 -3.53 -24.67 -3.37
N ASP C 129 -4.73 -24.42 -3.82
CA ASP C 129 -5.79 -25.37 -3.80
C ASP C 129 -5.92 -26.09 -5.13
N GLY C 130 -5.04 -25.89 -6.09
CA GLY C 130 -5.05 -26.58 -7.35
C GLY C 130 -3.77 -26.28 -8.16
N SER C 131 -3.69 -26.98 -9.31
CA SER C 131 -2.50 -26.81 -10.16
C SER C 131 -2.94 -26.39 -11.54
N SER C 132 -4.20 -26.03 -11.67
CA SER C 132 -4.74 -25.56 -12.94
C SER C 132 -4.87 -24.04 -13.00
N ASN C 133 -4.52 -23.38 -14.10
CA ASN C 133 -4.70 -21.97 -14.28
C ASN C 133 -6.18 -21.56 -14.42
N LEU C 134 -6.92 -22.47 -15.08
CA LEU C 134 -8.33 -22.24 -15.32
C LEU C 134 -9.00 -22.02 -13.96
N ASP C 135 -8.80 -22.96 -13.05
CA ASP C 135 -9.43 -22.99 -11.73
C ASP C 135 -8.88 -21.92 -10.76
N ALA C 136 -7.81 -21.25 -11.11
CA ALA C 136 -7.21 -20.19 -10.34
C ALA C 136 -7.37 -18.88 -11.10
N ALA C 137 -8.34 -18.82 -12.04
CA ALA C 137 -8.44 -17.49 -12.72
C ALA C 137 -8.91 -16.38 -11.75
N VAL C 138 -9.75 -16.65 -10.76
CA VAL C 138 -10.19 -15.52 -9.88
C VAL C 138 -9.81 -15.77 -8.43
N SER C 139 -9.52 -17.03 -8.05
CA SER C 139 -9.23 -17.32 -6.68
C SER C 139 -8.45 -18.64 -6.54
N THR C 140 -7.74 -18.65 -5.41
CA THR C 140 -7.02 -19.80 -4.95
C THR C 140 -6.84 -19.63 -3.42
N GLY C 141 -6.15 -20.63 -2.81
CA GLY C 141 -5.98 -20.47 -1.37
C GLY C 141 -5.08 -21.54 -0.78
N SER C 142 -4.54 -21.31 0.41
CA SER C 142 -3.76 -22.34 1.11
C SER C 142 -4.67 -22.99 2.19
N ILE C 143 -4.44 -24.25 2.50
CA ILE C 143 -5.13 -25.05 3.48
C ILE C 143 -4.12 -25.70 4.42
N PHE C 144 -4.43 -25.68 5.72
CA PHE C 144 -3.47 -26.31 6.66
C PHE C 144 -4.25 -26.99 7.78
N GLY C 145 -3.60 -27.99 8.37
CA GLY C 145 -4.13 -28.74 9.49
C GLY C 145 -2.97 -28.85 10.49
N ILE C 146 -3.17 -28.76 11.77
CA ILE C 146 -2.10 -28.86 12.75
C ILE C 146 -2.47 -30.05 13.68
N TYR C 147 -1.50 -30.97 13.76
CA TYR C 147 -1.75 -32.22 14.46
C TYR C 147 -0.73 -32.28 15.63
N SER C 148 -1.17 -32.98 16.67
CA SER C 148 -0.34 -33.23 17.85
C SER C 148 0.13 -34.69 17.72
N PRO C 149 1.31 -34.95 17.23
CA PRO C 149 1.84 -36.24 16.91
C PRO C 149 2.28 -37.09 18.07
N ASN C 150 2.31 -38.39 17.78
CA ASN C 150 2.77 -39.37 18.76
C ASN C 150 4.15 -39.91 18.40
N ASP C 151 4.76 -39.47 17.30
CA ASP C 151 6.06 -39.91 16.86
C ASP C 151 6.79 -38.85 16.06
N GLU C 152 8.04 -39.10 15.74
CA GLU C 152 8.87 -38.28 14.89
C GLU C 152 8.99 -38.93 13.52
N CYS C 153 8.73 -38.12 12.50
CA CYS C 153 8.84 -38.58 11.12
C CYS C 153 10.08 -38.07 10.43
N LEU C 154 10.03 -36.88 9.85
CA LEU C 154 11.20 -36.42 9.14
C LEU C 154 12.38 -36.47 10.10
N PRO C 155 13.46 -36.17 9.40
CA PRO C 155 14.69 -36.04 10.18
C PRO C 155 15.63 -35.57 9.09
N ASP C 156 16.25 -34.47 9.48
CA ASP C 156 17.24 -33.86 8.64
C ASP C 156 16.71 -33.44 7.27
N PHE C 157 17.71 -32.82 6.63
CA PHE C 157 17.60 -32.34 5.28
C PHE C 157 18.96 -32.50 4.55
N ASP C 162 14.57 -29.44 -3.88
CA ASP C 162 14.71 -30.61 -3.04
C ASP C 162 15.98 -30.56 -2.20
N ASP C 163 15.98 -31.24 -1.14
CA ASP C 163 16.09 -31.98 0.05
C ASP C 163 14.56 -32.19 0.18
N ASN C 164 13.87 -31.38 0.94
CA ASN C 164 12.42 -31.36 0.89
C ASN C 164 11.74 -32.65 0.54
N THR C 165 11.77 -33.24 -0.65
CA THR C 165 11.10 -34.50 -0.87
C THR C 165 11.30 -35.54 0.23
N LEU C 166 10.18 -36.01 0.76
CA LEU C 166 10.14 -37.08 1.74
C LEU C 166 10.12 -38.41 0.98
N GLY C 167 10.80 -39.39 1.56
CA GLY C 167 10.80 -40.68 0.82
C GLY C 167 9.53 -41.40 1.27
N THR C 168 9.31 -42.58 0.68
CA THR C 168 8.18 -43.40 1.01
C THR C 168 7.95 -43.56 2.50
N GLU C 169 9.01 -43.82 3.20
CA GLU C 169 8.98 -44.13 4.61
C GLU C 169 8.57 -42.89 5.42
N GLU C 170 9.08 -41.71 5.14
CA GLU C 170 8.65 -40.53 5.93
C GLU C 170 7.21 -40.24 5.67
N GLN C 171 6.82 -40.37 4.37
CA GLN C 171 5.43 -40.21 3.98
C GLN C 171 4.47 -41.10 4.73
N ARG C 172 4.85 -42.36 4.89
CA ARG C 172 3.95 -43.32 5.57
C ARG C 172 3.89 -42.91 7.04
N CYS C 173 5.05 -42.55 7.61
CA CYS C 173 5.03 -42.12 9.03
C CYS C 173 3.98 -41.01 9.15
N ILE C 174 4.19 -39.95 8.30
CA ILE C 174 3.26 -38.80 8.39
C ILE C 174 1.81 -39.13 8.27
N VAL C 175 1.42 -40.07 7.42
CA VAL C 175 0.07 -40.52 7.22
C VAL C 175 -0.38 -41.33 8.44
N ASN C 176 0.56 -42.00 9.09
CA ASN C 176 0.19 -42.76 10.27
C ASN C 176 0.06 -41.89 11.52
N VAL C 177 0.89 -40.86 11.62
CA VAL C 177 0.84 -39.98 12.80
C VAL C 177 -0.27 -38.95 12.75
N CYS C 178 -0.73 -38.53 11.57
CA CYS C 178 -1.71 -37.46 11.53
C CYS C 178 -3.08 -38.08 11.39
N GLN C 179 -3.82 -38.05 12.47
CA GLN C 179 -5.12 -38.69 12.51
C GLN C 179 -6.19 -37.65 12.71
N PRO C 180 -6.83 -37.26 11.63
CA PRO C 180 -7.83 -36.23 11.67
C PRO C 180 -8.83 -36.36 12.79
N GLY C 181 -9.28 -37.56 13.09
CA GLY C 181 -10.32 -37.75 14.07
C GLY C 181 -9.79 -37.65 15.49
N SER C 182 -8.48 -37.70 15.77
CA SER C 182 -8.09 -37.66 17.18
C SER C 182 -7.00 -36.68 17.52
N ASN C 183 -5.96 -36.50 16.68
CA ASN C 183 -5.04 -35.43 17.06
C ASN C 183 -4.99 -34.19 16.15
N LEU C 184 -6.01 -33.85 15.39
CA LEU C 184 -6.11 -32.64 14.57
C LEU C 184 -6.48 -31.48 15.52
N LEU C 185 -5.62 -30.59 15.89
CA LEU C 185 -5.82 -29.52 16.89
C LEU C 185 -6.35 -28.23 16.31
N ALA C 186 -5.79 -27.83 15.12
CA ALA C 186 -6.27 -26.61 14.50
C ALA C 186 -6.29 -26.80 13.00
N ALA C 187 -7.12 -26.00 12.32
CA ALA C 187 -7.12 -26.06 10.88
C ALA C 187 -7.58 -24.71 10.39
N GLY C 188 -7.22 -24.47 9.15
CA GLY C 188 -7.63 -23.21 8.53
C GLY C 188 -7.31 -23.20 7.03
N TYR C 189 -7.62 -22.07 6.45
CA TYR C 189 -7.26 -21.72 5.11
C TYR C 189 -7.11 -20.22 4.94
N CYS C 190 -6.35 -19.86 3.93
CA CYS C 190 -6.25 -18.47 3.53
C CYS C 190 -6.72 -18.44 2.07
N MET C 191 -7.78 -17.69 1.82
CA MET C 191 -8.27 -17.54 0.49
C MET C 191 -7.63 -16.29 -0.15
N TYR C 192 -7.10 -16.38 -1.35
CA TYR C 192 -6.56 -15.24 -2.09
C TYR C 192 -7.56 -14.92 -3.19
N SER C 193 -8.34 -13.88 -2.99
CA SER C 193 -9.39 -13.53 -3.99
C SER C 193 -9.53 -12.04 -3.97
N SER C 194 -10.65 -11.40 -4.25
CA SER C 194 -10.86 -9.98 -4.20
C SER C 194 -10.45 -9.47 -2.84
N SER C 195 -10.55 -10.28 -1.81
CA SER C 195 -9.96 -9.86 -0.53
C SER C 195 -9.12 -11.03 -0.09
N VAL C 196 -8.25 -10.89 0.89
CA VAL C 196 -7.46 -12.03 1.32
C VAL C 196 -7.98 -12.34 2.73
N ILE C 197 -8.51 -13.56 2.89
CA ILE C 197 -9.21 -14.00 4.06
C ILE C 197 -8.60 -15.19 4.78
N PHE C 198 -8.25 -14.96 6.05
CA PHE C 198 -7.58 -16.04 6.82
C PHE C 198 -8.65 -16.59 7.76
N VAL C 199 -9.02 -17.84 7.64
CA VAL C 199 -10.11 -18.49 8.37
C VAL C 199 -9.50 -19.52 9.29
N LEU C 200 -9.82 -19.58 10.58
CA LEU C 200 -9.07 -20.47 11.45
C LEU C 200 -10.02 -21.00 12.52
N THR C 201 -9.69 -22.18 13.03
CA THR C 201 -10.32 -22.82 14.15
C THR C 201 -9.25 -23.55 14.94
N ILE C 202 -9.17 -23.22 16.22
CA ILE C 202 -8.31 -23.86 17.17
C ILE C 202 -9.15 -24.77 18.07
N GLY C 203 -10.31 -25.23 17.59
CA GLY C 203 -11.14 -26.14 18.36
C GLY C 203 -12.34 -25.46 19.02
N LYS C 204 -12.50 -24.14 18.94
CA LYS C 204 -13.61 -23.50 19.64
C LYS C 204 -14.33 -22.48 18.80
N GLY C 205 -14.76 -22.86 17.61
CA GLY C 205 -15.51 -21.89 16.78
C GLY C 205 -14.50 -21.51 15.65
N VAL C 206 -15.02 -20.92 14.64
CA VAL C 206 -14.50 -20.41 13.44
C VAL C 206 -14.34 -18.91 13.49
N PHE C 207 -13.08 -18.46 13.27
CA PHE C 207 -12.78 -17.01 13.27
C PHE C 207 -12.21 -16.54 11.95
N VAL C 208 -12.67 -15.42 11.44
CA VAL C 208 -12.38 -14.84 10.14
C VAL C 208 -11.52 -13.61 10.27
N PHE C 209 -10.36 -13.56 9.71
CA PHE C 209 -9.48 -12.43 9.70
C PHE C 209 -9.33 -11.98 8.23
N THR C 210 -9.57 -10.73 7.96
CA THR C 210 -9.30 -10.05 6.72
C THR C 210 -7.98 -9.32 6.65
N LEU C 211 -7.17 -9.59 5.58
CA LEU C 211 -5.91 -8.92 5.36
C LEU C 211 -6.17 -7.45 5.06
N ASP C 212 -5.56 -6.51 5.72
CA ASP C 212 -5.71 -5.08 5.54
C ASP C 212 -4.49 -4.72 4.69
N PRO C 213 -4.72 -4.59 3.40
CA PRO C 213 -3.57 -4.37 2.52
C PRO C 213 -2.83 -3.08 2.86
N LEU C 214 -3.44 -2.05 3.44
CA LEU C 214 -2.72 -0.83 3.77
C LEU C 214 -1.70 -1.09 4.86
N TYR C 215 -2.05 -1.97 5.83
CA TYR C 215 -1.21 -2.12 6.99
C TYR C 215 -0.55 -3.42 7.18
N GLY C 216 -0.61 -4.33 6.23
CA GLY C 216 0.00 -5.63 6.21
C GLY C 216 -0.44 -6.54 7.34
N GLU C 217 -1.61 -6.36 7.92
CA GLU C 217 -1.92 -7.23 9.07
C GLU C 217 -3.29 -7.87 8.81
N PHE C 218 -3.50 -9.01 9.41
CA PHE C 218 -4.79 -9.67 9.43
C PHE C 218 -5.56 -9.10 10.60
N VAL C 219 -6.80 -8.73 10.29
CA VAL C 219 -7.65 -8.12 11.27
C VAL C 219 -8.91 -8.96 11.46
N LEU C 220 -9.31 -9.15 12.70
CA LEU C 220 -10.52 -9.91 13.04
C LEU C 220 -11.72 -9.26 12.48
N THR C 221 -12.50 -9.93 11.64
CA THR C 221 -13.69 -9.31 11.02
C THR C 221 -14.89 -10.17 11.24
N GLN C 222 -14.72 -11.39 11.73
CA GLN C 222 -15.92 -12.11 12.22
C GLN C 222 -15.55 -13.18 13.24
N GLU C 223 -16.32 -13.29 14.30
CA GLU C 223 -15.99 -14.23 15.37
C GLU C 223 -17.02 -15.34 15.39
N ASN C 224 -16.68 -16.58 15.69
CA ASN C 224 -17.71 -17.63 15.74
C ASN C 224 -18.62 -17.79 14.56
N LEU C 225 -18.11 -17.72 13.33
CA LEU C 225 -18.96 -17.89 12.13
C LEU C 225 -19.72 -19.19 12.29
N GLN C 226 -20.93 -19.26 11.85
CA GLN C 226 -21.87 -20.35 11.76
C GLN C 226 -22.37 -20.46 10.33
N ILE C 227 -22.14 -21.60 9.66
CA ILE C 227 -22.74 -21.75 8.33
C ILE C 227 -24.24 -22.04 8.51
N PRO C 228 -25.07 -21.44 7.69
CA PRO C 228 -26.50 -21.64 7.72
C PRO C 228 -26.79 -23.13 7.60
N LYS C 229 -27.83 -23.55 8.28
CA LYS C 229 -28.24 -24.95 8.30
C LYS C 229 -28.86 -25.40 7.00
N SER C 230 -29.28 -24.51 6.14
CA SER C 230 -29.89 -24.73 4.84
C SER C 230 -29.42 -23.65 3.90
N GLY C 231 -29.45 -23.84 2.61
CA GLY C 231 -29.13 -22.82 1.61
C GLY C 231 -29.34 -23.42 0.25
N LYS C 232 -30.08 -22.79 -0.61
CA LYS C 232 -30.43 -23.26 -1.92
C LYS C 232 -29.36 -22.97 -2.95
N ILE C 233 -28.15 -23.39 -2.66
CA ILE C 233 -27.03 -23.14 -3.54
C ILE C 233 -26.34 -24.50 -3.64
N TYR C 234 -26.01 -24.93 -4.86
CA TYR C 234 -25.29 -26.20 -4.98
C TYR C 234 -24.09 -25.92 -5.86
N SER C 235 -22.97 -26.53 -5.50
CA SER C 235 -21.75 -26.26 -6.19
C SER C 235 -21.13 -27.58 -6.57
N PHE C 236 -21.25 -27.89 -7.88
CA PHE C 236 -20.64 -29.14 -8.39
C PHE C 236 -20.25 -28.87 -9.85
N ASN C 237 -19.33 -29.67 -10.36
CA ASN C 237 -18.97 -29.46 -11.76
C ASN C 237 -19.95 -30.32 -12.56
N GLU C 238 -21.06 -29.82 -13.04
CA GLU C 238 -22.09 -30.50 -13.78
C GLU C 238 -21.69 -30.86 -15.21
N GLY C 239 -20.45 -30.60 -15.60
CA GLY C 239 -20.01 -31.05 -16.90
C GLY C 239 -19.78 -32.57 -16.77
N ASN C 240 -19.58 -33.07 -15.57
CA ASN C 240 -19.40 -34.42 -15.21
C ASN C 240 -20.68 -35.22 -14.97
N TYR C 241 -21.82 -34.65 -15.09
CA TYR C 241 -23.11 -35.27 -14.85
C TYR C 241 -23.23 -36.63 -15.55
N LYS C 242 -22.97 -36.73 -16.87
CA LYS C 242 -23.04 -38.07 -17.49
C LYS C 242 -22.05 -39.08 -16.98
N LEU C 243 -21.08 -38.76 -16.12
CA LEU C 243 -20.13 -39.68 -15.53
C LEU C 243 -20.55 -40.01 -14.13
N TRP C 244 -21.61 -39.42 -13.62
CA TRP C 244 -21.93 -39.76 -12.21
C TRP C 244 -22.83 -40.98 -12.08
N ASP C 245 -23.09 -41.44 -10.86
CA ASP C 245 -23.95 -42.56 -10.61
C ASP C 245 -25.40 -42.09 -10.60
N GLU C 246 -26.28 -43.00 -11.01
CA GLU C 246 -27.71 -42.73 -11.04
C GLU C 246 -28.26 -42.12 -9.78
N ASN C 247 -27.99 -42.55 -8.55
CA ASN C 247 -28.49 -41.86 -7.37
C ASN C 247 -28.10 -40.35 -7.41
N LEU C 248 -26.87 -39.97 -7.80
CA LEU C 248 -26.50 -38.55 -7.74
C LEU C 248 -27.15 -37.75 -8.83
N LYS C 249 -27.36 -38.33 -10.03
CA LYS C 249 -28.01 -37.58 -11.10
C LYS C 249 -29.40 -37.18 -10.63
N LYS C 250 -30.09 -38.06 -9.92
CA LYS C 250 -31.45 -37.69 -9.50
C LYS C 250 -31.48 -36.52 -8.54
N TYR C 251 -30.49 -36.51 -7.63
CA TYR C 251 -30.38 -35.44 -6.63
C TYR C 251 -30.14 -34.11 -7.38
N ILE C 252 -29.15 -34.20 -8.21
CA ILE C 252 -28.91 -32.96 -9.03
C ILE C 252 -30.19 -32.53 -9.72
N ASP C 253 -30.92 -33.43 -10.37
CA ASP C 253 -32.10 -33.15 -11.17
C ASP C 253 -33.25 -32.50 -10.44
N ASP C 254 -33.47 -32.97 -9.21
CA ASP C 254 -34.39 -32.46 -8.21
C ASP C 254 -34.04 -31.08 -7.62
N LEU C 255 -32.74 -30.73 -7.58
CA LEU C 255 -32.41 -29.34 -7.14
C LEU C 255 -32.94 -28.38 -8.18
N LYS C 256 -33.07 -28.80 -9.43
CA LYS C 256 -33.55 -27.93 -10.50
C LYS C 256 -35.06 -27.76 -10.47
N GLU C 257 -35.77 -28.50 -9.63
CA GLU C 257 -37.26 -28.29 -9.64
C GLU C 257 -37.60 -27.03 -8.88
N PRO C 258 -38.26 -26.06 -9.50
CA PRO C 258 -38.70 -24.85 -8.82
C PRO C 258 -39.64 -25.32 -7.72
N GLY C 259 -39.73 -24.76 -6.52
CA GLY C 259 -40.70 -25.50 -5.63
C GLY C 259 -42.11 -24.94 -5.76
N PRO C 260 -42.78 -24.82 -4.60
CA PRO C 260 -44.04 -24.08 -4.47
C PRO C 260 -43.63 -22.62 -4.61
N SER C 261 -42.41 -22.32 -4.15
CA SER C 261 -41.89 -20.95 -4.34
C SER C 261 -41.54 -20.60 -5.75
N GLY C 262 -41.38 -21.63 -6.63
CA GLY C 262 -41.02 -21.41 -8.01
C GLY C 262 -39.52 -21.03 -8.11
N LYS C 263 -38.72 -21.16 -7.06
CA LYS C 263 -37.32 -20.71 -7.20
C LYS C 263 -36.52 -21.97 -6.97
N PRO C 264 -35.90 -22.46 -8.05
CA PRO C 264 -35.03 -23.61 -7.90
C PRO C 264 -33.72 -23.23 -7.19
N TYR C 265 -32.88 -24.20 -6.91
CA TYR C 265 -31.56 -23.83 -6.42
C TYR C 265 -30.69 -23.06 -7.45
N SER C 266 -29.77 -22.25 -6.93
CA SER C 266 -28.79 -21.50 -7.67
C SER C 266 -27.54 -22.38 -7.78
N ALA C 267 -26.99 -22.41 -8.97
CA ALA C 267 -25.73 -23.14 -9.13
C ALA C 267 -24.56 -22.16 -9.20
N ARG C 268 -23.48 -22.46 -8.42
CA ARG C 268 -22.28 -21.60 -8.44
C ARG C 268 -21.13 -22.56 -8.37
N TYR C 269 -20.05 -22.36 -9.15
CA TYR C 269 -18.92 -23.33 -8.98
C TYR C 269 -17.71 -22.64 -9.62
N ILE C 270 -16.77 -22.23 -8.76
CA ILE C 270 -15.64 -21.48 -9.23
C ILE C 270 -14.69 -22.49 -9.88
N GLY C 271 -14.49 -23.60 -9.24
CA GLY C 271 -13.50 -24.62 -9.48
C GLY C 271 -12.30 -24.46 -8.56
N SER C 272 -12.24 -23.39 -7.74
CA SER C 272 -11.29 -23.25 -6.67
C SER C 272 -11.94 -23.86 -5.46
N LEU C 273 -11.34 -24.86 -4.91
CA LEU C 273 -11.86 -25.56 -3.74
C LEU C 273 -12.01 -24.55 -2.59
N VAL C 274 -11.03 -23.67 -2.36
CA VAL C 274 -11.07 -22.75 -1.21
C VAL C 274 -12.17 -21.71 -1.48
N GLY C 275 -12.21 -21.22 -2.67
CA GLY C 275 -13.20 -20.20 -3.06
C GLY C 275 -14.63 -20.71 -2.91
N ASP C 276 -14.88 -21.88 -3.52
CA ASP C 276 -16.20 -22.48 -3.41
C ASP C 276 -16.53 -22.82 -1.94
N PHE C 277 -15.61 -23.40 -1.18
CA PHE C 277 -15.87 -23.73 0.21
C PHE C 277 -16.22 -22.47 1.05
N HIS C 278 -15.42 -21.43 0.88
CA HIS C 278 -15.57 -20.13 1.57
C HIS C 278 -16.96 -19.52 1.29
N ARG C 279 -17.41 -19.47 0.01
CA ARG C 279 -18.71 -19.03 -0.31
C ARG C 279 -19.74 -19.93 0.41
N THR C 280 -19.50 -21.22 0.40
CA THR C 280 -20.46 -22.11 1.05
C THR C 280 -20.57 -21.83 2.53
N LEU C 281 -19.42 -21.67 3.20
CA LEU C 281 -19.39 -21.41 4.62
C LEU C 281 -20.20 -20.14 4.94
N LEU C 282 -20.02 -19.12 4.09
CA LEU C 282 -20.63 -17.85 4.41
C LEU C 282 -22.10 -17.88 4.15
N TYR C 283 -22.53 -18.32 2.95
CA TYR C 283 -23.90 -18.14 2.53
C TYR C 283 -24.63 -19.44 2.69
N GLY C 284 -23.99 -20.54 3.03
CA GLY C 284 -24.66 -21.82 3.14
C GLY C 284 -24.73 -22.49 1.75
N GLY C 285 -25.30 -23.69 1.77
CA GLY C 285 -25.61 -24.45 0.56
C GLY C 285 -24.82 -25.75 0.55
N ILE C 286 -24.39 -26.13 -0.63
CA ILE C 286 -23.65 -27.43 -0.56
C ILE C 286 -22.62 -27.56 -1.67
N TYR C 287 -21.42 -28.02 -1.27
CA TYR C 287 -20.38 -28.14 -2.29
C TYR C 287 -20.08 -29.65 -2.44
N GLY C 288 -19.93 -30.11 -3.68
CA GLY C 288 -19.60 -31.57 -3.79
C GLY C 288 -18.61 -31.83 -4.90
N TYR C 289 -17.67 -32.73 -4.65
CA TYR C 289 -16.70 -33.25 -5.59
C TYR C 289 -16.86 -34.78 -5.41
N PRO C 290 -17.80 -35.38 -6.12
CA PRO C 290 -18.10 -36.78 -5.99
C PRO C 290 -17.18 -37.67 -6.81
N ARG C 291 -17.33 -38.98 -6.53
CA ARG C 291 -16.64 -39.95 -7.41
C ARG C 291 -17.38 -40.02 -8.74
N ASP C 292 -16.70 -40.36 -9.83
CA ASP C 292 -17.35 -40.52 -11.13
C ASP C 292 -16.71 -41.71 -11.88
N LYS C 293 -17.11 -41.95 -13.13
CA LYS C 293 -16.58 -43.06 -13.90
C LYS C 293 -15.07 -42.96 -13.97
N LYS C 294 -14.54 -41.78 -14.27
CA LYS C 294 -13.10 -41.64 -14.37
C LYS C 294 -12.43 -41.63 -13.00
N SER C 295 -12.78 -40.76 -12.06
CA SER C 295 -12.11 -40.72 -10.76
C SER C 295 -12.96 -41.53 -9.79
N LYS C 296 -12.64 -42.83 -9.71
CA LYS C 296 -13.44 -43.82 -8.99
C LYS C 296 -13.52 -43.55 -7.51
N ASN C 297 -12.54 -42.79 -6.98
CA ASN C 297 -12.72 -42.47 -5.58
C ASN C 297 -12.83 -40.97 -5.27
N GLY C 298 -13.19 -40.16 -6.23
CA GLY C 298 -13.26 -38.72 -5.93
C GLY C 298 -11.94 -38.15 -6.33
N LYS C 299 -11.73 -36.85 -6.25
CA LYS C 299 -10.45 -36.29 -6.54
C LYS C 299 -9.73 -35.73 -5.31
N LEU C 300 -10.52 -35.17 -4.38
CA LEU C 300 -9.84 -34.45 -3.30
C LEU C 300 -9.16 -35.46 -2.38
N ARG C 301 -7.95 -35.11 -1.92
CA ARG C 301 -7.31 -36.04 -0.99
C ARG C 301 -7.90 -35.88 0.42
N LEU C 302 -8.03 -37.02 1.04
CA LEU C 302 -8.60 -37.11 2.40
C LEU C 302 -7.84 -36.30 3.45
N LEU C 303 -6.56 -36.60 3.60
CA LEU C 303 -5.75 -35.96 4.60
C LEU C 303 -5.46 -34.49 4.24
N TYR C 304 -5.09 -34.16 3.00
CA TYR C 304 -4.58 -32.84 2.73
C TYR C 304 -5.65 -31.79 2.55
N GLU C 305 -6.78 -32.18 1.97
CA GLU C 305 -7.81 -31.30 1.60
C GLU C 305 -9.06 -31.55 2.45
N CYS C 306 -9.57 -32.77 2.45
CA CYS C 306 -10.85 -33.02 3.06
C CYS C 306 -10.90 -32.86 4.57
N ALA C 307 -9.91 -33.36 5.24
CA ALA C 307 -9.96 -33.31 6.71
C ALA C 307 -9.95 -31.87 7.26
N PRO C 308 -9.02 -30.99 6.93
CA PRO C 308 -8.98 -29.64 7.52
C PRO C 308 -10.28 -28.92 7.29
N MET C 309 -10.85 -28.97 6.06
CA MET C 309 -12.11 -28.38 5.70
C MET C 309 -13.34 -28.95 6.41
N SER C 310 -13.33 -30.25 6.70
CA SER C 310 -14.45 -30.87 7.41
C SER C 310 -14.41 -30.38 8.85
N PHE C 311 -13.21 -30.36 9.45
CA PHE C 311 -13.06 -29.85 10.81
C PHE C 311 -13.51 -28.40 10.88
N ILE C 312 -13.11 -27.57 9.84
CA ILE C 312 -13.68 -26.22 9.89
C ILE C 312 -15.19 -26.24 9.77
N VAL C 313 -15.75 -26.97 8.79
CA VAL C 313 -17.23 -26.87 8.60
C VAL C 313 -17.95 -27.31 9.88
N GLU C 314 -17.41 -28.31 10.57
CA GLU C 314 -18.11 -28.81 11.78
C GLU C 314 -18.03 -27.81 12.92
N GLN C 315 -16.87 -27.14 13.02
CA GLN C 315 -16.73 -26.05 14.01
C GLN C 315 -17.64 -24.89 13.65
N ALA C 316 -18.15 -24.81 12.42
CA ALA C 316 -19.05 -23.73 12.06
C ALA C 316 -20.47 -24.27 12.16
N GLY C 317 -20.64 -25.54 12.52
CA GLY C 317 -21.93 -26.16 12.68
C GLY C 317 -22.53 -26.76 11.41
N GLY C 318 -21.67 -27.20 10.46
CA GLY C 318 -22.20 -27.72 9.18
C GLY C 318 -21.82 -29.20 9.15
N LYS C 319 -21.78 -29.82 7.98
CA LYS C 319 -21.38 -31.22 7.87
C LYS C 319 -20.43 -31.52 6.73
N GLY C 320 -19.51 -32.45 7.03
CA GLY C 320 -18.57 -32.85 5.99
C GLY C 320 -18.66 -34.37 5.80
N SER C 321 -19.26 -34.80 4.71
CA SER C 321 -19.41 -36.28 4.53
C SER C 321 -18.75 -36.83 3.30
N ASP C 322 -18.59 -38.16 3.22
CA ASP C 322 -18.19 -38.70 1.91
C ASP C 322 -19.41 -39.20 1.15
N GLY C 323 -20.59 -38.89 1.66
CA GLY C 323 -21.84 -39.29 1.00
C GLY C 323 -22.62 -40.31 1.92
N HIS C 324 -21.83 -41.05 2.66
CA HIS C 324 -22.44 -42.07 3.52
C HIS C 324 -21.95 -41.94 4.96
N GLN C 325 -20.75 -41.44 5.15
CA GLN C 325 -20.04 -41.32 6.40
C GLN C 325 -19.33 -40.00 6.66
N ARG C 326 -19.02 -39.66 7.90
CA ARG C 326 -18.37 -38.45 8.33
C ARG C 326 -16.91 -38.49 7.94
N VAL C 327 -16.47 -37.49 7.14
CA VAL C 327 -15.05 -37.50 6.73
C VAL C 327 -14.15 -37.66 7.93
N LEU C 328 -14.37 -36.95 9.07
CA LEU C 328 -13.30 -37.12 10.11
C LEU C 328 -13.34 -38.45 10.83
N ASP C 329 -14.32 -39.31 10.55
CA ASP C 329 -14.32 -40.69 11.05
C ASP C 329 -13.45 -41.58 10.15
N ILE C 330 -13.14 -41.16 8.92
CA ILE C 330 -12.33 -42.05 8.06
C ILE C 330 -10.87 -41.99 8.38
N GLN C 331 -10.12 -43.07 8.56
CA GLN C 331 -8.71 -42.98 8.86
C GLN C 331 -7.92 -42.96 7.54
N PRO C 332 -7.06 -42.00 7.33
CA PRO C 332 -6.22 -42.03 6.14
C PRO C 332 -5.32 -43.24 6.26
N THR C 333 -5.37 -44.12 5.23
CA THR C 333 -4.48 -45.28 5.25
C THR C 333 -3.49 -45.40 4.10
N GLU C 334 -3.73 -44.64 3.04
CA GLU C 334 -2.82 -44.55 1.90
C GLU C 334 -2.34 -43.11 1.74
N ILE C 335 -1.16 -42.92 1.20
CA ILE C 335 -0.51 -41.64 1.09
C ILE C 335 -1.32 -40.57 0.34
N HIS C 336 -1.87 -40.93 -0.81
CA HIS C 336 -2.65 -40.03 -1.62
C HIS C 336 -4.08 -40.53 -1.67
N GLN C 337 -4.56 -41.05 -0.54
CA GLN C 337 -5.95 -41.55 -0.50
C GLN C 337 -6.96 -40.50 -0.93
N ARG C 338 -7.94 -40.79 -1.80
CA ARG C 338 -8.93 -39.81 -2.15
C ARG C 338 -10.30 -40.16 -1.68
N VAL C 339 -11.18 -39.17 -1.56
CA VAL C 339 -12.55 -39.38 -1.16
C VAL C 339 -13.43 -38.33 -1.87
N PRO C 340 -14.67 -38.78 -2.10
CA PRO C 340 -15.75 -37.95 -2.59
C PRO C 340 -16.07 -36.99 -1.43
N LEU C 341 -16.41 -35.74 -1.74
CA LEU C 341 -16.69 -34.87 -0.56
C LEU C 341 -17.98 -34.14 -0.81
N TYR C 342 -18.80 -34.17 0.23
CA TYR C 342 -20.06 -33.45 0.25
C TYR C 342 -19.94 -32.56 1.49
N ILE C 343 -19.99 -31.25 1.32
CA ILE C 343 -19.77 -30.41 2.51
C ILE C 343 -20.59 -29.14 2.47
N GLY C 344 -21.02 -28.69 3.67
CA GLY C 344 -21.80 -27.46 3.60
C GLY C 344 -22.87 -27.51 4.68
N SER C 345 -23.92 -26.77 4.39
CA SER C 345 -25.02 -26.70 5.37
C SER C 345 -25.47 -28.13 5.71
N THR C 346 -25.60 -28.41 6.98
CA THR C 346 -26.10 -29.58 7.61
C THR C 346 -27.33 -30.12 6.89
N GLU C 347 -28.37 -29.33 6.68
CA GLU C 347 -29.56 -29.93 6.06
C GLU C 347 -29.25 -30.27 4.61
N GLU C 348 -28.40 -29.49 3.93
CA GLU C 348 -28.08 -29.82 2.54
C GLU C 348 -27.27 -31.09 2.43
N VAL C 349 -26.36 -31.38 3.33
CA VAL C 349 -25.54 -32.57 3.24
C VAL C 349 -26.41 -33.80 3.55
N GLU C 350 -27.38 -33.58 4.43
CA GLU C 350 -28.17 -34.71 4.89
C GLU C 350 -29.06 -35.15 3.71
N LYS C 351 -29.58 -34.18 3.00
CA LYS C 351 -30.41 -34.45 1.83
C LYS C 351 -29.60 -35.20 0.80
N VAL C 352 -28.41 -34.82 0.37
CA VAL C 352 -27.68 -35.64 -0.62
C VAL C 352 -27.48 -37.05 -0.03
N GLU C 353 -27.19 -37.18 1.25
CA GLU C 353 -26.98 -38.42 1.97
C GLU C 353 -28.20 -39.35 1.88
N LYS C 354 -29.41 -38.83 1.99
CA LYS C 354 -30.62 -39.62 1.74
C LYS C 354 -30.70 -40.14 0.31
N TYR C 355 -30.40 -39.37 -0.73
CA TYR C 355 -30.45 -39.85 -2.09
C TYR C 355 -29.35 -40.87 -2.40
N LEU C 356 -28.27 -41.00 -1.65
CA LEU C 356 -27.16 -41.86 -1.99
C LEU C 356 -27.17 -43.13 -1.13
N ALA C 357 -28.13 -43.09 -0.20
CA ALA C 357 -28.28 -44.30 0.63
C ALA C 357 -28.75 -45.48 -0.26
N GLU D 17 8.09 0.05 -13.24
CA GLU D 17 7.85 -1.33 -13.69
C GLU D 17 8.04 -1.35 -15.22
N ILE D 18 7.86 -2.50 -15.89
CA ILE D 18 8.19 -2.47 -17.34
C ILE D 18 7.47 -1.46 -18.18
N ILE D 19 6.39 -1.81 -18.89
CA ILE D 19 5.53 -0.82 -19.53
C ILE D 19 4.29 -0.59 -18.62
N THR D 20 4.12 0.64 -18.13
CA THR D 20 2.99 0.87 -17.24
C THR D 20 1.80 1.38 -18.07
N LEU D 21 0.61 1.38 -17.46
CA LEU D 21 -0.56 1.89 -18.16
C LEU D 21 -0.34 3.33 -18.54
N THR D 22 0.21 4.16 -17.70
CA THR D 22 0.35 5.59 -17.94
C THR D 22 1.37 5.77 -19.11
N SER D 23 2.43 4.99 -19.17
CA SER D 23 3.36 5.08 -20.25
C SER D 23 2.68 4.68 -21.56
N TRP D 24 2.03 3.51 -21.52
CA TRP D 24 1.32 3.01 -22.69
C TRP D 24 0.25 4.00 -23.18
N LEU D 25 -0.45 4.72 -22.28
CA LEU D 25 -1.48 5.66 -22.73
C LEU D 25 -0.87 6.86 -23.48
N LEU D 26 0.23 7.40 -22.93
CA LEU D 26 0.94 8.55 -23.42
C LEU D 26 1.61 8.20 -24.75
N GLN D 27 2.02 6.94 -24.94
CA GLN D 27 2.49 6.63 -26.29
C GLN D 27 1.30 6.63 -27.29
N GLN D 28 0.10 6.14 -26.91
CA GLN D 28 -0.98 6.11 -27.86
C GLN D 28 -1.46 7.50 -28.27
N GLU D 29 -1.31 8.42 -27.32
CA GLU D 29 -1.76 9.75 -27.50
C GLU D 29 -0.75 10.42 -28.43
N GLN D 30 0.50 9.98 -28.20
CA GLN D 30 1.61 10.51 -28.98
C GLN D 30 1.53 9.89 -30.38
N LYS D 31 1.05 8.69 -30.62
CA LYS D 31 0.94 8.23 -32.00
C LYS D 31 -0.33 8.79 -32.64
N GLY D 32 -1.09 9.64 -31.98
CA GLY D 32 -2.32 10.21 -32.47
C GLY D 32 -3.45 9.21 -32.57
N ILE D 33 -3.38 8.07 -31.91
CA ILE D 33 -4.43 7.06 -31.87
C ILE D 33 -5.57 7.54 -30.98
N ILE D 34 -5.25 8.40 -29.98
CA ILE D 34 -6.32 8.86 -29.15
C ILE D 34 -6.03 10.30 -28.82
N ASP D 35 -6.94 11.15 -28.57
CA ASP D 35 -6.86 12.52 -28.12
C ASP D 35 -6.18 12.62 -26.74
N ALA D 36 -5.88 13.80 -26.27
CA ALA D 36 -5.34 14.13 -24.99
C ALA D 36 -6.50 14.00 -23.98
N GLU D 37 -7.61 14.60 -24.42
CA GLU D 37 -8.85 14.57 -23.76
C GLU D 37 -9.26 13.14 -23.32
N LEU D 38 -9.13 12.18 -24.17
CA LEU D 38 -9.54 10.82 -24.00
C LEU D 38 -8.52 10.09 -23.14
N THR D 39 -7.27 10.47 -23.26
CA THR D 39 -6.15 9.98 -22.50
C THR D 39 -6.35 10.42 -21.02
N ILE D 40 -6.78 11.62 -20.77
CA ILE D 40 -7.15 12.10 -19.47
C ILE D 40 -8.26 11.26 -18.86
N VAL D 41 -9.32 11.03 -19.65
CA VAL D 41 -10.43 10.20 -19.26
C VAL D 41 -10.00 8.78 -18.89
N LEU D 42 -9.17 8.16 -19.72
CA LEU D 42 -8.79 6.78 -19.46
C LEU D 42 -7.93 6.67 -18.20
N SER D 43 -7.14 7.70 -18.02
CA SER D 43 -6.21 7.79 -16.94
C SER D 43 -6.99 7.94 -15.63
N SER D 44 -7.93 8.83 -15.64
CA SER D 44 -8.85 9.03 -14.48
C SER D 44 -9.60 7.77 -14.14
N ILE D 45 -10.00 6.99 -15.16
CA ILE D 45 -10.72 5.73 -14.92
C ILE D 45 -9.85 4.73 -14.18
N SER D 46 -8.63 4.50 -14.66
CA SER D 46 -7.76 3.59 -13.98
C SER D 46 -7.47 4.06 -12.53
N MET D 47 -7.42 5.36 -12.28
CA MET D 47 -7.32 5.85 -10.90
C MET D 47 -8.51 5.46 -10.07
N ALA D 48 -9.73 5.65 -10.58
CA ALA D 48 -10.94 5.29 -9.89
C ALA D 48 -10.93 3.78 -9.54
N CYS D 49 -10.55 2.96 -10.56
CA CYS D 49 -10.48 1.53 -10.35
C CYS D 49 -9.46 1.11 -9.28
N LYS D 50 -8.29 1.79 -9.23
CA LYS D 50 -7.33 1.45 -8.14
C LYS D 50 -7.92 1.81 -6.77
N GLN D 51 -8.72 2.85 -6.64
CA GLN D 51 -9.42 3.12 -5.40
C GLN D 51 -10.53 2.11 -5.18
N ILE D 52 -11.21 1.71 -6.24
CA ILE D 52 -12.35 0.75 -5.98
C ILE D 52 -11.73 -0.57 -5.52
N ALA D 53 -10.65 -1.00 -6.17
CA ALA D 53 -9.96 -2.25 -5.77
C ALA D 53 -9.72 -2.29 -4.27
N SER D 54 -9.25 -1.17 -3.74
CA SER D 54 -9.01 -0.91 -2.34
C SER D 54 -10.27 -1.03 -1.53
N LEU D 55 -11.34 -0.31 -1.92
CA LEU D 55 -12.60 -0.51 -1.19
C LEU D 55 -13.07 -1.97 -1.14
N VAL D 56 -13.09 -2.67 -2.25
CA VAL D 56 -13.43 -4.07 -2.33
C VAL D 56 -12.51 -4.89 -1.43
N GLN D 57 -11.18 -4.73 -1.48
CA GLN D 57 -10.36 -5.60 -0.62
C GLN D 57 -10.60 -5.32 0.84
N ARG D 58 -10.96 -4.09 1.23
CA ARG D 58 -11.02 -3.82 2.65
C ARG D 58 -12.46 -3.80 3.15
N ALA D 59 -13.48 -4.16 2.34
CA ALA D 59 -14.85 -4.08 2.76
C ALA D 59 -15.10 -4.70 4.14
N ASN D 60 -14.58 -5.87 4.45
CA ASN D 60 -14.88 -6.50 5.73
C ASN D 60 -14.41 -5.66 6.91
N ILE D 61 -13.31 -4.94 6.76
CA ILE D 61 -12.74 -4.09 7.75
C ILE D 61 -13.52 -2.80 7.90
N SER D 62 -13.81 -2.09 6.84
CA SER D 62 -14.61 -0.90 6.71
C SER D 62 -16.00 -1.05 7.33
N ASN D 63 -16.58 -2.24 7.16
CA ASN D 63 -17.91 -2.54 7.65
C ASN D 63 -17.98 -2.79 9.15
N LEU D 64 -16.91 -2.76 9.91
CA LEU D 64 -16.93 -2.89 11.35
C LEU D 64 -17.14 -1.52 12.03
N THR D 65 -17.93 -0.62 11.45
CA THR D 65 -18.16 0.72 11.98
C THR D 65 -16.83 1.46 12.12
N GLY D 66 -16.00 1.32 11.09
CA GLY D 66 -14.67 1.88 11.01
C GLY D 66 -13.87 1.49 9.77
N GLU D 76 -22.04 -6.08 6.02
CA GLU D 76 -21.56 -5.78 4.69
C GLU D 76 -22.56 -6.06 3.55
N ASP D 77 -22.65 -5.06 2.67
CA ASP D 77 -23.52 -5.07 1.54
C ASP D 77 -22.83 -4.55 0.26
N GLN D 78 -22.82 -5.42 -0.75
CA GLN D 78 -22.40 -5.15 -2.10
C GLN D 78 -23.11 -3.91 -2.64
N LYS D 79 -24.37 -3.71 -2.33
CA LYS D 79 -25.11 -2.52 -2.71
C LYS D 79 -24.47 -1.24 -2.20
N LYS D 80 -24.05 -1.14 -0.93
CA LYS D 80 -23.41 0.08 -0.40
C LYS D 80 -22.15 0.44 -1.16
N LEU D 81 -21.29 -0.56 -1.38
CA LEU D 81 -20.09 -0.42 -2.15
C LEU D 81 -20.31 0.06 -3.59
N ASP D 82 -21.42 -0.28 -4.19
CA ASP D 82 -21.83 0.21 -5.53
C ASP D 82 -21.90 1.75 -5.51
N VAL D 83 -22.45 2.28 -4.42
CA VAL D 83 -22.68 3.67 -4.22
C VAL D 83 -21.40 4.44 -4.03
N ILE D 84 -20.63 3.96 -3.04
CA ILE D 84 -19.33 4.55 -2.79
C ILE D 84 -18.46 4.52 -4.05
N SER D 85 -18.51 3.41 -4.82
CA SER D 85 -17.70 3.31 -6.05
C SER D 85 -18.12 4.37 -7.06
N ASN D 86 -19.40 4.69 -7.17
CA ASN D 86 -19.87 5.73 -8.05
C ASN D 86 -19.38 7.09 -7.55
N GLU D 87 -19.28 7.29 -6.22
CA GLU D 87 -18.75 8.62 -5.85
C GLU D 87 -17.28 8.68 -6.15
N VAL D 88 -16.55 7.54 -5.96
CA VAL D 88 -15.11 7.60 -6.32
C VAL D 88 -14.90 8.00 -7.77
N PHE D 89 -15.62 7.30 -8.64
CA PHE D 89 -15.64 7.56 -10.09
C PHE D 89 -15.95 9.02 -10.33
N SER D 90 -16.95 9.59 -9.62
CA SER D 90 -17.26 10.97 -9.89
C SER D 90 -16.11 11.87 -9.49
N ASN D 91 -15.53 11.67 -8.31
CA ASN D 91 -14.37 12.54 -8.02
C ASN D 91 -13.21 12.38 -8.97
N CYS D 92 -12.97 11.15 -9.43
CA CYS D 92 -11.81 11.02 -10.34
C CYS D 92 -12.04 11.62 -11.71
N LEU D 93 -13.32 11.74 -12.14
CA LEU D 93 -13.60 12.20 -13.48
C LEU D 93 -14.10 13.61 -13.49
N ARG D 94 -14.26 14.28 -12.38
CA ARG D 94 -14.86 15.59 -12.25
C ARG D 94 -14.11 16.68 -13.01
N SER D 95 -12.83 16.41 -13.22
CA SER D 95 -12.01 17.31 -14.06
C SER D 95 -12.31 17.20 -15.55
N SER D 96 -12.76 16.06 -16.05
CA SER D 96 -13.14 15.84 -17.42
C SER D 96 -14.61 16.21 -17.60
N GLY D 97 -15.55 16.03 -16.69
CA GLY D 97 -16.96 16.36 -16.90
C GLY D 97 -17.87 16.11 -15.70
N ARG D 98 -19.16 16.29 -15.84
CA ARG D 98 -20.19 16.11 -14.83
C ARG D 98 -20.66 14.67 -14.85
N THR D 99 -20.84 14.18 -13.62
CA THR D 99 -21.31 12.81 -13.40
C THR D 99 -22.76 12.76 -12.92
N GLY D 100 -23.50 11.83 -13.48
CA GLY D 100 -24.88 11.63 -13.04
C GLY D 100 -25.15 10.15 -12.90
N ILE D 101 -26.21 9.83 -12.17
CA ILE D 101 -26.49 8.43 -11.85
C ILE D 101 -27.85 7.99 -12.37
N ILE D 102 -27.87 6.94 -13.13
CA ILE D 102 -29.01 6.18 -13.59
C ILE D 102 -29.32 5.09 -12.58
N ALA D 103 -30.39 5.23 -11.84
CA ALA D 103 -30.72 4.17 -10.86
C ALA D 103 -31.71 3.19 -11.43
N SER D 104 -31.85 1.99 -10.98
CA SER D 104 -32.82 0.96 -11.28
C SER D 104 -33.17 0.55 -9.84
N GLU D 105 -34.30 0.98 -9.30
CA GLU D 105 -34.67 0.62 -7.92
C GLU D 105 -34.81 -0.89 -7.69
N GLU D 106 -34.80 -1.64 -8.78
CA GLU D 106 -34.72 -3.06 -8.96
C GLU D 106 -33.42 -3.62 -8.38
N GLU D 107 -32.97 -4.78 -8.88
CA GLU D 107 -31.72 -5.34 -8.37
C GLU D 107 -30.52 -4.99 -9.25
N ASP D 108 -30.56 -3.88 -10.00
CA ASP D 108 -29.44 -3.51 -10.84
C ASP D 108 -28.52 -2.53 -10.11
N VAL D 109 -27.26 -2.61 -10.47
CA VAL D 109 -26.31 -1.63 -9.91
C VAL D 109 -26.69 -0.27 -10.49
N PRO D 110 -26.57 0.78 -9.75
CA PRO D 110 -26.83 2.10 -10.30
C PRO D 110 -25.62 2.36 -11.19
N VAL D 111 -25.82 3.03 -12.29
CA VAL D 111 -24.77 3.23 -13.31
C VAL D 111 -24.37 4.70 -13.27
N ALA D 112 -23.09 4.97 -13.35
CA ALA D 112 -22.68 6.38 -13.35
C ALA D 112 -22.47 6.74 -14.82
N VAL D 113 -22.78 7.91 -15.20
CA VAL D 113 -22.67 8.38 -16.54
C VAL D 113 -21.99 9.75 -16.49
N GLU D 114 -20.82 9.78 -17.14
CA GLU D 114 -20.08 10.99 -17.11
C GLU D 114 -20.14 11.65 -18.50
N GLU D 115 -20.36 12.95 -18.55
CA GLU D 115 -20.37 13.55 -19.90
C GLU D 115 -19.33 14.63 -19.93
N SER D 116 -18.41 14.52 -20.86
CA SER D 116 -17.36 15.58 -20.84
C SER D 116 -17.95 16.98 -20.82
N TYR D 117 -17.14 17.93 -20.32
CA TYR D 117 -17.52 19.34 -20.29
C TYR D 117 -17.51 19.85 -21.74
N SER D 118 -16.58 19.36 -22.53
CA SER D 118 -16.42 19.62 -23.93
C SER D 118 -17.58 19.04 -24.77
N GLY D 119 -18.26 18.01 -24.27
CA GLY D 119 -19.29 17.37 -25.04
C GLY D 119 -18.73 16.36 -26.01
N ASN D 120 -17.44 16.00 -25.95
CA ASN D 120 -16.94 15.04 -26.92
C ASN D 120 -17.11 13.60 -26.51
N TYR D 121 -17.25 13.32 -25.22
CA TYR D 121 -17.27 11.94 -24.74
C TYR D 121 -18.30 11.71 -23.68
N ILE D 122 -18.76 10.46 -23.70
CA ILE D 122 -19.67 10.10 -22.61
C ILE D 122 -19.10 8.77 -22.11
N VAL D 123 -18.90 8.64 -20.82
CA VAL D 123 -18.47 7.33 -20.28
C VAL D 123 -19.66 6.74 -19.55
N VAL D 124 -19.95 5.48 -19.68
CA VAL D 124 -21.09 4.87 -18.94
C VAL D 124 -20.31 3.84 -18.11
N PHE D 125 -20.44 3.86 -16.82
CA PHE D 125 -19.63 3.14 -15.89
C PHE D 125 -20.51 2.40 -14.92
N ASP D 126 -20.37 1.12 -14.94
CA ASP D 126 -20.91 0.15 -13.97
C ASP D 126 -19.88 -0.06 -12.86
N PRO D 127 -20.06 0.40 -11.67
CA PRO D 127 -19.03 0.41 -10.58
C PRO D 127 -18.58 -0.93 -10.19
N LEU D 128 -19.57 -1.85 -10.08
CA LEU D 128 -19.36 -3.25 -9.73
C LEU D 128 -20.30 -4.10 -10.58
N ASP D 129 -20.05 -5.41 -10.71
CA ASP D 129 -20.81 -6.15 -11.70
C ASP D 129 -22.06 -6.80 -11.10
N GLY D 130 -22.47 -6.53 -9.87
CA GLY D 130 -23.69 -7.13 -9.31
C GLY D 130 -23.98 -6.41 -7.98
N SER D 131 -25.12 -6.66 -7.36
CA SER D 131 -25.46 -6.11 -6.07
C SER D 131 -25.72 -7.25 -5.07
N SER D 132 -25.37 -8.44 -5.43
CA SER D 132 -25.49 -9.60 -4.62
C SER D 132 -24.18 -9.88 -3.91
N ASN D 133 -24.21 -10.16 -2.62
CA ASN D 133 -23.07 -10.57 -1.84
C ASN D 133 -22.57 -11.97 -2.25
N LEU D 134 -23.48 -12.91 -2.51
CA LEU D 134 -23.18 -14.27 -2.91
C LEU D 134 -22.27 -14.28 -4.15
N ASP D 135 -22.60 -13.57 -5.19
CA ASP D 135 -21.93 -13.48 -6.45
C ASP D 135 -20.65 -12.64 -6.37
N ALA D 136 -20.48 -11.82 -5.35
CA ALA D 136 -19.26 -11.04 -5.15
C ALA D 136 -18.37 -11.72 -4.14
N ALA D 137 -18.72 -12.98 -3.74
CA ALA D 137 -17.87 -13.63 -2.75
C ALA D 137 -16.39 -13.70 -3.12
N VAL D 138 -15.96 -13.88 -4.39
CA VAL D 138 -14.52 -14.03 -4.65
C VAL D 138 -14.08 -12.99 -5.66
N SER D 139 -15.05 -12.49 -6.45
CA SER D 139 -14.66 -11.54 -7.48
C SER D 139 -15.78 -10.60 -7.85
N THR D 140 -15.35 -9.49 -8.50
CA THR D 140 -16.34 -8.50 -8.91
C THR D 140 -15.58 -7.63 -9.91
N GLY D 141 -16.04 -6.47 -10.32
CA GLY D 141 -15.33 -5.73 -11.37
C GLY D 141 -16.18 -4.57 -11.86
N SER D 142 -15.55 -3.56 -12.39
CA SER D 142 -16.14 -2.37 -12.96
C SER D 142 -16.13 -2.48 -14.50
N ILE D 143 -17.15 -1.95 -15.17
CA ILE D 143 -17.24 -2.17 -16.63
C ILE D 143 -17.51 -0.80 -17.23
N PHE D 144 -16.85 -0.39 -18.29
CA PHE D 144 -17.13 0.95 -18.80
C PHE D 144 -17.09 0.95 -20.35
N GLY D 145 -17.84 1.85 -20.93
CA GLY D 145 -17.88 2.05 -22.39
C GLY D 145 -17.77 3.58 -22.47
N ILE D 146 -17.04 4.00 -23.48
CA ILE D 146 -16.86 5.41 -23.78
C ILE D 146 -17.45 5.69 -25.19
N TYR D 147 -18.27 6.70 -25.34
CA TYR D 147 -19.05 6.98 -26.52
C TYR D 147 -18.75 8.40 -26.95
N SER D 148 -18.92 8.60 -28.26
CA SER D 148 -18.72 9.98 -28.79
C SER D 148 -20.13 10.43 -29.17
N PRO D 149 -20.77 11.20 -28.30
CA PRO D 149 -22.17 11.54 -28.46
C PRO D 149 -22.41 12.55 -29.59
N ASN D 150 -23.61 12.54 -30.09
CA ASN D 150 -24.14 13.48 -31.06
C ASN D 150 -25.04 14.54 -30.42
N ASP D 151 -25.21 14.54 -29.09
CA ASP D 151 -25.91 15.63 -28.39
C ASP D 151 -25.48 15.68 -26.92
N GLU D 152 -25.78 16.77 -26.24
CA GLU D 152 -25.51 16.95 -24.82
C GLU D 152 -26.72 16.44 -24.03
N CYS D 153 -26.58 15.73 -22.94
CA CYS D 153 -27.72 15.26 -22.17
C CYS D 153 -27.69 15.87 -20.76
N LEU D 154 -26.51 16.16 -20.20
CA LEU D 154 -26.40 16.70 -18.89
C LEU D 154 -26.76 18.17 -18.68
N PRO D 155 -27.26 18.33 -17.44
CA PRO D 155 -27.63 19.60 -16.85
C PRO D 155 -26.40 20.34 -16.35
N ASP D 163 -26.28 13.45 -4.89
CA ASP D 163 -27.68 13.53 -5.33
C ASP D 163 -27.73 13.95 -6.79
N ASN D 164 -27.14 13.16 -7.66
CA ASN D 164 -27.00 13.20 -9.06
C ASN D 164 -27.91 12.29 -9.85
N THR D 165 -29.05 11.92 -9.28
CA THR D 165 -29.94 11.06 -10.07
C THR D 165 -30.32 11.83 -11.35
N LEU D 166 -30.22 11.12 -12.45
CA LEU D 166 -30.70 11.77 -13.71
C LEU D 166 -32.21 11.54 -13.69
N GLY D 167 -32.97 12.48 -14.23
CA GLY D 167 -34.42 12.27 -14.36
C GLY D 167 -34.61 11.45 -15.65
N THR D 168 -35.83 11.00 -15.83
CA THR D 168 -36.23 10.22 -17.01
C THR D 168 -35.75 10.76 -18.33
N GLU D 169 -35.96 12.06 -18.54
CA GLU D 169 -35.61 12.65 -19.83
C GLU D 169 -34.10 12.68 -20.04
N GLU D 170 -33.35 12.83 -18.98
CA GLU D 170 -31.85 12.75 -19.12
C GLU D 170 -31.49 11.29 -19.42
N GLN D 171 -32.17 10.34 -18.75
CA GLN D 171 -31.93 8.91 -19.09
C GLN D 171 -32.25 8.59 -20.52
N ARG D 172 -33.43 9.10 -20.98
CA ARG D 172 -33.77 8.85 -22.38
C ARG D 172 -32.76 9.49 -23.28
N CYS D 173 -32.31 10.69 -23.01
CA CYS D 173 -31.29 11.26 -23.89
C CYS D 173 -30.03 10.39 -23.99
N ILE D 174 -29.46 9.96 -22.87
CA ILE D 174 -28.28 9.09 -22.82
C ILE D 174 -28.45 7.92 -23.75
N VAL D 175 -29.60 7.22 -23.58
CA VAL D 175 -29.89 6.06 -24.39
C VAL D 175 -29.94 6.37 -25.87
N ASN D 176 -30.31 7.53 -26.37
CA ASN D 176 -30.40 7.68 -27.82
C ASN D 176 -29.06 8.10 -28.39
N VAL D 177 -28.29 8.77 -27.56
CA VAL D 177 -26.96 9.26 -27.91
C VAL D 177 -25.92 8.18 -27.76
N CYS D 178 -26.09 7.12 -26.96
CA CYS D 178 -25.00 6.13 -26.85
C CYS D 178 -25.44 4.97 -27.76
N GLN D 179 -24.64 4.68 -28.79
CA GLN D 179 -25.17 3.73 -29.77
C GLN D 179 -24.04 2.75 -29.99
N PRO D 180 -24.15 1.62 -29.32
CA PRO D 180 -23.03 0.69 -29.27
C PRO D 180 -22.48 0.29 -30.61
N GLY D 181 -23.34 0.20 -31.62
CA GLY D 181 -23.08 -0.11 -32.98
C GLY D 181 -22.29 0.95 -33.72
N SER D 182 -22.38 2.24 -33.37
CA SER D 182 -21.69 3.24 -34.12
C SER D 182 -20.81 4.21 -33.38
N ASN D 183 -21.13 4.61 -32.14
CA ASN D 183 -20.14 5.56 -31.62
C ASN D 183 -19.44 5.07 -30.36
N LEU D 184 -19.45 3.78 -30.11
CA LEU D 184 -18.72 3.23 -28.93
C LEU D 184 -17.22 3.19 -29.29
N LEU D 185 -16.39 4.09 -28.80
CA LEU D 185 -15.01 4.19 -29.16
C LEU D 185 -14.10 3.27 -28.32
N ALA D 186 -14.34 3.14 -27.00
CA ALA D 186 -13.45 2.31 -26.20
C ALA D 186 -14.22 1.60 -25.11
N ALA D 187 -13.86 0.38 -24.74
CA ALA D 187 -14.58 -0.36 -23.73
C ALA D 187 -13.51 -1.00 -22.84
N GLY D 188 -13.86 -1.38 -21.63
CA GLY D 188 -12.97 -2.14 -20.80
C GLY D 188 -13.71 -2.58 -19.52
N TYR D 189 -12.95 -3.29 -18.71
CA TYR D 189 -13.33 -3.67 -17.39
C TYR D 189 -12.12 -3.68 -16.46
N CYS D 190 -12.41 -3.59 -15.19
CA CYS D 190 -11.35 -3.84 -14.18
C CYS D 190 -11.88 -4.95 -13.24
N MET D 191 -11.24 -6.10 -13.31
CA MET D 191 -11.62 -7.18 -12.44
C MET D 191 -10.87 -7.05 -11.11
N TYR D 192 -11.56 -7.21 -9.99
CA TYR D 192 -11.14 -7.26 -8.62
C TYR D 192 -11.29 -8.70 -8.18
N SER D 193 -10.18 -9.47 -8.14
CA SER D 193 -10.14 -10.83 -7.66
C SER D 193 -8.77 -11.06 -7.09
N SER D 194 -8.26 -12.29 -7.12
CA SER D 194 -6.94 -12.63 -6.55
C SER D 194 -5.93 -11.77 -7.22
N SER D 195 -6.20 -11.25 -8.45
CA SER D 195 -5.45 -10.30 -9.19
C SER D 195 -6.31 -9.10 -9.49
N VAL D 196 -5.79 -7.91 -9.67
CA VAL D 196 -6.60 -6.78 -10.13
C VAL D 196 -6.20 -6.48 -11.58
N ILE D 197 -7.09 -6.71 -12.55
CA ILE D 197 -6.69 -6.66 -13.96
C ILE D 197 -7.53 -5.71 -14.76
N PHE D 198 -6.89 -4.79 -15.41
CA PHE D 198 -7.52 -3.74 -16.16
C PHE D 198 -7.39 -4.19 -17.64
N VAL D 199 -8.49 -4.47 -18.25
CA VAL D 199 -8.64 -4.93 -19.64
C VAL D 199 -9.25 -3.79 -20.44
N LEU D 200 -8.56 -3.37 -21.50
CA LEU D 200 -8.90 -2.22 -22.25
C LEU D 200 -8.71 -2.45 -23.76
N THR D 201 -9.67 -1.90 -24.53
CA THR D 201 -9.49 -1.92 -25.98
C THR D 201 -9.88 -0.50 -26.38
N ILE D 202 -9.13 0.17 -27.21
CA ILE D 202 -9.42 1.46 -27.73
C ILE D 202 -9.65 1.24 -29.25
N GLY D 203 -10.12 0.03 -29.59
CA GLY D 203 -10.48 -0.06 -31.03
C GLY D 203 -9.46 -0.76 -31.88
N LYS D 204 -8.28 -1.06 -31.34
CA LYS D 204 -7.22 -1.79 -32.00
C LYS D 204 -6.75 -3.00 -31.22
N GLY D 205 -7.61 -3.93 -30.85
CA GLY D 205 -7.13 -5.06 -30.05
C GLY D 205 -7.22 -4.82 -28.54
N VAL D 206 -7.13 -5.91 -27.77
CA VAL D 206 -7.33 -5.89 -26.34
C VAL D 206 -6.03 -5.97 -25.61
N PHE D 207 -5.81 -5.09 -24.66
CA PHE D 207 -4.60 -5.00 -23.85
C PHE D 207 -4.93 -5.34 -22.38
N VAL D 208 -4.01 -6.03 -21.70
CA VAL D 208 -4.22 -6.50 -20.35
C VAL D 208 -3.12 -5.89 -19.49
N PHE D 209 -3.55 -5.20 -18.44
CA PHE D 209 -2.67 -4.57 -17.49
C PHE D 209 -2.90 -5.19 -16.10
N THR D 210 -1.86 -5.59 -15.36
CA THR D 210 -2.02 -6.14 -14.02
C THR D 210 -1.59 -5.10 -13.01
N LEU D 211 -2.42 -4.94 -11.94
CA LEU D 211 -2.04 -4.00 -10.93
C LEU D 211 -0.82 -4.58 -10.14
N ASP D 212 0.19 -3.75 -9.91
CA ASP D 212 1.34 -4.32 -9.14
C ASP D 212 1.08 -3.88 -7.70
N PRO D 213 0.81 -4.81 -6.82
CA PRO D 213 0.52 -4.48 -5.43
C PRO D 213 1.78 -3.96 -4.73
N LEU D 214 2.98 -4.24 -5.25
CA LEU D 214 4.09 -3.63 -4.54
C LEU D 214 4.12 -2.14 -4.86
N TYR D 215 3.97 -1.78 -6.13
CA TYR D 215 4.17 -0.42 -6.63
C TYR D 215 2.91 0.35 -6.93
N GLY D 216 1.71 -0.25 -6.99
CA GLY D 216 0.53 0.60 -7.11
C GLY D 216 0.33 0.96 -8.58
N GLU D 217 1.01 0.40 -9.56
CA GLU D 217 0.86 0.79 -10.95
C GLU D 217 0.28 -0.40 -11.74
N PHE D 218 -0.41 -0.05 -12.79
CA PHE D 218 -0.97 -1.12 -13.66
C PHE D 218 0.12 -1.34 -14.69
N VAL D 219 0.50 -2.56 -14.86
CA VAL D 219 1.59 -2.95 -15.71
C VAL D 219 1.04 -3.77 -16.84
N LEU D 220 1.48 -3.38 -18.04
CA LEU D 220 1.09 -4.07 -19.26
C LEU D 220 1.53 -5.51 -19.22
N THR D 221 0.67 -6.51 -19.16
CA THR D 221 1.09 -7.87 -19.15
C THR D 221 0.64 -8.64 -20.36
N GLN D 222 -0.21 -8.03 -21.19
CA GLN D 222 -0.66 -8.81 -22.38
C GLN D 222 -1.26 -7.91 -23.44
N GLU D 223 -0.67 -8.06 -24.64
CA GLU D 223 -0.90 -7.21 -25.80
C GLU D 223 -1.72 -7.97 -26.82
N ASN D 224 -2.65 -7.35 -27.53
CA ASN D 224 -3.44 -8.05 -28.51
C ASN D 224 -3.92 -9.40 -28.02
N LEU D 225 -4.67 -9.48 -26.92
CA LEU D 225 -5.16 -10.76 -26.43
C LEU D 225 -6.07 -11.33 -27.52
N GLN D 226 -6.07 -12.65 -27.68
CA GLN D 226 -6.96 -13.28 -28.64
C GLN D 226 -7.67 -14.39 -27.86
N ILE D 227 -8.98 -14.42 -27.87
CA ILE D 227 -9.65 -15.46 -27.09
C ILE D 227 -9.54 -16.70 -28.01
N PRO D 228 -9.34 -17.88 -27.52
CA PRO D 228 -9.26 -19.03 -28.40
C PRO D 228 -10.54 -19.13 -29.19
N LYS D 229 -10.43 -19.84 -30.32
CA LYS D 229 -11.55 -20.09 -31.26
C LYS D 229 -12.58 -21.10 -30.79
N SER D 230 -12.04 -21.95 -29.90
CA SER D 230 -12.97 -22.87 -29.24
C SER D 230 -12.54 -23.10 -27.80
N GLY D 231 -13.38 -23.80 -27.00
CA GLY D 231 -13.02 -24.09 -25.63
C GLY D 231 -14.09 -24.99 -25.05
N LYS D 232 -13.68 -26.07 -24.34
CA LYS D 232 -14.68 -26.97 -23.84
C LYS D 232 -15.05 -26.66 -22.36
N ILE D 233 -15.43 -25.39 -22.19
CA ILE D 233 -15.79 -24.83 -20.90
C ILE D 233 -17.08 -24.07 -21.16
N TYR D 234 -18.12 -24.28 -20.34
CA TYR D 234 -19.35 -23.56 -20.56
C TYR D 234 -19.73 -22.90 -19.22
N SER D 235 -20.25 -21.69 -19.30
CA SER D 235 -20.48 -21.01 -18.00
C SER D 235 -21.90 -20.54 -18.01
N PHE D 236 -22.82 -21.23 -17.35
CA PHE D 236 -24.23 -20.91 -17.26
C PHE D 236 -24.68 -21.22 -15.84
N ASN D 237 -25.72 -20.54 -15.34
CA ASN D 237 -26.29 -20.93 -14.03
C ASN D 237 -27.20 -22.11 -14.31
N GLU D 238 -26.75 -23.34 -14.18
CA GLU D 238 -27.51 -24.50 -14.61
C GLU D 238 -28.61 -24.74 -13.58
N GLY D 239 -28.64 -24.00 -12.48
CA GLY D 239 -29.75 -24.17 -11.55
C GLY D 239 -31.06 -23.84 -12.24
N ASN D 240 -31.11 -23.04 -13.29
CA ASN D 240 -32.24 -22.59 -14.02
C ASN D 240 -32.66 -23.49 -15.21
N TYR D 241 -32.05 -24.62 -15.35
CA TYR D 241 -32.20 -25.54 -16.46
C TYR D 241 -33.67 -25.81 -16.80
N LYS D 242 -34.47 -26.14 -15.80
CA LYS D 242 -35.89 -26.42 -15.96
C LYS D 242 -36.68 -25.17 -16.27
N LEU D 243 -36.00 -24.02 -16.43
CA LEU D 243 -36.70 -22.80 -16.80
C LEU D 243 -36.20 -22.38 -18.17
N TRP D 244 -35.36 -23.12 -18.86
CA TRP D 244 -34.94 -22.65 -20.18
C TRP D 244 -35.79 -23.31 -21.29
N ASP D 245 -35.77 -22.68 -22.45
CA ASP D 245 -36.49 -23.18 -23.60
C ASP D 245 -35.90 -24.54 -23.95
N GLU D 246 -36.70 -25.32 -24.70
CA GLU D 246 -36.43 -26.64 -25.12
C GLU D 246 -35.20 -26.70 -26.02
N ASN D 247 -35.03 -25.68 -26.84
CA ASN D 247 -33.80 -25.62 -27.64
C ASN D 247 -32.51 -25.48 -26.82
N LEU D 248 -32.62 -24.68 -25.78
CA LEU D 248 -31.44 -24.49 -24.91
C LEU D 248 -31.26 -25.76 -24.11
N LYS D 249 -32.27 -26.30 -23.48
CA LYS D 249 -32.06 -27.60 -22.78
C LYS D 249 -31.22 -28.60 -23.56
N LYS D 250 -31.42 -28.91 -24.86
CA LYS D 250 -30.63 -29.93 -25.54
C LYS D 250 -29.19 -29.53 -25.76
N TYR D 251 -28.93 -28.27 -26.15
CA TYR D 251 -27.55 -27.76 -26.22
C TYR D 251 -26.89 -28.06 -24.86
N ILE D 252 -27.49 -27.87 -23.67
CA ILE D 252 -26.83 -28.08 -22.39
C ILE D 252 -26.48 -29.55 -22.21
N ASP D 253 -27.48 -30.38 -22.47
CA ASP D 253 -27.35 -31.83 -22.38
C ASP D 253 -26.35 -32.34 -23.43
N ASP D 254 -26.16 -31.71 -24.59
CA ASP D 254 -25.07 -32.22 -25.46
C ASP D 254 -23.66 -31.94 -24.99
N LEU D 255 -23.39 -30.80 -24.31
CA LEU D 255 -22.04 -30.49 -23.80
C LEU D 255 -21.58 -31.51 -22.79
N LYS D 256 -22.49 -32.23 -22.15
CA LYS D 256 -22.19 -33.27 -21.17
C LYS D 256 -21.80 -34.60 -21.79
N GLU D 257 -21.96 -34.72 -23.12
CA GLU D 257 -21.52 -35.96 -23.76
C GLU D 257 -20.00 -35.94 -23.90
N PRO D 258 -19.36 -36.98 -23.41
CA PRO D 258 -17.92 -37.18 -23.64
C PRO D 258 -17.68 -37.40 -25.13
N GLY D 259 -16.74 -36.75 -25.83
CA GLY D 259 -16.67 -37.13 -27.29
C GLY D 259 -16.09 -38.54 -27.35
N PRO D 260 -15.64 -39.05 -28.50
CA PRO D 260 -14.85 -40.29 -28.59
C PRO D 260 -13.51 -40.17 -27.88
N SER D 261 -13.19 -38.99 -27.35
CA SER D 261 -12.15 -38.49 -26.54
C SER D 261 -12.39 -38.78 -25.06
N GLY D 262 -13.66 -39.04 -24.74
CA GLY D 262 -14.00 -39.38 -23.36
C GLY D 262 -14.03 -38.21 -22.38
N LYS D 263 -14.00 -36.99 -22.87
CA LYS D 263 -14.01 -35.85 -21.96
C LYS D 263 -15.15 -34.90 -22.31
N PRO D 264 -16.08 -34.72 -21.38
CA PRO D 264 -17.23 -33.83 -21.58
C PRO D 264 -16.79 -32.38 -21.43
N TYR D 265 -17.66 -31.42 -21.65
CA TYR D 265 -17.25 -30.03 -21.38
C TYR D 265 -17.00 -29.82 -19.90
N SER D 266 -16.29 -28.74 -19.55
CA SER D 266 -16.06 -28.47 -18.12
C SER D 266 -17.00 -27.34 -17.71
N ALA D 267 -17.73 -27.51 -16.61
CA ALA D 267 -18.60 -26.36 -16.24
C ALA D 267 -17.86 -25.45 -15.23
N ARG D 268 -18.03 -24.15 -15.39
CA ARG D 268 -17.48 -23.21 -14.43
C ARG D 268 -18.45 -22.05 -14.43
N TYR D 269 -18.81 -21.49 -13.31
CA TYR D 269 -19.73 -20.37 -13.24
C TYR D 269 -19.54 -19.73 -11.82
N ILE D 270 -18.86 -18.62 -11.80
CA ILE D 270 -18.56 -17.87 -10.58
C ILE D 270 -19.85 -17.14 -10.12
N GLY D 271 -20.57 -16.55 -11.03
CA GLY D 271 -21.71 -15.76 -10.69
C GLY D 271 -21.34 -14.30 -10.86
N SER D 272 -20.04 -14.09 -11.08
CA SER D 272 -19.59 -12.69 -11.21
C SER D 272 -19.45 -12.53 -12.71
N LEU D 273 -20.18 -11.62 -13.30
CA LEU D 273 -20.10 -11.39 -14.72
C LEU D 273 -18.69 -11.04 -15.16
N VAL D 274 -17.95 -10.17 -14.45
CA VAL D 274 -16.61 -9.82 -14.87
C VAL D 274 -15.70 -11.04 -14.75
N GLY D 275 -15.81 -11.79 -13.66
CA GLY D 275 -14.87 -12.89 -13.46
C GLY D 275 -15.17 -13.99 -14.48
N ASP D 276 -16.40 -14.38 -14.65
CA ASP D 276 -16.77 -15.41 -15.64
C ASP D 276 -16.34 -14.95 -17.03
N PHE D 277 -16.53 -13.69 -17.34
CA PHE D 277 -16.12 -13.21 -18.64
C PHE D 277 -14.62 -13.24 -18.82
N HIS D 278 -13.87 -12.70 -17.86
CA HIS D 278 -12.44 -12.68 -17.92
C HIS D 278 -11.92 -14.10 -18.11
N ARG D 279 -12.31 -15.10 -17.35
CA ARG D 279 -11.82 -16.46 -17.54
C ARG D 279 -12.15 -16.96 -18.98
N THR D 280 -13.34 -16.73 -19.50
CA THR D 280 -13.71 -17.08 -20.88
C THR D 280 -12.78 -16.40 -21.90
N LEU D 281 -12.52 -15.11 -21.69
CA LEU D 281 -11.60 -14.40 -22.59
C LEU D 281 -10.25 -15.08 -22.70
N LEU D 282 -9.72 -15.38 -21.50
CA LEU D 282 -8.39 -15.93 -21.49
C LEU D 282 -8.39 -17.40 -21.93
N TYR D 283 -9.33 -18.22 -21.44
CA TYR D 283 -9.17 -19.64 -21.65
C TYR D 283 -10.12 -20.17 -22.68
N GLY D 284 -10.95 -19.30 -23.29
CA GLY D 284 -11.94 -19.79 -24.20
C GLY D 284 -13.10 -20.46 -23.51
N GLY D 285 -14.13 -20.78 -24.34
CA GLY D 285 -15.32 -21.42 -23.86
C GLY D 285 -16.48 -20.47 -24.18
N ILE D 286 -17.57 -20.73 -23.42
CA ILE D 286 -18.68 -19.82 -23.67
C ILE D 286 -19.29 -19.46 -22.31
N TYR D 287 -19.84 -18.20 -22.30
CA TYR D 287 -20.57 -17.83 -21.06
C TYR D 287 -22.00 -17.54 -21.50
N GLY D 288 -23.03 -18.01 -20.79
CA GLY D 288 -24.35 -17.53 -21.19
C GLY D 288 -25.22 -17.07 -20.04
N TYR D 289 -26.11 -16.10 -20.29
CA TYR D 289 -27.12 -15.62 -19.43
C TYR D 289 -28.40 -15.58 -20.29
N PRO D 290 -29.00 -16.72 -20.43
CA PRO D 290 -30.15 -16.85 -21.32
C PRO D 290 -31.45 -16.27 -20.86
N ARG D 291 -32.47 -16.21 -21.74
CA ARG D 291 -33.80 -15.84 -21.22
C ARG D 291 -34.40 -17.07 -20.56
N ASP D 292 -35.36 -16.90 -19.66
CA ASP D 292 -35.95 -18.04 -18.96
C ASP D 292 -37.39 -17.61 -18.64
N LYS D 293 -38.14 -18.50 -18.00
CA LYS D 293 -39.55 -18.23 -17.69
C LYS D 293 -39.76 -16.99 -16.88
N LYS D 294 -38.82 -16.77 -15.95
CA LYS D 294 -38.79 -15.62 -15.08
C LYS D 294 -38.24 -14.37 -15.74
N SER D 295 -37.08 -14.49 -16.38
CA SER D 295 -36.45 -13.37 -17.08
C SER D 295 -36.64 -13.51 -18.58
N LYS D 296 -37.79 -13.08 -19.03
CA LYS D 296 -38.23 -13.24 -20.43
C LYS D 296 -37.27 -12.76 -21.48
N ASN D 297 -36.55 -11.70 -21.20
CA ASN D 297 -35.56 -11.09 -22.02
C ASN D 297 -34.15 -11.15 -21.39
N GLY D 298 -33.90 -12.09 -20.51
CA GLY D 298 -32.54 -12.18 -19.96
C GLY D 298 -32.42 -11.24 -18.76
N LYS D 299 -31.20 -11.17 -18.22
CA LYS D 299 -31.05 -10.36 -17.00
C LYS D 299 -30.07 -9.23 -17.25
N LEU D 300 -28.99 -9.53 -17.99
CA LEU D 300 -27.99 -8.50 -18.24
C LEU D 300 -28.57 -7.36 -19.04
N ARG D 301 -28.09 -6.15 -18.88
CA ARG D 301 -28.55 -5.01 -19.61
C ARG D 301 -27.65 -4.69 -20.78
N LEU D 302 -28.27 -4.48 -21.91
CA LEU D 302 -27.65 -4.24 -23.19
C LEU D 302 -26.59 -3.16 -23.18
N LEU D 303 -27.04 -1.94 -22.89
CA LEU D 303 -26.04 -0.89 -22.95
C LEU D 303 -25.03 -0.97 -21.77
N TYR D 304 -25.43 -1.18 -20.53
CA TYR D 304 -24.46 -1.12 -19.40
C TYR D 304 -23.53 -2.28 -19.26
N GLU D 305 -24.01 -3.49 -19.56
CA GLU D 305 -23.19 -4.67 -19.40
C GLU D 305 -22.87 -5.36 -20.72
N CYS D 306 -23.87 -5.63 -21.54
CA CYS D 306 -23.62 -6.45 -22.75
C CYS D 306 -22.80 -5.78 -23.80
N ALA D 307 -23.01 -4.52 -24.06
CA ALA D 307 -22.37 -3.82 -25.16
C ALA D 307 -20.86 -3.74 -25.01
N PRO D 308 -20.37 -3.17 -23.91
CA PRO D 308 -18.95 -3.06 -23.63
C PRO D 308 -18.31 -4.43 -23.67
N MET D 309 -18.94 -5.47 -23.07
CA MET D 309 -18.27 -6.75 -23.09
C MET D 309 -18.20 -7.34 -24.54
N SER D 310 -19.16 -7.07 -25.41
CA SER D 310 -19.33 -7.55 -26.74
C SER D 310 -18.26 -6.86 -27.62
N PHE D 311 -18.14 -5.58 -27.39
CA PHE D 311 -17.01 -4.87 -28.03
C PHE D 311 -15.65 -5.48 -27.72
N ILE D 312 -15.38 -5.73 -26.43
CA ILE D 312 -14.10 -6.39 -26.06
C ILE D 312 -13.94 -7.74 -26.71
N VAL D 313 -14.97 -8.58 -26.60
CA VAL D 313 -14.83 -9.93 -27.08
C VAL D 313 -14.53 -9.89 -28.60
N GLU D 314 -15.13 -9.02 -29.35
CA GLU D 314 -15.01 -8.87 -30.78
C GLU D 314 -13.57 -8.49 -31.12
N GLN D 315 -12.98 -7.54 -30.37
CA GLN D 315 -11.63 -7.11 -30.50
C GLN D 315 -10.67 -8.24 -30.18
N ALA D 316 -11.08 -9.25 -29.41
CA ALA D 316 -10.22 -10.35 -29.08
C ALA D 316 -10.43 -11.54 -30.03
N GLY D 317 -11.29 -11.41 -31.01
CA GLY D 317 -11.53 -12.43 -32.00
C GLY D 317 -12.65 -13.36 -31.62
N GLY D 318 -13.59 -12.90 -30.78
CA GLY D 318 -14.63 -13.93 -30.36
C GLY D 318 -15.99 -13.42 -30.80
N LYS D 319 -17.09 -13.96 -30.23
CA LYS D 319 -18.39 -13.44 -30.61
C LYS D 319 -19.30 -13.09 -29.42
N GLY D 320 -20.09 -12.05 -29.60
CA GLY D 320 -21.06 -11.59 -28.66
C GLY D 320 -22.48 -11.65 -29.25
N SER D 321 -23.26 -12.67 -28.92
CA SER D 321 -24.60 -12.69 -29.53
C SER D 321 -25.76 -12.75 -28.56
N ASP D 322 -26.99 -12.47 -29.05
CA ASP D 322 -28.13 -12.62 -28.12
C ASP D 322 -28.74 -14.00 -28.37
N GLY D 323 -28.05 -14.91 -29.07
CA GLY D 323 -28.61 -16.24 -29.30
C GLY D 323 -29.06 -16.27 -30.77
N HIS D 324 -29.34 -15.15 -31.44
CA HIS D 324 -29.77 -15.06 -32.82
C HIS D 324 -29.14 -13.94 -33.65
N GLN D 325 -28.72 -12.89 -32.99
CA GLN D 325 -28.11 -11.74 -33.62
C GLN D 325 -26.90 -11.17 -32.87
N ARG D 326 -26.05 -10.42 -33.54
CA ARG D 326 -24.91 -9.77 -32.93
C ARG D 326 -25.39 -8.70 -31.94
N VAL D 327 -24.83 -8.79 -30.76
CA VAL D 327 -25.27 -7.86 -29.72
C VAL D 327 -25.12 -6.46 -30.17
N LEU D 328 -23.93 -6.14 -30.73
CA LEU D 328 -23.65 -4.72 -31.01
C LEU D 328 -24.46 -4.19 -32.19
N ASP D 329 -25.26 -5.02 -32.83
CA ASP D 329 -26.18 -4.62 -33.88
C ASP D 329 -27.48 -4.14 -33.21
N ILE D 330 -27.81 -4.56 -32.00
CA ILE D 330 -29.08 -4.19 -31.40
C ILE D 330 -29.07 -2.77 -30.87
N GLN D 331 -30.05 -1.99 -31.28
CA GLN D 331 -30.02 -0.58 -30.87
C GLN D 331 -30.90 -0.47 -29.64
N PRO D 332 -30.33 0.19 -28.63
CA PRO D 332 -31.05 0.36 -27.37
C PRO D 332 -32.18 1.37 -27.51
N THR D 333 -33.32 0.98 -26.96
CA THR D 333 -34.49 1.86 -27.06
C THR D 333 -35.04 2.16 -25.68
N GLU D 334 -34.85 1.20 -24.77
CA GLU D 334 -35.46 1.39 -23.45
C GLU D 334 -34.39 1.74 -22.43
N ILE D 335 -34.73 2.26 -21.27
CA ILE D 335 -33.70 2.69 -20.34
C ILE D 335 -32.87 1.54 -19.78
N HIS D 336 -33.52 0.55 -19.22
CA HIS D 336 -33.03 -0.64 -18.66
C HIS D 336 -33.22 -1.85 -19.59
N GLN D 337 -33.05 -1.65 -20.89
CA GLN D 337 -33.23 -2.86 -21.75
C GLN D 337 -32.33 -4.04 -21.39
N ARG D 338 -32.90 -5.21 -21.22
CA ARG D 338 -32.26 -6.50 -21.03
C ARG D 338 -32.17 -7.32 -22.30
N VAL D 339 -31.19 -8.20 -22.42
CA VAL D 339 -31.01 -9.04 -23.62
C VAL D 339 -30.40 -10.34 -23.13
N PRO D 340 -30.70 -11.45 -23.74
CA PRO D 340 -30.03 -12.70 -23.39
C PRO D 340 -28.60 -12.53 -23.91
N LEU D 341 -27.58 -13.13 -23.26
CA LEU D 341 -26.22 -12.99 -23.76
C LEU D 341 -25.54 -14.33 -23.87
N TYR D 342 -24.84 -14.63 -24.95
CA TYR D 342 -24.07 -15.83 -25.28
C TYR D 342 -22.77 -15.21 -25.84
N ILE D 343 -21.64 -15.37 -25.12
CA ILE D 343 -20.43 -14.68 -25.62
C ILE D 343 -19.23 -15.55 -25.32
N GLY D 344 -18.16 -15.29 -26.11
CA GLY D 344 -16.98 -16.13 -25.85
C GLY D 344 -16.45 -16.57 -27.27
N SER D 345 -15.82 -17.73 -27.29
CA SER D 345 -15.13 -18.35 -28.41
C SER D 345 -16.06 -18.49 -29.60
N THR D 346 -15.77 -17.87 -30.72
CA THR D 346 -16.64 -17.89 -31.88
C THR D 346 -17.34 -19.20 -32.23
N GLU D 347 -16.68 -20.36 -32.12
CA GLU D 347 -17.16 -21.65 -32.51
C GLU D 347 -18.18 -22.08 -31.54
N GLU D 348 -17.88 -21.76 -30.26
CA GLU D 348 -18.80 -22.20 -29.18
C GLU D 348 -20.10 -21.44 -29.30
N VAL D 349 -19.93 -20.15 -29.63
CA VAL D 349 -21.13 -19.29 -29.72
C VAL D 349 -21.96 -19.67 -30.95
N GLU D 350 -21.31 -19.99 -32.05
CA GLU D 350 -21.97 -20.40 -33.29
C GLU D 350 -22.68 -21.72 -33.06
N LYS D 351 -21.99 -22.58 -32.33
CA LYS D 351 -22.58 -23.86 -31.95
C LYS D 351 -23.88 -23.64 -31.20
N VAL D 352 -24.06 -22.69 -30.26
CA VAL D 352 -25.27 -22.48 -29.51
C VAL D 352 -26.33 -21.84 -30.41
N GLU D 353 -25.79 -21.00 -31.34
CA GLU D 353 -26.73 -20.33 -32.26
C GLU D 353 -27.48 -21.35 -33.14
N LYS D 354 -26.73 -22.40 -33.49
CA LYS D 354 -27.21 -23.51 -34.29
C LYS D 354 -28.36 -24.22 -33.59
N TYR D 355 -28.27 -24.43 -32.27
CA TYR D 355 -29.33 -25.08 -31.54
C TYR D 355 -30.49 -24.12 -31.26
N LEU D 356 -30.34 -22.81 -31.46
CA LEU D 356 -31.42 -21.92 -31.05
C LEU D 356 -32.27 -21.53 -32.24
N ALA D 357 -31.71 -21.73 -33.41
CA ALA D 357 -32.32 -21.37 -34.69
C ALA D 357 -33.58 -22.25 -34.83
#